data_4UOT
# 
_entry.id   4UOT 
# 
_audit_conform.dict_name       mmcif_pdbx.dic 
_audit_conform.dict_version    5.398 
_audit_conform.dict_location   http://mmcif.pdb.org/dictionaries/ascii/mmcif_pdbx.dic 
# 
loop_
_database_2.database_id 
_database_2.database_code 
_database_2.pdbx_database_accession 
_database_2.pdbx_DOI 
PDB   4UOT         pdb_00004uot 10.2210/pdb4uot/pdb 
PDBE  EBI-60905    ?            ?                   
WWPDB D_1290060905 ?            ?                   
# 
loop_
_pdbx_audit_revision_history.ordinal 
_pdbx_audit_revision_history.data_content_type 
_pdbx_audit_revision_history.major_revision 
_pdbx_audit_revision_history.minor_revision 
_pdbx_audit_revision_history.revision_date 
1 'Structure model' 1 0 2014-11-05 
2 'Structure model' 1 1 2014-11-19 
3 'Structure model' 1 2 2024-05-01 
4 'Structure model' 1 3 2024-11-13 
# 
_pdbx_audit_revision_details.ordinal             1 
_pdbx_audit_revision_details.revision_ordinal    1 
_pdbx_audit_revision_details.data_content_type   'Structure model' 
_pdbx_audit_revision_details.provider            repository 
_pdbx_audit_revision_details.type                'Initial release' 
_pdbx_audit_revision_details.description         ? 
_pdbx_audit_revision_details.details             ? 
# 
loop_
_pdbx_audit_revision_group.ordinal 
_pdbx_audit_revision_group.revision_ordinal 
_pdbx_audit_revision_group.data_content_type 
_pdbx_audit_revision_group.group 
1 2 'Structure model' 'Database references'    
2 3 'Structure model' 'Data collection'        
3 3 'Structure model' 'Database references'    
4 3 'Structure model' 'Derived calculations'   
5 3 'Structure model' Other                    
6 3 'Structure model' 'Refinement description' 
7 4 'Structure model' 'Structure summary'      
# 
loop_
_pdbx_audit_revision_category.ordinal 
_pdbx_audit_revision_category.revision_ordinal 
_pdbx_audit_revision_category.data_content_type 
_pdbx_audit_revision_category.category 
1 3 'Structure model' chem_comp_atom                
2 3 'Structure model' chem_comp_bond                
3 3 'Structure model' database_2                    
4 3 'Structure model' pdbx_database_status          
5 3 'Structure model' pdbx_initial_refinement_model 
6 3 'Structure model' struct_conn                   
7 4 'Structure model' pdbx_entry_details            
8 4 'Structure model' pdbx_modification_feature     
# 
loop_
_pdbx_audit_revision_item.ordinal 
_pdbx_audit_revision_item.revision_ordinal 
_pdbx_audit_revision_item.data_content_type 
_pdbx_audit_revision_item.item 
1 3 'Structure model' '_database_2.pdbx_DOI'                         
2 3 'Structure model' '_database_2.pdbx_database_accession'          
3 3 'Structure model' '_pdbx_database_status.status_code_sf'         
4 3 'Structure model' '_struct_conn.pdbx_leaving_atom_flag'          
5 4 'Structure model' '_pdbx_entry_details.has_protein_modification' 
# 
_pdbx_database_status.status_code                     REL 
_pdbx_database_status.entry_id                        4UOT 
_pdbx_database_status.deposit_site                    PDBE 
_pdbx_database_status.process_site                    PDBE 
_pdbx_database_status.SG_entry                        . 
_pdbx_database_status.recvd_initial_deposition_date   2014-06-09 
_pdbx_database_status.pdb_format_compatible           Y 
_pdbx_database_status.status_code_sf                  REL 
_pdbx_database_status.status_code_mr                  ? 
_pdbx_database_status.status_code_cs                  ? 
_pdbx_database_status.methods_development_category    ? 
_pdbx_database_status.status_code_nmr_data            ? 
# 
_pdbx_database_related.db_name        PDB 
_pdbx_database_related.db_id          4UOS 
_pdbx_database_related.content_type   unspecified 
_pdbx_database_related.details        'THERMODYNAMIC HYPERSTABILITY IN PARAMETRICALLY DESIGNED HELICAL BUNDLES' 
# 
loop_
_audit_author.name 
_audit_author.pdbx_ordinal 
'Oberdorfer, G.' 1  
'Huang, P.'      2  
'Pei, X.Y.'      3  
'Xu, C.'         4  
'Gonen, T.'      5  
'Nannenga, B.'   6  
'DiMaio, D.'     7  
'Rogers, J.'     8  
'Luisi, B.F.'    9  
'Baker, D.'      10 
# 
_citation.id                        primary 
_citation.title                     'High Thermodynamic Stability of Parametrically Designed Helical Bundles' 
_citation.journal_abbrev            Science 
_citation.journal_volume            346 
_citation.page_first                481 
_citation.page_last                 ? 
_citation.year                      2014 
_citation.journal_id_ASTM           SCIEAS 
_citation.country                   US 
_citation.journal_id_ISSN           0036-8075 
_citation.journal_id_CSD            0038 
_citation.book_publisher            ? 
_citation.pdbx_database_id_PubMed   25342806 
_citation.pdbx_database_id_DOI      10.1126/SCIENCE.1257481 
# 
loop_
_citation_author.citation_id 
_citation_author.name 
_citation_author.ordinal 
_citation_author.identifier_ORCID 
primary 'Huang, P.'      1  ? 
primary 'Oberdorfer, G.' 2  ? 
primary 'Xu, C.'         3  ? 
primary 'Pei, X.Y.'      4  ? 
primary 'Nannenga, B.L.' 5  ? 
primary 'Rogers, J.M.'   6  ? 
primary 'Dimaio, F.'     7  ? 
primary 'Gonen, T.'      8  ? 
primary 'Luisi, B.'      9  ? 
primary 'Baker, D.'      10 ? 
# 
loop_
_entity.id 
_entity.type 
_entity.src_method 
_entity.pdbx_description 
_entity.formula_weight 
_entity.pdbx_number_of_molecules 
_entity.pdbx_ec 
_entity.pdbx_mutation 
_entity.pdbx_fragment 
_entity.details 
1 polymer syn 'DESIGNED HELICAL BUNDLE 5H2L' 4136.095 5   ? ? ? ? 
2 water   nat water                          18.015   337 ? ? ? ? 
# 
_entity_poly.entity_id                      1 
_entity_poly.type                           'polypeptide(L)' 
_entity_poly.nstd_linkage                   no 
_entity_poly.nstd_monomer                   yes 
_entity_poly.pdbx_seq_one_letter_code       '(ACE)TQEYLLKEIMKLLKEQIKLLKEQIKMLKELEKQ' 
_entity_poly.pdbx_seq_one_letter_code_can   XTQEYLLKEIMKLLKEQIKLLKEQIKMLKELEKQ 
_entity_poly.pdbx_strand_id                 A,B,C,D,E 
_entity_poly.pdbx_target_identifier         ? 
# 
_pdbx_entity_nonpoly.entity_id   2 
_pdbx_entity_nonpoly.name        water 
_pdbx_entity_nonpoly.comp_id     HOH 
# 
loop_
_entity_poly_seq.entity_id 
_entity_poly_seq.num 
_entity_poly_seq.mon_id 
_entity_poly_seq.hetero 
1 1  ACE n 
1 2  THR n 
1 3  GLN n 
1 4  GLU n 
1 5  TYR n 
1 6  LEU n 
1 7  LEU n 
1 8  LYS n 
1 9  GLU n 
1 10 ILE n 
1 11 MET n 
1 12 LYS n 
1 13 LEU n 
1 14 LEU n 
1 15 LYS n 
1 16 GLU n 
1 17 GLN n 
1 18 ILE n 
1 19 LYS n 
1 20 LEU n 
1 21 LEU n 
1 22 LYS n 
1 23 GLU n 
1 24 GLN n 
1 25 ILE n 
1 26 LYS n 
1 27 MET n 
1 28 LEU n 
1 29 LYS n 
1 30 GLU n 
1 31 LEU n 
1 32 GLU n 
1 33 LYS n 
1 34 GLN n 
# 
_pdbx_entity_src_syn.entity_id              1 
_pdbx_entity_src_syn.pdbx_src_id            1 
_pdbx_entity_src_syn.pdbx_alt_source_flag   sample 
_pdbx_entity_src_syn.pdbx_beg_seq_num       ? 
_pdbx_entity_src_syn.pdbx_end_seq_num       ? 
_pdbx_entity_src_syn.organism_scientific    'SYNTHETIC CONSTRUCT' 
_pdbx_entity_src_syn.organism_common_name   ? 
_pdbx_entity_src_syn.ncbi_taxonomy_id       32630 
_pdbx_entity_src_syn.details                ? 
# 
loop_
_chem_comp.id 
_chem_comp.type 
_chem_comp.mon_nstd_flag 
_chem_comp.name 
_chem_comp.pdbx_synonyms 
_chem_comp.formula 
_chem_comp.formula_weight 
ACE non-polymer         . 'ACETYL GROUP'  ? 'C2 H4 O'        44.053  
GLN 'L-peptide linking' y GLUTAMINE       ? 'C5 H10 N2 O3'   146.144 
GLU 'L-peptide linking' y 'GLUTAMIC ACID' ? 'C5 H9 N O4'     147.129 
HOH non-polymer         . WATER           ? 'H2 O'           18.015  
ILE 'L-peptide linking' y ISOLEUCINE      ? 'C6 H13 N O2'    131.173 
LEU 'L-peptide linking' y LEUCINE         ? 'C6 H13 N O2'    131.173 
LYS 'L-peptide linking' y LYSINE          ? 'C6 H15 N2 O2 1' 147.195 
MET 'L-peptide linking' y METHIONINE      ? 'C5 H11 N O2 S'  149.211 
THR 'L-peptide linking' y THREONINE       ? 'C4 H9 N O3'     119.119 
TYR 'L-peptide linking' y TYROSINE        ? 'C9 H11 N O3'    181.189 
# 
loop_
_pdbx_poly_seq_scheme.asym_id 
_pdbx_poly_seq_scheme.entity_id 
_pdbx_poly_seq_scheme.seq_id 
_pdbx_poly_seq_scheme.mon_id 
_pdbx_poly_seq_scheme.ndb_seq_num 
_pdbx_poly_seq_scheme.pdb_seq_num 
_pdbx_poly_seq_scheme.auth_seq_num 
_pdbx_poly_seq_scheme.pdb_mon_id 
_pdbx_poly_seq_scheme.auth_mon_id 
_pdbx_poly_seq_scheme.pdb_strand_id 
_pdbx_poly_seq_scheme.pdb_ins_code 
_pdbx_poly_seq_scheme.hetero 
A 1 1  ACE 1  0  0  ACE ACE A . n 
A 1 2  THR 2  1  1  THR THR A . n 
A 1 3  GLN 3  2  2  GLN GLN A . n 
A 1 4  GLU 4  3  3  GLU GLU A . n 
A 1 5  TYR 5  4  4  TYR TYR A . n 
A 1 6  LEU 6  5  5  LEU LEU A . n 
A 1 7  LEU 7  6  6  LEU LEU A . n 
A 1 8  LYS 8  7  7  LYS LYS A . n 
A 1 9  GLU 9  8  8  GLU GLU A . n 
A 1 10 ILE 10 9  9  ILE ILE A . n 
A 1 11 MET 11 10 10 MET MET A . n 
A 1 12 LYS 12 11 11 LYS LYS A . n 
A 1 13 LEU 13 12 12 LEU LEU A . n 
A 1 14 LEU 14 13 13 LEU LEU A . n 
A 1 15 LYS 15 14 14 LYS LYS A . n 
A 1 16 GLU 16 15 15 GLU GLU A . n 
A 1 17 GLN 17 16 16 GLN GLN A . n 
A 1 18 ILE 18 17 17 ILE ILE A . n 
A 1 19 LYS 19 18 18 LYS LYS A . n 
A 1 20 LEU 20 19 19 LEU LEU A . n 
A 1 21 LEU 21 20 20 LEU LEU A . n 
A 1 22 LYS 22 21 21 LYS LYS A . n 
A 1 23 GLU 23 22 22 GLU GLU A . n 
A 1 24 GLN 24 23 23 GLN GLN A . n 
A 1 25 ILE 25 24 24 ILE ILE A . n 
A 1 26 LYS 26 25 25 LYS LYS A . n 
A 1 27 MET 27 26 26 MET MET A . n 
A 1 28 LEU 28 27 27 LEU LEU A . n 
A 1 29 LYS 29 28 28 LYS LYS A . n 
A 1 30 GLU 30 29 29 GLU GLU A . n 
A 1 31 LEU 31 30 30 LEU LEU A . n 
A 1 32 GLU 32 31 31 GLU GLU A . n 
A 1 33 LYS 33 32 32 LYS LYS A . n 
A 1 34 GLN 34 33 33 GLN GLN A . n 
B 1 1  ACE 1  0  0  ACE ACE B . n 
B 1 2  THR 2  1  1  THR THR B . n 
B 1 3  GLN 3  2  2  GLN GLN B . n 
B 1 4  GLU 4  3  3  GLU GLU B . n 
B 1 5  TYR 5  4  4  TYR TYR B . n 
B 1 6  LEU 6  5  5  LEU LEU B . n 
B 1 7  LEU 7  6  6  LEU LEU B . n 
B 1 8  LYS 8  7  7  LYS LYS B . n 
B 1 9  GLU 9  8  8  GLU GLU B . n 
B 1 10 ILE 10 9  9  ILE ILE B . n 
B 1 11 MET 11 10 10 MET MET B . n 
B 1 12 LYS 12 11 11 LYS LYS B . n 
B 1 13 LEU 13 12 12 LEU LEU B . n 
B 1 14 LEU 14 13 13 LEU LEU B . n 
B 1 15 LYS 15 14 14 LYS LYS B . n 
B 1 16 GLU 16 15 15 GLU GLU B . n 
B 1 17 GLN 17 16 16 GLN GLN B . n 
B 1 18 ILE 18 17 17 ILE ILE B . n 
B 1 19 LYS 19 18 18 LYS LYS B . n 
B 1 20 LEU 20 19 19 LEU LEU B . n 
B 1 21 LEU 21 20 20 LEU LEU B . n 
B 1 22 LYS 22 21 21 LYS LYS B . n 
B 1 23 GLU 23 22 22 GLU GLU B . n 
B 1 24 GLN 24 23 23 GLN GLN B . n 
B 1 25 ILE 25 24 24 ILE ILE B . n 
B 1 26 LYS 26 25 25 LYS LYS B . n 
B 1 27 MET 27 26 26 MET MET B . n 
B 1 28 LEU 28 27 27 LEU LEU B . n 
B 1 29 LYS 29 28 28 LYS LYS B . n 
B 1 30 GLU 30 29 29 GLU GLU B . n 
B 1 31 LEU 31 30 30 LEU LEU B . n 
B 1 32 GLU 32 31 31 GLU GLU B . n 
B 1 33 LYS 33 32 32 LYS LYS B . n 
B 1 34 GLN 34 33 33 GLN GLN B . n 
C 1 1  ACE 1  0  0  ACE ACE C . n 
C 1 2  THR 2  1  1  THR THR C . n 
C 1 3  GLN 3  2  2  GLN GLN C . n 
C 1 4  GLU 4  3  3  GLU GLU C . n 
C 1 5  TYR 5  4  4  TYR TYR C . n 
C 1 6  LEU 6  5  5  LEU LEU C . n 
C 1 7  LEU 7  6  6  LEU LEU C . n 
C 1 8  LYS 8  7  7  LYS LYS C . n 
C 1 9  GLU 9  8  8  GLU GLU C . n 
C 1 10 ILE 10 9  9  ILE ILE C . n 
C 1 11 MET 11 10 10 MET MET C . n 
C 1 12 LYS 12 11 11 LYS LYS C . n 
C 1 13 LEU 13 12 12 LEU LEU C . n 
C 1 14 LEU 14 13 13 LEU LEU C . n 
C 1 15 LYS 15 14 14 LYS LYS C . n 
C 1 16 GLU 16 15 15 GLU GLU C . n 
C 1 17 GLN 17 16 16 GLN GLN C . n 
C 1 18 ILE 18 17 17 ILE ILE C . n 
C 1 19 LYS 19 18 18 LYS LYS C . n 
C 1 20 LEU 20 19 19 LEU LEU C . n 
C 1 21 LEU 21 20 20 LEU LEU C . n 
C 1 22 LYS 22 21 21 LYS LYS C . n 
C 1 23 GLU 23 22 22 GLU GLU C . n 
C 1 24 GLN 24 23 23 GLN GLN C . n 
C 1 25 ILE 25 24 24 ILE ILE C . n 
C 1 26 LYS 26 25 25 LYS LYS C . n 
C 1 27 MET 27 26 26 MET MET C . n 
C 1 28 LEU 28 27 27 LEU LEU C . n 
C 1 29 LYS 29 28 28 LYS LYS C . n 
C 1 30 GLU 30 29 29 GLU GLU C . n 
C 1 31 LEU 31 30 30 LEU LEU C . n 
C 1 32 GLU 32 31 31 GLU GLU C . n 
C 1 33 LYS 33 32 32 LYS LYS C . n 
C 1 34 GLN 34 33 33 GLN GLN C . n 
D 1 1  ACE 1  0  0  ACE ACE D . n 
D 1 2  THR 2  1  1  THR THR D . n 
D 1 3  GLN 3  2  2  GLN GLN D . n 
D 1 4  GLU 4  3  3  GLU GLU D . n 
D 1 5  TYR 5  4  4  TYR TYR D . n 
D 1 6  LEU 6  5  5  LEU LEU D . n 
D 1 7  LEU 7  6  6  LEU LEU D . n 
D 1 8  LYS 8  7  7  LYS LYS D . n 
D 1 9  GLU 9  8  8  GLU GLU D . n 
D 1 10 ILE 10 9  9  ILE ILE D . n 
D 1 11 MET 11 10 10 MET MET D . n 
D 1 12 LYS 12 11 11 LYS LYS D . n 
D 1 13 LEU 13 12 12 LEU LEU D . n 
D 1 14 LEU 14 13 13 LEU LEU D . n 
D 1 15 LYS 15 14 14 LYS LYS D . n 
D 1 16 GLU 16 15 15 GLU GLU D . n 
D 1 17 GLN 17 16 16 GLN GLN D . n 
D 1 18 ILE 18 17 17 ILE ILE D . n 
D 1 19 LYS 19 18 18 LYS LYS D . n 
D 1 20 LEU 20 19 19 LEU LEU D . n 
D 1 21 LEU 21 20 20 LEU LEU D . n 
D 1 22 LYS 22 21 21 LYS LYS D . n 
D 1 23 GLU 23 22 22 GLU GLU D . n 
D 1 24 GLN 24 23 23 GLN GLN D . n 
D 1 25 ILE 25 24 24 ILE ILE D . n 
D 1 26 LYS 26 25 25 LYS LYS D . n 
D 1 27 MET 27 26 26 MET MET D . n 
D 1 28 LEU 28 27 27 LEU LEU D . n 
D 1 29 LYS 29 28 28 LYS LYS D . n 
D 1 30 GLU 30 29 29 GLU GLU D . n 
D 1 31 LEU 31 30 30 LEU LEU D . n 
D 1 32 GLU 32 31 31 GLU GLU D . n 
D 1 33 LYS 33 32 32 LYS LYS D . n 
D 1 34 GLN 34 33 33 GLN GLN D . n 
E 1 1  ACE 1  0  0  ACE ACE E . n 
E 1 2  THR 2  1  1  THR THR E . n 
E 1 3  GLN 3  2  2  GLN GLN E . n 
E 1 4  GLU 4  3  3  GLU GLU E . n 
E 1 5  TYR 5  4  4  TYR TYR E . n 
E 1 6  LEU 6  5  5  LEU LEU E . n 
E 1 7  LEU 7  6  6  LEU LEU E . n 
E 1 8  LYS 8  7  7  LYS LYS E . n 
E 1 9  GLU 9  8  8  GLU GLU E . n 
E 1 10 ILE 10 9  9  ILE ILE E . n 
E 1 11 MET 11 10 10 MET MET E . n 
E 1 12 LYS 12 11 11 LYS LYS E . n 
E 1 13 LEU 13 12 12 LEU LEU E . n 
E 1 14 LEU 14 13 13 LEU LEU E . n 
E 1 15 LYS 15 14 14 LYS LYS E . n 
E 1 16 GLU 16 15 15 GLU GLU E . n 
E 1 17 GLN 17 16 16 GLN GLN E . n 
E 1 18 ILE 18 17 17 ILE ILE E . n 
E 1 19 LYS 19 18 18 LYS LYS E . n 
E 1 20 LEU 20 19 19 LEU LEU E . n 
E 1 21 LEU 21 20 20 LEU LEU E . n 
E 1 22 LYS 22 21 21 LYS LYS E . n 
E 1 23 GLU 23 22 22 GLU GLU E . n 
E 1 24 GLN 24 23 23 GLN GLN E . n 
E 1 25 ILE 25 24 24 ILE ILE E . n 
E 1 26 LYS 26 25 25 LYS LYS E . n 
E 1 27 MET 27 26 26 MET MET E . n 
E 1 28 LEU 28 27 27 LEU LEU E . n 
E 1 29 LYS 29 28 28 LYS LYS E . n 
E 1 30 GLU 30 29 29 GLU GLU E . n 
E 1 31 LEU 31 30 30 LEU LEU E . n 
E 1 32 GLU 32 31 31 GLU GLU E . n 
E 1 33 LYS 33 32 32 LYS LYS E . n 
E 1 34 GLN 34 33 33 GLN GLN E . n 
# 
loop_
_pdbx_nonpoly_scheme.asym_id 
_pdbx_nonpoly_scheme.entity_id 
_pdbx_nonpoly_scheme.mon_id 
_pdbx_nonpoly_scheme.ndb_seq_num 
_pdbx_nonpoly_scheme.pdb_seq_num 
_pdbx_nonpoly_scheme.auth_seq_num 
_pdbx_nonpoly_scheme.pdb_mon_id 
_pdbx_nonpoly_scheme.auth_mon_id 
_pdbx_nonpoly_scheme.pdb_strand_id 
_pdbx_nonpoly_scheme.pdb_ins_code 
F 2 HOH 1  2001 2001 HOH HOH A . 
F 2 HOH 2  2002 2002 HOH HOH A . 
F 2 HOH 3  2003 2003 HOH HOH A . 
F 2 HOH 4  2004 2004 HOH HOH A . 
F 2 HOH 5  2005 2005 HOH HOH A . 
F 2 HOH 6  2006 2006 HOH HOH A . 
F 2 HOH 7  2007 2007 HOH HOH A . 
F 2 HOH 8  2008 2008 HOH HOH A . 
F 2 HOH 9  2009 2009 HOH HOH A . 
F 2 HOH 10 2010 2010 HOH HOH A . 
F 2 HOH 11 2011 2011 HOH HOH A . 
F 2 HOH 12 2012 2012 HOH HOH A . 
F 2 HOH 13 2013 2013 HOH HOH A . 
F 2 HOH 14 2014 2014 HOH HOH A . 
F 2 HOH 15 2015 2015 HOH HOH A . 
F 2 HOH 16 2016 2016 HOH HOH A . 
F 2 HOH 17 2017 2017 HOH HOH A . 
F 2 HOH 18 2018 2018 HOH HOH A . 
F 2 HOH 19 2019 2019 HOH HOH A . 
F 2 HOH 20 2020 2020 HOH HOH A . 
F 2 HOH 21 2021 2021 HOH HOH A . 
F 2 HOH 22 2022 2022 HOH HOH A . 
F 2 HOH 23 2023 2023 HOH HOH A . 
F 2 HOH 24 2024 2024 HOH HOH A . 
F 2 HOH 25 2025 2025 HOH HOH A . 
F 2 HOH 26 2026 2026 HOH HOH A . 
F 2 HOH 27 2027 2027 HOH HOH A . 
F 2 HOH 28 2028 2028 HOH HOH A . 
F 2 HOH 29 2029 2029 HOH HOH A . 
F 2 HOH 30 2030 2030 HOH HOH A . 
F 2 HOH 31 2031 2031 HOH HOH A . 
F 2 HOH 32 2032 2032 HOH HOH A . 
F 2 HOH 33 2033 2033 HOH HOH A . 
F 2 HOH 34 2034 2034 HOH HOH A . 
F 2 HOH 35 2035 2035 HOH HOH A . 
F 2 HOH 36 2036 2036 HOH HOH A . 
F 2 HOH 37 2037 2037 HOH HOH A . 
F 2 HOH 38 2038 2038 HOH HOH A . 
F 2 HOH 39 2039 2039 HOH HOH A . 
F 2 HOH 40 2040 2040 HOH HOH A . 
F 2 HOH 41 2041 2041 HOH HOH A . 
F 2 HOH 42 2042 2042 HOH HOH A . 
F 2 HOH 43 2043 2043 HOH HOH A . 
F 2 HOH 44 2044 2044 HOH HOH A . 
F 2 HOH 45 2045 2045 HOH HOH A . 
F 2 HOH 46 2046 2046 HOH HOH A . 
F 2 HOH 47 2047 2047 HOH HOH A . 
F 2 HOH 48 2048 2048 HOH HOH A . 
F 2 HOH 49 2049 2049 HOH HOH A . 
F 2 HOH 50 2050 2050 HOH HOH A . 
F 2 HOH 51 2051 2051 HOH HOH A . 
F 2 HOH 52 2052 2052 HOH HOH A . 
F 2 HOH 53 2053 2053 HOH HOH A . 
F 2 HOH 54 2054 2054 HOH HOH A . 
F 2 HOH 55 2055 2055 HOH HOH A . 
F 2 HOH 56 2056 2056 HOH HOH A . 
F 2 HOH 57 2057 2057 HOH HOH A . 
F 2 HOH 58 2058 2058 HOH HOH A . 
F 2 HOH 59 2059 2059 HOH HOH A . 
F 2 HOH 60 2060 2060 HOH HOH A . 
F 2 HOH 61 2061 2061 HOH HOH A . 
F 2 HOH 62 2062 2062 HOH HOH A . 
F 2 HOH 63 2063 2063 HOH HOH A . 
F 2 HOH 64 2064 2064 HOH HOH A . 
F 2 HOH 65 2065 2065 HOH HOH A . 
F 2 HOH 66 2066 2066 HOH HOH A . 
F 2 HOH 67 2067 2067 HOH HOH A . 
F 2 HOH 68 2068 2068 HOH HOH A . 
F 2 HOH 69 2069 2069 HOH HOH A . 
F 2 HOH 70 2070 2070 HOH HOH A . 
F 2 HOH 71 2071 2071 HOH HOH A . 
F 2 HOH 72 2072 2072 HOH HOH A . 
F 2 HOH 73 2073 2073 HOH HOH A . 
F 2 HOH 74 2074 2074 HOH HOH A . 
F 2 HOH 75 2075 2075 HOH HOH A . 
F 2 HOH 76 2076 2076 HOH HOH A . 
F 2 HOH 77 2077 2077 HOH HOH A . 
F 2 HOH 78 2078 2078 HOH HOH A . 
F 2 HOH 79 2079 2079 HOH HOH A . 
F 2 HOH 80 2080 2080 HOH HOH A . 
F 2 HOH 81 2081 2081 HOH HOH A . 
F 2 HOH 82 2082 2082 HOH HOH A . 
F 2 HOH 83 2083 2083 HOH HOH A . 
F 2 HOH 84 2084 2084 HOH HOH A . 
F 2 HOH 85 2085 2085 HOH HOH A . 
F 2 HOH 86 2086 2086 HOH HOH A . 
F 2 HOH 87 2087 2087 HOH HOH A . 
F 2 HOH 88 2088 2088 HOH HOH A . 
G 2 HOH 1  2001 2001 HOH HOH B . 
G 2 HOH 2  2002 2002 HOH HOH B . 
G 2 HOH 3  2003 2003 HOH HOH B . 
G 2 HOH 4  2004 2004 HOH HOH B . 
G 2 HOH 5  2005 2005 HOH HOH B . 
G 2 HOH 6  2006 2006 HOH HOH B . 
G 2 HOH 7  2007 2007 HOH HOH B . 
G 2 HOH 8  2008 2008 HOH HOH B . 
G 2 HOH 9  2009 2009 HOH HOH B . 
G 2 HOH 10 2010 2010 HOH HOH B . 
G 2 HOH 11 2011 2011 HOH HOH B . 
G 2 HOH 12 2012 2012 HOH HOH B . 
G 2 HOH 13 2013 2013 HOH HOH B . 
G 2 HOH 14 2014 2014 HOH HOH B . 
G 2 HOH 15 2015 2015 HOH HOH B . 
G 2 HOH 16 2016 2016 HOH HOH B . 
G 2 HOH 17 2017 2017 HOH HOH B . 
G 2 HOH 18 2018 2018 HOH HOH B . 
G 2 HOH 19 2019 2019 HOH HOH B . 
G 2 HOH 20 2020 2020 HOH HOH B . 
G 2 HOH 21 2021 2021 HOH HOH B . 
G 2 HOH 22 2022 2022 HOH HOH B . 
G 2 HOH 23 2023 2023 HOH HOH B . 
G 2 HOH 24 2024 2024 HOH HOH B . 
G 2 HOH 25 2025 2025 HOH HOH B . 
G 2 HOH 26 2026 2026 HOH HOH B . 
G 2 HOH 27 2027 2027 HOH HOH B . 
G 2 HOH 28 2028 2028 HOH HOH B . 
G 2 HOH 29 2029 2029 HOH HOH B . 
G 2 HOH 30 2030 2030 HOH HOH B . 
G 2 HOH 31 2031 2031 HOH HOH B . 
G 2 HOH 32 2032 2032 HOH HOH B . 
G 2 HOH 33 2033 2033 HOH HOH B . 
G 2 HOH 34 2034 2034 HOH HOH B . 
G 2 HOH 35 2035 2035 HOH HOH B . 
G 2 HOH 36 2036 2036 HOH HOH B . 
G 2 HOH 37 2037 2037 HOH HOH B . 
G 2 HOH 38 2038 2038 HOH HOH B . 
G 2 HOH 39 2039 2039 HOH HOH B . 
G 2 HOH 40 2040 2040 HOH HOH B . 
G 2 HOH 41 2041 2041 HOH HOH B . 
G 2 HOH 42 2042 2042 HOH HOH B . 
G 2 HOH 43 2043 2043 HOH HOH B . 
G 2 HOH 44 2044 2044 HOH HOH B . 
G 2 HOH 45 2045 2045 HOH HOH B . 
G 2 HOH 46 2046 2046 HOH HOH B . 
G 2 HOH 47 2047 2047 HOH HOH B . 
G 2 HOH 48 2048 2048 HOH HOH B . 
G 2 HOH 49 2049 2049 HOH HOH B . 
G 2 HOH 50 2050 2050 HOH HOH B . 
G 2 HOH 51 2051 2051 HOH HOH B . 
G 2 HOH 52 2052 2052 HOH HOH B . 
G 2 HOH 53 2053 2053 HOH HOH B . 
G 2 HOH 54 2054 2054 HOH HOH B . 
G 2 HOH 55 2055 2055 HOH HOH B . 
G 2 HOH 56 2056 2056 HOH HOH B . 
G 2 HOH 57 2057 2057 HOH HOH B . 
G 2 HOH 58 2058 2058 HOH HOH B . 
G 2 HOH 59 2059 2059 HOH HOH B . 
H 2 HOH 1  2001 2001 HOH HOH C . 
H 2 HOH 2  2002 2002 HOH HOH C . 
H 2 HOH 3  2003 2003 HOH HOH C . 
H 2 HOH 4  2004 2004 HOH HOH C . 
H 2 HOH 5  2005 2005 HOH HOH C . 
H 2 HOH 6  2006 2006 HOH HOH C . 
H 2 HOH 7  2007 2007 HOH HOH C . 
H 2 HOH 8  2008 2008 HOH HOH C . 
H 2 HOH 9  2009 2009 HOH HOH C . 
H 2 HOH 10 2010 2010 HOH HOH C . 
H 2 HOH 11 2011 2011 HOH HOH C . 
H 2 HOH 12 2012 2012 HOH HOH C . 
H 2 HOH 13 2013 2013 HOH HOH C . 
H 2 HOH 14 2014 2014 HOH HOH C . 
H 2 HOH 15 2015 2015 HOH HOH C . 
H 2 HOH 16 2016 2016 HOH HOH C . 
H 2 HOH 17 2017 2017 HOH HOH C . 
H 2 HOH 18 2018 2018 HOH HOH C . 
H 2 HOH 19 2019 2019 HOH HOH C . 
H 2 HOH 20 2020 2020 HOH HOH C . 
H 2 HOH 21 2021 2021 HOH HOH C . 
H 2 HOH 22 2022 2022 HOH HOH C . 
H 2 HOH 23 2023 2023 HOH HOH C . 
H 2 HOH 24 2024 2024 HOH HOH C . 
H 2 HOH 25 2025 2025 HOH HOH C . 
H 2 HOH 26 2026 2026 HOH HOH C . 
H 2 HOH 27 2027 2027 HOH HOH C . 
H 2 HOH 28 2028 2028 HOH HOH C . 
H 2 HOH 29 2029 2029 HOH HOH C . 
H 2 HOH 30 2030 2030 HOH HOH C . 
H 2 HOH 31 2031 2031 HOH HOH C . 
H 2 HOH 32 2032 2032 HOH HOH C . 
H 2 HOH 33 2033 2033 HOH HOH C . 
H 2 HOH 34 2034 2034 HOH HOH C . 
H 2 HOH 35 2035 2035 HOH HOH C . 
H 2 HOH 36 2036 2036 HOH HOH C . 
H 2 HOH 37 2037 2037 HOH HOH C . 
H 2 HOH 38 2038 2038 HOH HOH C . 
H 2 HOH 39 2039 2039 HOH HOH C . 
H 2 HOH 40 2040 2040 HOH HOH C . 
H 2 HOH 41 2041 2041 HOH HOH C . 
H 2 HOH 42 2042 2042 HOH HOH C . 
H 2 HOH 43 2043 2043 HOH HOH C . 
H 2 HOH 44 2044 2044 HOH HOH C . 
H 2 HOH 45 2045 2045 HOH HOH C . 
H 2 HOH 46 2046 2046 HOH HOH C . 
H 2 HOH 47 2047 2047 HOH HOH C . 
H 2 HOH 48 2048 2048 HOH HOH C . 
H 2 HOH 49 2049 2049 HOH HOH C . 
H 2 HOH 50 2050 2050 HOH HOH C . 
H 2 HOH 51 2051 2051 HOH HOH C . 
H 2 HOH 52 2052 2052 HOH HOH C . 
H 2 HOH 53 2053 2053 HOH HOH C . 
H 2 HOH 54 2054 2054 HOH HOH C . 
H 2 HOH 55 2055 2055 HOH HOH C . 
H 2 HOH 56 2056 2056 HOH HOH C . 
H 2 HOH 57 2057 2057 HOH HOH C . 
H 2 HOH 58 2058 2058 HOH HOH C . 
H 2 HOH 59 2059 2059 HOH HOH C . 
H 2 HOH 60 2060 2060 HOH HOH C . 
H 2 HOH 61 2061 2061 HOH HOH C . 
H 2 HOH 62 2062 2062 HOH HOH C . 
H 2 HOH 63 2063 2063 HOH HOH C . 
H 2 HOH 64 2064 2064 HOH HOH C . 
H 2 HOH 65 2065 2065 HOH HOH C . 
I 2 HOH 1  2001 2001 HOH HOH D . 
I 2 HOH 2  2002 2002 HOH HOH D . 
I 2 HOH 3  2003 2003 HOH HOH D . 
I 2 HOH 4  2004 2004 HOH HOH D . 
I 2 HOH 5  2005 2005 HOH HOH D . 
I 2 HOH 6  2006 2006 HOH HOH D . 
I 2 HOH 7  2007 2007 HOH HOH D . 
I 2 HOH 8  2008 2008 HOH HOH D . 
I 2 HOH 9  2009 2009 HOH HOH D . 
I 2 HOH 10 2010 2010 HOH HOH D . 
I 2 HOH 11 2011 2011 HOH HOH D . 
I 2 HOH 12 2012 2012 HOH HOH D . 
I 2 HOH 13 2013 2013 HOH HOH D . 
I 2 HOH 14 2014 2014 HOH HOH D . 
I 2 HOH 15 2015 2015 HOH HOH D . 
I 2 HOH 16 2016 2016 HOH HOH D . 
I 2 HOH 17 2017 2017 HOH HOH D . 
I 2 HOH 18 2018 2018 HOH HOH D . 
I 2 HOH 19 2019 2019 HOH HOH D . 
I 2 HOH 20 2020 2020 HOH HOH D . 
I 2 HOH 21 2021 2021 HOH HOH D . 
I 2 HOH 22 2022 2022 HOH HOH D . 
I 2 HOH 23 2023 2023 HOH HOH D . 
I 2 HOH 24 2024 2024 HOH HOH D . 
I 2 HOH 25 2025 2025 HOH HOH D . 
I 2 HOH 26 2026 2026 HOH HOH D . 
I 2 HOH 27 2027 2027 HOH HOH D . 
I 2 HOH 28 2028 2028 HOH HOH D . 
I 2 HOH 29 2029 2029 HOH HOH D . 
I 2 HOH 30 2030 2030 HOH HOH D . 
I 2 HOH 31 2031 2031 HOH HOH D . 
I 2 HOH 32 2032 2032 HOH HOH D . 
I 2 HOH 33 2033 2033 HOH HOH D . 
I 2 HOH 34 2034 2034 HOH HOH D . 
I 2 HOH 35 2035 2035 HOH HOH D . 
I 2 HOH 36 2036 2036 HOH HOH D . 
I 2 HOH 37 2037 2037 HOH HOH D . 
I 2 HOH 38 2038 2038 HOH HOH D . 
I 2 HOH 39 2039 2039 HOH HOH D . 
I 2 HOH 40 2040 2040 HOH HOH D . 
I 2 HOH 41 2041 2041 HOH HOH D . 
I 2 HOH 42 2042 2042 HOH HOH D . 
I 2 HOH 43 2043 2043 HOH HOH D . 
I 2 HOH 44 2044 2044 HOH HOH D . 
I 2 HOH 45 2045 2045 HOH HOH D . 
I 2 HOH 46 2046 2046 HOH HOH D . 
I 2 HOH 47 2047 2047 HOH HOH D . 
I 2 HOH 48 2048 2048 HOH HOH D . 
I 2 HOH 49 2049 2049 HOH HOH D . 
I 2 HOH 50 2050 2050 HOH HOH D . 
I 2 HOH 51 2051 2051 HOH HOH D . 
I 2 HOH 52 2052 2052 HOH HOH D . 
I 2 HOH 53 2053 2053 HOH HOH D . 
I 2 HOH 54 2054 2054 HOH HOH D . 
I 2 HOH 55 2055 2055 HOH HOH D . 
I 2 HOH 56 2056 2056 HOH HOH D . 
I 2 HOH 57 2057 2057 HOH HOH D . 
I 2 HOH 58 2058 2058 HOH HOH D . 
I 2 HOH 59 2059 2059 HOH HOH D . 
I 2 HOH 60 2060 2060 HOH HOH D . 
I 2 HOH 61 2061 2061 HOH HOH D . 
I 2 HOH 62 2062 2062 HOH HOH D . 
I 2 HOH 63 2063 2063 HOH HOH D . 
I 2 HOH 64 2064 2064 HOH HOH D . 
I 2 HOH 65 2065 2065 HOH HOH D . 
I 2 HOH 66 2066 2066 HOH HOH D . 
J 2 HOH 1  2001 2001 HOH HOH E . 
J 2 HOH 2  2002 2002 HOH HOH E . 
J 2 HOH 3  2003 2003 HOH HOH E . 
J 2 HOH 4  2004 2004 HOH HOH E . 
J 2 HOH 5  2005 2005 HOH HOH E . 
J 2 HOH 6  2006 2006 HOH HOH E . 
J 2 HOH 7  2007 2007 HOH HOH E . 
J 2 HOH 8  2008 2008 HOH HOH E . 
J 2 HOH 9  2009 2009 HOH HOH E . 
J 2 HOH 10 2010 2010 HOH HOH E . 
J 2 HOH 11 2011 2011 HOH HOH E . 
J 2 HOH 12 2012 2012 HOH HOH E . 
J 2 HOH 13 2013 2013 HOH HOH E . 
J 2 HOH 14 2014 2014 HOH HOH E . 
J 2 HOH 15 2015 2015 HOH HOH E . 
J 2 HOH 16 2016 2016 HOH HOH E . 
J 2 HOH 17 2017 2017 HOH HOH E . 
J 2 HOH 18 2018 2018 HOH HOH E . 
J 2 HOH 19 2019 2019 HOH HOH E . 
J 2 HOH 20 2020 2020 HOH HOH E . 
J 2 HOH 21 2021 2021 HOH HOH E . 
J 2 HOH 22 2022 2022 HOH HOH E . 
J 2 HOH 23 2023 2023 HOH HOH E . 
J 2 HOH 24 2024 2024 HOH HOH E . 
J 2 HOH 25 2025 2025 HOH HOH E . 
J 2 HOH 26 2026 2026 HOH HOH E . 
J 2 HOH 27 2027 2027 HOH HOH E . 
J 2 HOH 28 2028 2028 HOH HOH E . 
J 2 HOH 29 2029 2029 HOH HOH E . 
J 2 HOH 30 2030 2030 HOH HOH E . 
J 2 HOH 31 2031 2031 HOH HOH E . 
J 2 HOH 32 2032 2032 HOH HOH E . 
J 2 HOH 33 2033 2033 HOH HOH E . 
J 2 HOH 34 2034 2034 HOH HOH E . 
J 2 HOH 35 2035 2035 HOH HOH E . 
J 2 HOH 36 2036 2036 HOH HOH E . 
J 2 HOH 37 2037 2037 HOH HOH E . 
J 2 HOH 38 2038 2038 HOH HOH E . 
J 2 HOH 39 2039 2039 HOH HOH E . 
J 2 HOH 40 2040 2040 HOH HOH E . 
J 2 HOH 41 2041 2041 HOH HOH E . 
J 2 HOH 42 2042 2042 HOH HOH E . 
J 2 HOH 43 2043 2043 HOH HOH E . 
J 2 HOH 44 2044 2044 HOH HOH E . 
J 2 HOH 45 2045 2045 HOH HOH E . 
J 2 HOH 46 2046 2046 HOH HOH E . 
J 2 HOH 47 2047 2047 HOH HOH E . 
J 2 HOH 48 2048 2048 HOH HOH E . 
J 2 HOH 49 2049 2049 HOH HOH E . 
J 2 HOH 50 2050 2050 HOH HOH E . 
J 2 HOH 51 2051 2051 HOH HOH E . 
J 2 HOH 52 2052 2052 HOH HOH E . 
J 2 HOH 53 2053 2053 HOH HOH E . 
J 2 HOH 54 2054 2054 HOH HOH E . 
J 2 HOH 55 2055 2055 HOH HOH E . 
J 2 HOH 56 2056 2056 HOH HOH E . 
J 2 HOH 57 2057 2057 HOH HOH E . 
J 2 HOH 58 2058 2058 HOH HOH E . 
J 2 HOH 59 2059 2059 HOH HOH E . 
# 
loop_
_pdbx_unobs_or_zero_occ_atoms.id 
_pdbx_unobs_or_zero_occ_atoms.PDB_model_num 
_pdbx_unobs_or_zero_occ_atoms.polymer_flag 
_pdbx_unobs_or_zero_occ_atoms.occupancy_flag 
_pdbx_unobs_or_zero_occ_atoms.auth_asym_id 
_pdbx_unobs_or_zero_occ_atoms.auth_comp_id 
_pdbx_unobs_or_zero_occ_atoms.auth_seq_id 
_pdbx_unobs_or_zero_occ_atoms.PDB_ins_code 
_pdbx_unobs_or_zero_occ_atoms.auth_atom_id 
_pdbx_unobs_or_zero_occ_atoms.label_alt_id 
_pdbx_unobs_or_zero_occ_atoms.label_asym_id 
_pdbx_unobs_or_zero_occ_atoms.label_comp_id 
_pdbx_unobs_or_zero_occ_atoms.label_seq_id 
_pdbx_unobs_or_zero_occ_atoms.label_atom_id 
1 1 Y 1 A GLN 33 ? O ? A GLN 34 O 
2 1 Y 1 B GLN 33 ? O ? B GLN 34 O 
3 1 Y 1 C GLN 33 ? O ? C GLN 34 O 
4 1 Y 1 D GLN 33 ? O ? D GLN 34 O 
5 1 Y 1 E GLN 33 ? O ? E GLN 34 O 
# 
loop_
_software.name 
_software.classification 
_software.version 
_software.citation_id 
_software.pdbx_ordinal 
PHENIX  refinement       '(PHENIX.REFINE)' ? 1 
iMOSFLM 'data reduction' .                 ? 2 
Aimless 'data scaling'   .                 ? 3 
PHASER  phasing          .                 ? 4 
# 
_cell.entry_id           4UOT 
_cell.length_a           55.400 
_cell.length_b           88.020 
_cell.length_c           103.710 
_cell.angle_alpha        90.00 
_cell.angle_beta         90.00 
_cell.angle_gamma        90.00 
_cell.Z_PDB              40 
_cell.pdbx_unique_axis   ? 
# 
_symmetry.entry_id                         4UOT 
_symmetry.space_group_name_H-M             'C 2 2 21' 
_symmetry.pdbx_full_space_group_name_H-M   ? 
_symmetry.cell_setting                     ? 
_symmetry.Int_Tables_number                20 
# 
_exptl.entry_id          4UOT 
_exptl.method            'X-RAY DIFFRACTION' 
_exptl.crystals_number   1 
# 
_exptl_crystal.id                    1 
_exptl_crystal.density_meas          ? 
_exptl_crystal.density_Matthews      3.41 
_exptl_crystal.density_percent_sol   63.9 
_exptl_crystal.description           NONE 
# 
_exptl_crystal_grow.crystal_id      1 
_exptl_crystal_grow.method          ? 
_exptl_crystal_grow.temp            ? 
_exptl_crystal_grow.temp_details    ? 
_exptl_crystal_grow.pH              5.6 
_exptl_crystal_grow.pdbx_pH_range   ? 
_exptl_crystal_grow.pdbx_details    '0.2 M AMMONIUM SULFATE, 0.1 M SODIUM CITRATE PH 5.6 AND 25 % W/V PEG4000' 
# 
_diffrn.id                     1 
_diffrn.ambient_temp           100 
_diffrn.ambient_temp_details   ? 
_diffrn.crystal_id             1 
# 
_diffrn_detector.diffrn_id              1 
_diffrn_detector.detector               PIXEL 
_diffrn_detector.type                   'DECTRIS PILATUS 6M' 
_diffrn_detector.pdbx_collection_date   2014-05-29 
_diffrn_detector.details                ? 
# 
_diffrn_radiation.diffrn_id                        1 
_diffrn_radiation.wavelength_id                    1 
_diffrn_radiation.pdbx_monochromatic_or_laue_m_l   M 
_diffrn_radiation.monochromator                    ? 
_diffrn_radiation.pdbx_diffrn_protocol             'SINGLE WAVELENGTH' 
_diffrn_radiation.pdbx_scattering_type             x-ray 
# 
_diffrn_radiation_wavelength.id           1 
_diffrn_radiation_wavelength.wavelength   1.03978 
_diffrn_radiation_wavelength.wt           1.0 
# 
_diffrn_source.diffrn_id                   1 
_diffrn_source.source                      SYNCHROTRON 
_diffrn_source.type                        'DIAMOND BEAMLINE I24' 
_diffrn_source.pdbx_synchrotron_site       Diamond 
_diffrn_source.pdbx_synchrotron_beamline   I24 
_diffrn_source.pdbx_wavelength             1.03978 
_diffrn_source.pdbx_wavelength_list        ? 
# 
_reflns.pdbx_diffrn_id               1 
_reflns.pdbx_ordinal                 1 
_reflns.entry_id                     4UOT 
_reflns.observed_criterion_sigma_I   2.5 
_reflns.observed_criterion_sigma_F   ? 
_reflns.d_resolution_low             35.00 
_reflns.d_resolution_high            1.69 
_reflns.number_obs                   11034 
_reflns.number_all                   ? 
_reflns.percent_possible_obs         99.6 
_reflns.pdbx_Rmerge_I_obs            0.05 
_reflns.pdbx_Rsym_value              ? 
_reflns.pdbx_netI_over_sigmaI        16.50 
_reflns.B_iso_Wilson_estimate        21.00 
_reflns.pdbx_redundancy              5.3 
# 
_reflns_shell.pdbx_diffrn_id         1 
_reflns_shell.pdbx_ordinal           1 
_reflns_shell.d_res_high             1.69 
_reflns_shell.d_res_low              1.73 
_reflns_shell.percent_possible_all   99.9 
_reflns_shell.Rmerge_I_obs           0.62 
_reflns_shell.pdbx_Rsym_value        ? 
_reflns_shell.meanI_over_sigI_obs    2.30 
_reflns_shell.pdbx_redundancy        5.2 
# 
_refine.pdbx_refine_id                           'X-RAY DIFFRACTION' 
_refine.entry_id                                 4UOT 
_refine.pdbx_diffrn_id                           1 
_refine.pdbx_TLS_residual_ADP_flag               ? 
_refine.ls_number_reflns_obs                     54653 
_refine.ls_number_reflns_all                     ? 
_refine.pdbx_ls_sigma_I                          ? 
_refine.pdbx_ls_sigma_F                          0.08 
_refine.pdbx_data_cutoff_high_absF               ? 
_refine.pdbx_data_cutoff_low_absF                ? 
_refine.pdbx_data_cutoff_high_rms_absF           ? 
_refine.ls_d_res_low                             24.433 
_refine.ls_d_res_high                            1.69 
_refine.ls_percent_reflns_obs                    99.61 
_refine.ls_R_factor_obs                          0.1785 
_refine.ls_R_factor_all                          ? 
_refine.ls_R_factor_R_work                       0.1782 
_refine.ls_R_factor_R_free                       0.1845 
_refine.ls_R_factor_R_free_error                 ? 
_refine.ls_R_factor_R_free_error_details         ? 
_refine.ls_percent_reflns_R_free                 5.0 
_refine.ls_number_reflns_R_free                  2728 
_refine.ls_number_parameters                     ? 
_refine.ls_number_restraints                     ? 
_refine.occupancy_min                            ? 
_refine.occupancy_max                            ? 
_refine.correlation_coeff_Fo_to_Fc               ? 
_refine.correlation_coeff_Fo_to_Fc_free          ? 
_refine.B_iso_mean                               22.49 
_refine.aniso_B[1][1]                            ? 
_refine.aniso_B[2][2]                            ? 
_refine.aniso_B[3][3]                            ? 
_refine.aniso_B[1][2]                            ? 
_refine.aniso_B[1][3]                            ? 
_refine.aniso_B[2][3]                            ? 
_refine.solvent_model_details                    'FLAT BULK SOLVENT MODEL' 
_refine.solvent_model_param_ksol                 ? 
_refine.solvent_model_param_bsol                 0.57 
_refine.pdbx_solvent_vdw_probe_radii             1.11 
_refine.pdbx_solvent_ion_probe_radii             ? 
_refine.pdbx_solvent_shrinkage_radii             0.90 
_refine.pdbx_ls_cross_valid_method               ? 
_refine.details                                  ? 
_refine.pdbx_starting_model                      'ROSETTA MODEL' 
_refine.pdbx_method_to_determine_struct          'MOLECULAR REPLACEMENT' 
_refine.pdbx_isotropic_thermal_model             ? 
_refine.pdbx_stereochemistry_target_values       ML 
_refine.pdbx_stereochem_target_val_spec_case     ? 
_refine.pdbx_R_Free_selection_details            ? 
_refine.pdbx_overall_ESU_R                       ? 
_refine.pdbx_overall_ESU_R_Free                  ? 
_refine.overall_SU_ML                            0.15 
_refine.pdbx_overall_phase_error                 19.62 
_refine.overall_SU_B                             ? 
_refine.overall_SU_R_Cruickshank_DPI             ? 
_refine.pdbx_overall_SU_R_free_Cruickshank_DPI   ? 
_refine.pdbx_overall_SU_R_Blow_DPI               ? 
_refine.pdbx_overall_SU_R_free_Blow_DPI          ? 
# 
_refine_hist.pdbx_refine_id                   'X-RAY DIFFRACTION' 
_refine_hist.cycle_id                         LAST 
_refine_hist.pdbx_number_atoms_protein        1440 
_refine_hist.pdbx_number_atoms_nucleic_acid   0 
_refine_hist.pdbx_number_atoms_ligand         0 
_refine_hist.number_atoms_solvent             337 
_refine_hist.number_atoms_total               1777 
_refine_hist.d_res_high                       1.69 
_refine_hist.d_res_low                        24.433 
# 
loop_
_refine_ls_restr.type 
_refine_ls_restr.dev_ideal 
_refine_ls_restr.dev_ideal_target 
_refine_ls_restr.weight 
_refine_ls_restr.number 
_refine_ls_restr.pdbx_refine_id 
_refine_ls_restr.pdbx_restraint_function 
f_bond_d           0.024  ? ? 1482 'X-RAY DIFFRACTION' ? 
f_angle_d          1.769  ? ? 1942 'X-RAY DIFFRACTION' ? 
f_dihedral_angle_d 14.906 ? ? 645  'X-RAY DIFFRACTION' ? 
f_chiral_restr     0.099  ? ? 231  'X-RAY DIFFRACTION' ? 
f_plane_restr      0.007  ? ? 226  'X-RAY DIFFRACTION' ? 
# 
loop_
_refine_ls_shell.pdbx_refine_id 
_refine_ls_shell.pdbx_total_number_of_bins_used 
_refine_ls_shell.d_res_high 
_refine_ls_shell.d_res_low 
_refine_ls_shell.number_reflns_R_work 
_refine_ls_shell.R_factor_R_work 
_refine_ls_shell.percent_reflns_obs 
_refine_ls_shell.R_factor_R_free 
_refine_ls_shell.R_factor_R_free_error 
_refine_ls_shell.percent_reflns_R_free 
_refine_ls_shell.number_reflns_R_free 
_refine_ls_shell.number_reflns_all 
_refine_ls_shell.R_factor_all 
'X-RAY DIFFRACTION' . 1.6900 1.7207  2717 0.2808 100.00 0.2782 . . 166 . . 
'X-RAY DIFFRACTION' . 1.7207 1.7538  2747 0.2756 100.00 0.2698 . . 136 . . 
'X-RAY DIFFRACTION' . 1.7538 1.7896  2775 0.2662 100.00 0.2853 . . 140 . . 
'X-RAY DIFFRACTION' . 1.7896 1.8285  2622 0.2448 100.00 0.2367 . . 193 . . 
'X-RAY DIFFRACTION' . 1.8285 1.8710  2764 0.2460 100.00 0.2814 . . 157 . . 
'X-RAY DIFFRACTION' . 1.8710 1.9178  2747 0.2310 100.00 0.2133 . . 147 . . 
'X-RAY DIFFRACTION' . 1.9178 1.9696  2685 0.2221 100.00 0.2405 . . 180 . . 
'X-RAY DIFFRACTION' . 1.9696 2.0276  2729 0.2078 100.00 0.2309 . . 152 . . 
'X-RAY DIFFRACTION' . 2.0276 2.0930  2746 0.1931 100.00 0.2248 . . 152 . . 
'X-RAY DIFFRACTION' . 2.0930 2.1677  2725 0.1703 100.00 0.1994 . . 150 . . 
'X-RAY DIFFRACTION' . 2.1677 2.2545  2788 0.1699 100.00 0.2040 . . 99  . . 
'X-RAY DIFFRACTION' . 2.2545 2.3570  2760 0.1613 100.00 0.2055 . . 117 . . 
'X-RAY DIFFRACTION' . 2.3570 2.4811  2737 0.1605 100.00 0.1774 . . 129 . . 
'X-RAY DIFFRACTION' . 2.4811 2.6364  2751 0.1746 100.00 0.1970 . . 129 . . 
'X-RAY DIFFRACTION' . 2.6364 2.8397  2740 0.1785 100.00 0.1906 . . 136 . . 
'X-RAY DIFFRACTION' . 2.8397 3.1250  2734 0.1785 100.00 0.1877 . . 144 . . 
'X-RAY DIFFRACTION' . 3.1250 3.5759  2736 0.1458 99.00  0.1324 . . 128 . . 
'X-RAY DIFFRACTION' . 3.5759 4.5007  2718 0.1306 99.00  0.1076 . . 147 . . 
'X-RAY DIFFRACTION' . 4.5007 24.4351 2704 0.1997 98.00  0.2013 . . 126 . . 
# 
_struct.entry_id                  4UOT 
_struct.title                     'Thermodynamic hyperstability in parametrically designed helical bundles' 
_struct.pdbx_model_details        ? 
_struct.pdbx_CASP_flag            ? 
_struct.pdbx_model_type_details   ? 
# 
_struct_keywords.entry_id        4UOT 
_struct_keywords.pdbx_keywords   'DE NOVO PROTEIN' 
_struct_keywords.text            'DE NOVO PROTEIN, PROTEIN DESIGN, THERMODYNAMIC HYPERSTABILITY HELICAL BUNDLE' 
# 
loop_
_struct_asym.id 
_struct_asym.pdbx_blank_PDB_chainid_flag 
_struct_asym.pdbx_modified 
_struct_asym.entity_id 
_struct_asym.details 
A N N 1 ? 
B N N 1 ? 
C N N 1 ? 
D N N 1 ? 
E N N 1 ? 
F N N 2 ? 
G N N 2 ? 
H N N 2 ? 
I N N 2 ? 
J N N 2 ? 
# 
_struct_ref.id                         1 
_struct_ref.db_name                    PDB 
_struct_ref.db_code                    4UOT 
_struct_ref.entity_id                  1 
_struct_ref.pdbx_seq_one_letter_code   ? 
_struct_ref.pdbx_align_begin           ? 
_struct_ref.pdbx_db_accession          4UOT 
_struct_ref.pdbx_db_isoform            ? 
# 
loop_
_struct_ref_seq.align_id 
_struct_ref_seq.ref_id 
_struct_ref_seq.pdbx_PDB_id_code 
_struct_ref_seq.pdbx_strand_id 
_struct_ref_seq.seq_align_beg 
_struct_ref_seq.pdbx_seq_align_beg_ins_code 
_struct_ref_seq.seq_align_end 
_struct_ref_seq.pdbx_seq_align_end_ins_code 
_struct_ref_seq.pdbx_db_accession 
_struct_ref_seq.db_align_beg 
_struct_ref_seq.pdbx_db_align_beg_ins_code 
_struct_ref_seq.db_align_end 
_struct_ref_seq.pdbx_db_align_end_ins_code 
_struct_ref_seq.pdbx_auth_seq_align_beg 
_struct_ref_seq.pdbx_auth_seq_align_end 
1 1 4UOT A 1 ? 34 ? 4UOT 0 ? 33 ? 0 33 
2 1 4UOT B 1 ? 34 ? 4UOT 0 ? 33 ? 0 33 
3 1 4UOT C 1 ? 34 ? 4UOT 0 ? 33 ? 0 33 
4 1 4UOT D 1 ? 34 ? 4UOT 0 ? 33 ? 0 33 
5 1 4UOT E 1 ? 34 ? 4UOT 0 ? 33 ? 0 33 
# 
_pdbx_struct_assembly.id                   1 
_pdbx_struct_assembly.details              software_defined_assembly 
_pdbx_struct_assembly.method_details       PISA 
_pdbx_struct_assembly.oligomeric_details   pentameric 
_pdbx_struct_assembly.oligomeric_count     5 
# 
loop_
_pdbx_struct_assembly_prop.biol_id 
_pdbx_struct_assembly_prop.type 
_pdbx_struct_assembly_prop.value 
_pdbx_struct_assembly_prop.details 
1 'ABSA (A^2)' 9760  ? 
1 MORE         -93.0 ? 
1 'SSA (A^2)'  9490  ? 
# 
_pdbx_struct_assembly_gen.assembly_id       1 
_pdbx_struct_assembly_gen.oper_expression   1 
_pdbx_struct_assembly_gen.asym_id_list      A,B,C,D,E,F,G,H,I,J 
# 
_pdbx_struct_oper_list.id                   1 
_pdbx_struct_oper_list.type                 'identity operation' 
_pdbx_struct_oper_list.name                 1_555 
_pdbx_struct_oper_list.symmetry_operation   x,y,z 
_pdbx_struct_oper_list.matrix[1][1]         1.0000000000 
_pdbx_struct_oper_list.matrix[1][2]         0.0000000000 
_pdbx_struct_oper_list.matrix[1][3]         0.0000000000 
_pdbx_struct_oper_list.vector[1]            0.0000000000 
_pdbx_struct_oper_list.matrix[2][1]         0.0000000000 
_pdbx_struct_oper_list.matrix[2][2]         1.0000000000 
_pdbx_struct_oper_list.matrix[2][3]         0.0000000000 
_pdbx_struct_oper_list.vector[2]            0.0000000000 
_pdbx_struct_oper_list.matrix[3][1]         0.0000000000 
_pdbx_struct_oper_list.matrix[3][2]         0.0000000000 
_pdbx_struct_oper_list.matrix[3][3]         1.0000000000 
_pdbx_struct_oper_list.vector[3]            0.0000000000 
# 
_struct_biol.id   1 
# 
loop_
_struct_conf.conf_type_id 
_struct_conf.id 
_struct_conf.pdbx_PDB_helix_id 
_struct_conf.beg_label_comp_id 
_struct_conf.beg_label_asym_id 
_struct_conf.beg_label_seq_id 
_struct_conf.pdbx_beg_PDB_ins_code 
_struct_conf.end_label_comp_id 
_struct_conf.end_label_asym_id 
_struct_conf.end_label_seq_id 
_struct_conf.pdbx_end_PDB_ins_code 
_struct_conf.beg_auth_comp_id 
_struct_conf.beg_auth_asym_id 
_struct_conf.beg_auth_seq_id 
_struct_conf.end_auth_comp_id 
_struct_conf.end_auth_asym_id 
_struct_conf.end_auth_seq_id 
_struct_conf.pdbx_PDB_helix_class 
_struct_conf.details 
_struct_conf.pdbx_PDB_helix_length 
HELX_P HELX_P1 1 THR A 2 ? LYS A 33 ? THR A 1 LYS A 32 1 ? 32 
HELX_P HELX_P2 2 THR B 2 ? LYS B 33 ? THR B 1 LYS B 32 1 ? 32 
HELX_P HELX_P3 3 THR C 2 ? LYS C 33 ? THR C 1 LYS C 32 1 ? 32 
HELX_P HELX_P4 4 THR D 2 ? LYS D 33 ? THR D 1 LYS D 32 1 ? 32 
HELX_P HELX_P5 5 THR E 2 ? LYS E 33 ? THR E 1 LYS E 32 1 ? 32 
# 
_struct_conf_type.id          HELX_P 
_struct_conf_type.criteria    ? 
_struct_conf_type.reference   ? 
# 
loop_
_struct_conn.id 
_struct_conn.conn_type_id 
_struct_conn.pdbx_leaving_atom_flag 
_struct_conn.pdbx_PDB_id 
_struct_conn.ptnr1_label_asym_id 
_struct_conn.ptnr1_label_comp_id 
_struct_conn.ptnr1_label_seq_id 
_struct_conn.ptnr1_label_atom_id 
_struct_conn.pdbx_ptnr1_label_alt_id 
_struct_conn.pdbx_ptnr1_PDB_ins_code 
_struct_conn.pdbx_ptnr1_standard_comp_id 
_struct_conn.ptnr1_symmetry 
_struct_conn.ptnr2_label_asym_id 
_struct_conn.ptnr2_label_comp_id 
_struct_conn.ptnr2_label_seq_id 
_struct_conn.ptnr2_label_atom_id 
_struct_conn.pdbx_ptnr2_label_alt_id 
_struct_conn.pdbx_ptnr2_PDB_ins_code 
_struct_conn.ptnr1_auth_asym_id 
_struct_conn.ptnr1_auth_comp_id 
_struct_conn.ptnr1_auth_seq_id 
_struct_conn.ptnr2_auth_asym_id 
_struct_conn.ptnr2_auth_comp_id 
_struct_conn.ptnr2_auth_seq_id 
_struct_conn.ptnr2_symmetry 
_struct_conn.pdbx_ptnr3_label_atom_id 
_struct_conn.pdbx_ptnr3_label_seq_id 
_struct_conn.pdbx_ptnr3_label_comp_id 
_struct_conn.pdbx_ptnr3_label_asym_id 
_struct_conn.pdbx_ptnr3_label_alt_id 
_struct_conn.pdbx_ptnr3_PDB_ins_code 
_struct_conn.details 
_struct_conn.pdbx_dist_value 
_struct_conn.pdbx_value_order 
_struct_conn.pdbx_role 
covale1 covale both ? A ACE 1 C A ? ? 1_555 A THR 2 N A ? A ACE 0 A THR 1 1_555 ? ? ? ? ? ? ? 1.442 ? ? 
covale2 covale both ? A ACE 1 C B ? ? 1_555 A THR 2 N B ? A ACE 0 A THR 1 1_555 ? ? ? ? ? ? ? 1.442 ? ? 
covale3 covale both ? B ACE 1 C ? ? ? 1_555 B THR 2 N ? ? B ACE 0 B THR 1 1_555 ? ? ? ? ? ? ? 1.440 ? ? 
covale4 covale both ? C ACE 1 C ? ? ? 1_555 C THR 2 N ? ? C ACE 0 C THR 1 1_555 ? ? ? ? ? ? ? 1.442 ? ? 
covale5 covale both ? D ACE 1 C ? ? ? 1_555 D THR 2 N ? ? D ACE 0 D THR 1 1_555 ? ? ? ? ? ? ? 1.444 ? ? 
covale6 covale both ? E ACE 1 C ? ? ? 1_555 E THR 2 N ? ? E ACE 0 E THR 1 1_555 ? ? ? ? ? ? ? 1.445 ? ? 
# 
_struct_conn_type.id          covale 
_struct_conn_type.criteria    ? 
_struct_conn_type.reference   ? 
# 
loop_
_pdbx_modification_feature.ordinal 
_pdbx_modification_feature.label_comp_id 
_pdbx_modification_feature.label_asym_id 
_pdbx_modification_feature.label_seq_id 
_pdbx_modification_feature.label_alt_id 
_pdbx_modification_feature.modified_residue_label_comp_id 
_pdbx_modification_feature.modified_residue_label_asym_id 
_pdbx_modification_feature.modified_residue_label_seq_id 
_pdbx_modification_feature.modified_residue_label_alt_id 
_pdbx_modification_feature.auth_comp_id 
_pdbx_modification_feature.auth_asym_id 
_pdbx_modification_feature.auth_seq_id 
_pdbx_modification_feature.PDB_ins_code 
_pdbx_modification_feature.symmetry 
_pdbx_modification_feature.modified_residue_auth_comp_id 
_pdbx_modification_feature.modified_residue_auth_asym_id 
_pdbx_modification_feature.modified_residue_auth_seq_id 
_pdbx_modification_feature.modified_residue_PDB_ins_code 
_pdbx_modification_feature.modified_residue_symmetry 
_pdbx_modification_feature.comp_id_linking_atom 
_pdbx_modification_feature.modified_residue_id_linking_atom 
_pdbx_modification_feature.modified_residue_id 
_pdbx_modification_feature.ref_pcm_id 
_pdbx_modification_feature.ref_comp_id 
_pdbx_modification_feature.type 
_pdbx_modification_feature.category 
1 ACE A 1 A THR A 2 A ACE A 0 ? 1_555 THR A 1 ? 1_555 . . THR 7 ACE None 'Terminal acetylation' 
2 ACE A 1 B THR A 2 B ACE A 0 ? 1_555 THR A 1 ? 1_555 . . THR 7 ACE None 'Terminal acetylation' 
3 ACE B 1 ? THR B 2 ? ACE B 0 ? 1_555 THR B 1 ? 1_555 . . THR 7 ACE None 'Terminal acetylation' 
4 ACE C 1 ? THR C 2 ? ACE C 0 ? 1_555 THR C 1 ? 1_555 . . THR 7 ACE None 'Terminal acetylation' 
5 ACE D 1 ? THR D 2 ? ACE D 0 ? 1_555 THR D 1 ? 1_555 . . THR 7 ACE None 'Terminal acetylation' 
6 ACE E 1 ? THR E 2 ? ACE E 0 ? 1_555 THR E 1 ? 1_555 . . THR 7 ACE None 'Terminal acetylation' 
# 
_pdbx_entry_details.entry_id                   4UOT 
_pdbx_entry_details.compound_details           ? 
_pdbx_entry_details.source_details             ? 
_pdbx_entry_details.nonpolymer_details         ? 
_pdbx_entry_details.sequence_details           
;N-TERMINAL THR HAS ACETYLATION, C-TERMINAL GLN HAS
AMIDATION.
;
_pdbx_entry_details.has_ligand_of_interest     ? 
_pdbx_entry_details.has_protein_modification   Y 
# 
loop_
_pdbx_validate_close_contact.id 
_pdbx_validate_close_contact.PDB_model_num 
_pdbx_validate_close_contact.auth_atom_id_1 
_pdbx_validate_close_contact.auth_asym_id_1 
_pdbx_validate_close_contact.auth_comp_id_1 
_pdbx_validate_close_contact.auth_seq_id_1 
_pdbx_validate_close_contact.PDB_ins_code_1 
_pdbx_validate_close_contact.label_alt_id_1 
_pdbx_validate_close_contact.auth_atom_id_2 
_pdbx_validate_close_contact.auth_asym_id_2 
_pdbx_validate_close_contact.auth_comp_id_2 
_pdbx_validate_close_contact.auth_seq_id_2 
_pdbx_validate_close_contact.PDB_ins_code_2 
_pdbx_validate_close_contact.label_alt_id_2 
_pdbx_validate_close_contact.dist 
1 1 O   A HOH 2041 ? ? O E HOH 2029 ? ? 1.91 
2 1 NZ  E LYS 25   ? ? O E HOH 2047 ? ? 1.93 
3 1 NZ  D LYS 32   ? ? O D HOH 2062 ? ? 2.09 
4 1 OE2 B GLU 22   ? ? O B HOH 2048 ? ? 2.10 
5 1 NE2 E GLN 2    ? ? O D HOH 2018 ? ? 2.12 
6 1 O   B HOH 2054 ? ? O B HOH 2058 ? ? 2.13 
7 1 O   A HOH 2072 ? ? O E HOH 2044 ? ? 2.17 
8 1 O   C HOH 2008 ? ? O C HOH 2039 ? ? 2.18 
9 1 O   D HOH 2055 ? ? O E HOH 2044 ? ? 2.18 
# 
loop_
_pdbx_validate_rmsd_bond.id 
_pdbx_validate_rmsd_bond.PDB_model_num 
_pdbx_validate_rmsd_bond.auth_atom_id_1 
_pdbx_validate_rmsd_bond.auth_asym_id_1 
_pdbx_validate_rmsd_bond.auth_comp_id_1 
_pdbx_validate_rmsd_bond.auth_seq_id_1 
_pdbx_validate_rmsd_bond.PDB_ins_code_1 
_pdbx_validate_rmsd_bond.label_alt_id_1 
_pdbx_validate_rmsd_bond.auth_atom_id_2 
_pdbx_validate_rmsd_bond.auth_asym_id_2 
_pdbx_validate_rmsd_bond.auth_comp_id_2 
_pdbx_validate_rmsd_bond.auth_seq_id_2 
_pdbx_validate_rmsd_bond.PDB_ins_code_2 
_pdbx_validate_rmsd_bond.label_alt_id_2 
_pdbx_validate_rmsd_bond.bond_value 
_pdbx_validate_rmsd_bond.bond_target_value 
_pdbx_validate_rmsd_bond.bond_deviation 
_pdbx_validate_rmsd_bond.bond_standard_deviation 
_pdbx_validate_rmsd_bond.linker_flag 
1 1 CD B GLU 8  ? ? OE1 B GLU 8  ? ? 1.169 1.252 -0.083 0.011 N 
2 1 CD C GLU 29 ? ? OE2 C GLU 29 ? ? 1.176 1.252 -0.076 0.011 N 
# 
loop_
_pdbx_validate_rmsd_angle.id 
_pdbx_validate_rmsd_angle.PDB_model_num 
_pdbx_validate_rmsd_angle.auth_atom_id_1 
_pdbx_validate_rmsd_angle.auth_asym_id_1 
_pdbx_validate_rmsd_angle.auth_comp_id_1 
_pdbx_validate_rmsd_angle.auth_seq_id_1 
_pdbx_validate_rmsd_angle.PDB_ins_code_1 
_pdbx_validate_rmsd_angle.label_alt_id_1 
_pdbx_validate_rmsd_angle.auth_atom_id_2 
_pdbx_validate_rmsd_angle.auth_asym_id_2 
_pdbx_validate_rmsd_angle.auth_comp_id_2 
_pdbx_validate_rmsd_angle.auth_seq_id_2 
_pdbx_validate_rmsd_angle.PDB_ins_code_2 
_pdbx_validate_rmsd_angle.label_alt_id_2 
_pdbx_validate_rmsd_angle.auth_atom_id_3 
_pdbx_validate_rmsd_angle.auth_asym_id_3 
_pdbx_validate_rmsd_angle.auth_comp_id_3 
_pdbx_validate_rmsd_angle.auth_seq_id_3 
_pdbx_validate_rmsd_angle.PDB_ins_code_3 
_pdbx_validate_rmsd_angle.label_alt_id_3 
_pdbx_validate_rmsd_angle.angle_value 
_pdbx_validate_rmsd_angle.angle_target_value 
_pdbx_validate_rmsd_angle.angle_deviation 
_pdbx_validate_rmsd_angle.angle_standard_deviation 
_pdbx_validate_rmsd_angle.linker_flag 
1 1 OE1 B GLU 15 ? ? CD B GLU 15 ? ? OE2 B GLU 15 ? ? 115.64 123.30 -7.66  1.20 N 
2 1 CB  B MET 26 ? B CG B MET 26 ? B SD  B MET 26 ? B 89.07  112.40 -23.33 3.00 N 
# 
loop_
_pdbx_struct_special_symmetry.id 
_pdbx_struct_special_symmetry.PDB_model_num 
_pdbx_struct_special_symmetry.auth_asym_id 
_pdbx_struct_special_symmetry.auth_comp_id 
_pdbx_struct_special_symmetry.auth_seq_id 
_pdbx_struct_special_symmetry.PDB_ins_code 
_pdbx_struct_special_symmetry.label_asym_id 
_pdbx_struct_special_symmetry.label_comp_id 
_pdbx_struct_special_symmetry.label_seq_id 
1 1 C HOH 2034 ? H HOH . 
2 1 E HOH 2001 ? J HOH . 
3 1 E HOH 2048 ? J HOH . 
# 
loop_
_pdbx_distant_solvent_atoms.id 
_pdbx_distant_solvent_atoms.PDB_model_num 
_pdbx_distant_solvent_atoms.auth_atom_id 
_pdbx_distant_solvent_atoms.label_alt_id 
_pdbx_distant_solvent_atoms.auth_asym_id 
_pdbx_distant_solvent_atoms.auth_comp_id 
_pdbx_distant_solvent_atoms.auth_seq_id 
_pdbx_distant_solvent_atoms.PDB_ins_code 
_pdbx_distant_solvent_atoms.neighbor_macromolecule_distance 
_pdbx_distant_solvent_atoms.neighbor_ligand_distance 
1 1 O ? A HOH 2016 ? 5.81 . 
2 1 O ? D HOH 2015 ? 7.13 . 
3 1 O ? E HOH 2057 ? 7.15 . 
4 1 O ? E HOH 2058 ? 6.59 . 
5 1 O ? E HOH 2059 ? 6.05 . 
# 
loop_
_chem_comp_atom.comp_id 
_chem_comp_atom.atom_id 
_chem_comp_atom.type_symbol 
_chem_comp_atom.pdbx_aromatic_flag 
_chem_comp_atom.pdbx_stereo_config 
_chem_comp_atom.pdbx_ordinal 
ACE C    C N N 1   
ACE O    O N N 2   
ACE CH3  C N N 3   
ACE H    H N N 4   
ACE H1   H N N 5   
ACE H2   H N N 6   
ACE H3   H N N 7   
GLN N    N N N 8   
GLN CA   C N S 9   
GLN C    C N N 10  
GLN O    O N N 11  
GLN CB   C N N 12  
GLN CG   C N N 13  
GLN CD   C N N 14  
GLN OE1  O N N 15  
GLN NE2  N N N 16  
GLN OXT  O N N 17  
GLN H    H N N 18  
GLN H2   H N N 19  
GLN HA   H N N 20  
GLN HB2  H N N 21  
GLN HB3  H N N 22  
GLN HG2  H N N 23  
GLN HG3  H N N 24  
GLN HE21 H N N 25  
GLN HE22 H N N 26  
GLN HXT  H N N 27  
GLU N    N N N 28  
GLU CA   C N S 29  
GLU C    C N N 30  
GLU O    O N N 31  
GLU CB   C N N 32  
GLU CG   C N N 33  
GLU CD   C N N 34  
GLU OE1  O N N 35  
GLU OE2  O N N 36  
GLU OXT  O N N 37  
GLU H    H N N 38  
GLU H2   H N N 39  
GLU HA   H N N 40  
GLU HB2  H N N 41  
GLU HB3  H N N 42  
GLU HG2  H N N 43  
GLU HG3  H N N 44  
GLU HE2  H N N 45  
GLU HXT  H N N 46  
HOH O    O N N 47  
HOH H1   H N N 48  
HOH H2   H N N 49  
ILE N    N N N 50  
ILE CA   C N S 51  
ILE C    C N N 52  
ILE O    O N N 53  
ILE CB   C N S 54  
ILE CG1  C N N 55  
ILE CG2  C N N 56  
ILE CD1  C N N 57  
ILE OXT  O N N 58  
ILE H    H N N 59  
ILE H2   H N N 60  
ILE HA   H N N 61  
ILE HB   H N N 62  
ILE HG12 H N N 63  
ILE HG13 H N N 64  
ILE HG21 H N N 65  
ILE HG22 H N N 66  
ILE HG23 H N N 67  
ILE HD11 H N N 68  
ILE HD12 H N N 69  
ILE HD13 H N N 70  
ILE HXT  H N N 71  
LEU N    N N N 72  
LEU CA   C N S 73  
LEU C    C N N 74  
LEU O    O N N 75  
LEU CB   C N N 76  
LEU CG   C N N 77  
LEU CD1  C N N 78  
LEU CD2  C N N 79  
LEU OXT  O N N 80  
LEU H    H N N 81  
LEU H2   H N N 82  
LEU HA   H N N 83  
LEU HB2  H N N 84  
LEU HB3  H N N 85  
LEU HG   H N N 86  
LEU HD11 H N N 87  
LEU HD12 H N N 88  
LEU HD13 H N N 89  
LEU HD21 H N N 90  
LEU HD22 H N N 91  
LEU HD23 H N N 92  
LEU HXT  H N N 93  
LYS N    N N N 94  
LYS CA   C N S 95  
LYS C    C N N 96  
LYS O    O N N 97  
LYS CB   C N N 98  
LYS CG   C N N 99  
LYS CD   C N N 100 
LYS CE   C N N 101 
LYS NZ   N N N 102 
LYS OXT  O N N 103 
LYS H    H N N 104 
LYS H2   H N N 105 
LYS HA   H N N 106 
LYS HB2  H N N 107 
LYS HB3  H N N 108 
LYS HG2  H N N 109 
LYS HG3  H N N 110 
LYS HD2  H N N 111 
LYS HD3  H N N 112 
LYS HE2  H N N 113 
LYS HE3  H N N 114 
LYS HZ1  H N N 115 
LYS HZ2  H N N 116 
LYS HZ3  H N N 117 
LYS HXT  H N N 118 
MET N    N N N 119 
MET CA   C N S 120 
MET C    C N N 121 
MET O    O N N 122 
MET CB   C N N 123 
MET CG   C N N 124 
MET SD   S N N 125 
MET CE   C N N 126 
MET OXT  O N N 127 
MET H    H N N 128 
MET H2   H N N 129 
MET HA   H N N 130 
MET HB2  H N N 131 
MET HB3  H N N 132 
MET HG2  H N N 133 
MET HG3  H N N 134 
MET HE1  H N N 135 
MET HE2  H N N 136 
MET HE3  H N N 137 
MET HXT  H N N 138 
THR N    N N N 139 
THR CA   C N S 140 
THR C    C N N 141 
THR O    O N N 142 
THR CB   C N R 143 
THR OG1  O N N 144 
THR CG2  C N N 145 
THR OXT  O N N 146 
THR H    H N N 147 
THR H2   H N N 148 
THR HA   H N N 149 
THR HB   H N N 150 
THR HG1  H N N 151 
THR HG21 H N N 152 
THR HG22 H N N 153 
THR HG23 H N N 154 
THR HXT  H N N 155 
TYR N    N N N 156 
TYR CA   C N S 157 
TYR C    C N N 158 
TYR O    O N N 159 
TYR CB   C N N 160 
TYR CG   C Y N 161 
TYR CD1  C Y N 162 
TYR CD2  C Y N 163 
TYR CE1  C Y N 164 
TYR CE2  C Y N 165 
TYR CZ   C Y N 166 
TYR OH   O N N 167 
TYR OXT  O N N 168 
TYR H    H N N 169 
TYR H2   H N N 170 
TYR HA   H N N 171 
TYR HB2  H N N 172 
TYR HB3  H N N 173 
TYR HD1  H N N 174 
TYR HD2  H N N 175 
TYR HE1  H N N 176 
TYR HE2  H N N 177 
TYR HH   H N N 178 
TYR HXT  H N N 179 
# 
loop_
_chem_comp_bond.comp_id 
_chem_comp_bond.atom_id_1 
_chem_comp_bond.atom_id_2 
_chem_comp_bond.value_order 
_chem_comp_bond.pdbx_aromatic_flag 
_chem_comp_bond.pdbx_stereo_config 
_chem_comp_bond.pdbx_ordinal 
ACE C   O    doub N N 1   
ACE C   CH3  sing N N 2   
ACE C   H    sing N N 3   
ACE CH3 H1   sing N N 4   
ACE CH3 H2   sing N N 5   
ACE CH3 H3   sing N N 6   
GLN N   CA   sing N N 7   
GLN N   H    sing N N 8   
GLN N   H2   sing N N 9   
GLN CA  C    sing N N 10  
GLN CA  CB   sing N N 11  
GLN CA  HA   sing N N 12  
GLN C   O    doub N N 13  
GLN C   OXT  sing N N 14  
GLN CB  CG   sing N N 15  
GLN CB  HB2  sing N N 16  
GLN CB  HB3  sing N N 17  
GLN CG  CD   sing N N 18  
GLN CG  HG2  sing N N 19  
GLN CG  HG3  sing N N 20  
GLN CD  OE1  doub N N 21  
GLN CD  NE2  sing N N 22  
GLN NE2 HE21 sing N N 23  
GLN NE2 HE22 sing N N 24  
GLN OXT HXT  sing N N 25  
GLU N   CA   sing N N 26  
GLU N   H    sing N N 27  
GLU N   H2   sing N N 28  
GLU CA  C    sing N N 29  
GLU CA  CB   sing N N 30  
GLU CA  HA   sing N N 31  
GLU C   O    doub N N 32  
GLU C   OXT  sing N N 33  
GLU CB  CG   sing N N 34  
GLU CB  HB2  sing N N 35  
GLU CB  HB3  sing N N 36  
GLU CG  CD   sing N N 37  
GLU CG  HG2  sing N N 38  
GLU CG  HG3  sing N N 39  
GLU CD  OE1  doub N N 40  
GLU CD  OE2  sing N N 41  
GLU OE2 HE2  sing N N 42  
GLU OXT HXT  sing N N 43  
HOH O   H1   sing N N 44  
HOH O   H2   sing N N 45  
ILE N   CA   sing N N 46  
ILE N   H    sing N N 47  
ILE N   H2   sing N N 48  
ILE CA  C    sing N N 49  
ILE CA  CB   sing N N 50  
ILE CA  HA   sing N N 51  
ILE C   O    doub N N 52  
ILE C   OXT  sing N N 53  
ILE CB  CG1  sing N N 54  
ILE CB  CG2  sing N N 55  
ILE CB  HB   sing N N 56  
ILE CG1 CD1  sing N N 57  
ILE CG1 HG12 sing N N 58  
ILE CG1 HG13 sing N N 59  
ILE CG2 HG21 sing N N 60  
ILE CG2 HG22 sing N N 61  
ILE CG2 HG23 sing N N 62  
ILE CD1 HD11 sing N N 63  
ILE CD1 HD12 sing N N 64  
ILE CD1 HD13 sing N N 65  
ILE OXT HXT  sing N N 66  
LEU N   CA   sing N N 67  
LEU N   H    sing N N 68  
LEU N   H2   sing N N 69  
LEU CA  C    sing N N 70  
LEU CA  CB   sing N N 71  
LEU CA  HA   sing N N 72  
LEU C   O    doub N N 73  
LEU C   OXT  sing N N 74  
LEU CB  CG   sing N N 75  
LEU CB  HB2  sing N N 76  
LEU CB  HB3  sing N N 77  
LEU CG  CD1  sing N N 78  
LEU CG  CD2  sing N N 79  
LEU CG  HG   sing N N 80  
LEU CD1 HD11 sing N N 81  
LEU CD1 HD12 sing N N 82  
LEU CD1 HD13 sing N N 83  
LEU CD2 HD21 sing N N 84  
LEU CD2 HD22 sing N N 85  
LEU CD2 HD23 sing N N 86  
LEU OXT HXT  sing N N 87  
LYS N   CA   sing N N 88  
LYS N   H    sing N N 89  
LYS N   H2   sing N N 90  
LYS CA  C    sing N N 91  
LYS CA  CB   sing N N 92  
LYS CA  HA   sing N N 93  
LYS C   O    doub N N 94  
LYS C   OXT  sing N N 95  
LYS CB  CG   sing N N 96  
LYS CB  HB2  sing N N 97  
LYS CB  HB3  sing N N 98  
LYS CG  CD   sing N N 99  
LYS CG  HG2  sing N N 100 
LYS CG  HG3  sing N N 101 
LYS CD  CE   sing N N 102 
LYS CD  HD2  sing N N 103 
LYS CD  HD3  sing N N 104 
LYS CE  NZ   sing N N 105 
LYS CE  HE2  sing N N 106 
LYS CE  HE3  sing N N 107 
LYS NZ  HZ1  sing N N 108 
LYS NZ  HZ2  sing N N 109 
LYS NZ  HZ3  sing N N 110 
LYS OXT HXT  sing N N 111 
MET N   CA   sing N N 112 
MET N   H    sing N N 113 
MET N   H2   sing N N 114 
MET CA  C    sing N N 115 
MET CA  CB   sing N N 116 
MET CA  HA   sing N N 117 
MET C   O    doub N N 118 
MET C   OXT  sing N N 119 
MET CB  CG   sing N N 120 
MET CB  HB2  sing N N 121 
MET CB  HB3  sing N N 122 
MET CG  SD   sing N N 123 
MET CG  HG2  sing N N 124 
MET CG  HG3  sing N N 125 
MET SD  CE   sing N N 126 
MET CE  HE1  sing N N 127 
MET CE  HE2  sing N N 128 
MET CE  HE3  sing N N 129 
MET OXT HXT  sing N N 130 
THR N   CA   sing N N 131 
THR N   H    sing N N 132 
THR N   H2   sing N N 133 
THR CA  C    sing N N 134 
THR CA  CB   sing N N 135 
THR CA  HA   sing N N 136 
THR C   O    doub N N 137 
THR C   OXT  sing N N 138 
THR CB  OG1  sing N N 139 
THR CB  CG2  sing N N 140 
THR CB  HB   sing N N 141 
THR OG1 HG1  sing N N 142 
THR CG2 HG21 sing N N 143 
THR CG2 HG22 sing N N 144 
THR CG2 HG23 sing N N 145 
THR OXT HXT  sing N N 146 
TYR N   CA   sing N N 147 
TYR N   H    sing N N 148 
TYR N   H2   sing N N 149 
TYR CA  C    sing N N 150 
TYR CA  CB   sing N N 151 
TYR CA  HA   sing N N 152 
TYR C   O    doub N N 153 
TYR C   OXT  sing N N 154 
TYR CB  CG   sing N N 155 
TYR CB  HB2  sing N N 156 
TYR CB  HB3  sing N N 157 
TYR CG  CD1  doub Y N 158 
TYR CG  CD2  sing Y N 159 
TYR CD1 CE1  sing Y N 160 
TYR CD1 HD1  sing N N 161 
TYR CD2 CE2  doub Y N 162 
TYR CD2 HD2  sing N N 163 
TYR CE1 CZ   doub Y N 164 
TYR CE1 HE1  sing N N 165 
TYR CE2 CZ   sing Y N 166 
TYR CE2 HE2  sing N N 167 
TYR CZ  OH   sing N N 168 
TYR OH  HH   sing N N 169 
TYR OXT HXT  sing N N 170 
# 
_pdbx_initial_refinement_model.accession_code   ? 
_pdbx_initial_refinement_model.id               1 
_pdbx_initial_refinement_model.entity_id_list   ? 
_pdbx_initial_refinement_model.type             'in silico model' 
_pdbx_initial_refinement_model.source_name      ? 
_pdbx_initial_refinement_model.details          'ROSETTA MODEL' 
# 
_atom_sites.entry_id                    4UOT 
_atom_sites.fract_transf_matrix[1][1]   0.00494948 
_atom_sites.fract_transf_matrix[1][2]   -0.01043069 
_atom_sites.fract_transf_matrix[1][3]   -0.01387595 
_atom_sites.fract_transf_matrix[2][1]   -0.00732633 
_atom_sites.fract_transf_matrix[2][2]   0.00548182 
_atom_sites.fract_transf_matrix[2][3]   -0.00673400 
_atom_sites.fract_transf_matrix[3][1]   0.00687877 
_atom_sites.fract_transf_matrix[3][2]   0.00634673 
_atom_sites.fract_transf_matrix[3][3]   -0.00231728 
_atom_sites.fract_transf_vector[1]      0.237657 
_atom_sites.fract_transf_vector[2]      -0.252876 
_atom_sites.fract_transf_vector[3]      0.119808 
# 
loop_
_atom_type.symbol 
C 
N 
O 
S 
# 
loop_
_atom_site.group_PDB 
_atom_site.id 
_atom_site.type_symbol 
_atom_site.label_atom_id 
_atom_site.label_alt_id 
_atom_site.label_comp_id 
_atom_site.label_asym_id 
_atom_site.label_entity_id 
_atom_site.label_seq_id 
_atom_site.pdbx_PDB_ins_code 
_atom_site.Cartn_x 
_atom_site.Cartn_y 
_atom_site.Cartn_z 
_atom_site.occupancy 
_atom_site.B_iso_or_equiv 
_atom_site.pdbx_formal_charge 
_atom_site.auth_seq_id 
_atom_site.auth_comp_id 
_atom_site.auth_asym_id 
_atom_site.auth_atom_id 
_atom_site.pdbx_PDB_model_num 
HETATM 1    C C   A ACE A 1 1  ? -13.207 22.200  6.233   0.50 14.07 ? 0    ACE A C   1 
HETATM 2    C C   B ACE A 1 1  ? -13.180 22.142  6.156   0.50 14.07 ? 0    ACE A C   1 
HETATM 3    O O   A ACE A 1 1  ? -12.098 21.682  6.255   0.50 13.14 ? 0    ACE A O   1 
HETATM 4    O O   B ACE A 1 1  ? -12.071 21.624  6.178   0.50 13.13 ? 0    ACE A O   1 
HETATM 5    C CH3 A ACE A 1 1  ? -13.401 23.597  5.683   0.50 13.19 ? 0    ACE A CH3 1 
HETATM 6    C CH3 B ACE A 1 1  ? -13.374 23.540  5.606   0.50 13.25 ? 0    ACE A CH3 1 
ATOM   7    N N   A THR A 1 2  ? -14.345 21.470  6.738   0.50 10.39 ? 1    THR A N   1 
ATOM   8    N N   B THR A 1 2  ? -14.317 21.412  6.661   0.50 10.45 ? 1    THR A N   1 
ATOM   9    C CA  A THR A 1 2  ? -14.144 20.120  7.283   0.50 12.32 ? 1    THR A CA  1 
ATOM   10   C CA  B THR A 1 2  ? -14.117 20.062  7.206   0.50 12.31 ? 1    THR A CA  1 
ATOM   11   C C   A THR A 1 2  ? -13.601 19.148  6.267   0.50 11.35 ? 1    THR A C   1 
ATOM   12   C C   B THR A 1 2  ? -13.574 19.090  6.191   0.50 11.40 ? 1    THR A C   1 
ATOM   13   O O   A THR A 1 2  ? -12.736 18.333  6.605   0.50 13.33 ? 1    THR A O   1 
ATOM   14   O O   B THR A 1 2  ? -12.708 18.275  6.528   0.50 13.33 ? 1    THR A O   1 
ATOM   15   C CB  A THR A 1 2  ? -15.436 19.639  7.865   0.50 15.98 ? 1    THR A CB  1 
ATOM   16   C CB  B THR A 1 2  ? -15.409 19.581  7.788   0.50 15.99 ? 1    THR A CB  1 
ATOM   17   O OG1 A THR A 1 2  ? -15.837 20.561  8.829   0.50 19.12 ? 1    THR A OG1 1 
ATOM   18   O OG1 B THR A 1 2  ? -15.809 20.504  8.752   0.50 19.11 ? 1    THR A OG1 1 
ATOM   19   C CG2 A THR A 1 2  ? -15.241 18.285  8.492   0.50 22.54 ? 1    THR A CG2 1 
ATOM   20   C CG2 B THR A 1 2  ? -15.214 18.227  8.416   0.50 22.52 ? 1    THR A CG2 1 
ATOM   21   N N   . GLN A 1 3  ? -14.084 19.214  5.035   1.00 8.53  ? 2    GLN A N   1 
ATOM   22   C CA  . GLN A 1 3  ? -13.626 18.280  4.001   1.00 10.29 ? 2    GLN A CA  1 
ATOM   23   C C   . GLN A 1 3  ? -12.153 18.499  3.641   1.00 12.76 ? 2    GLN A C   1 
ATOM   24   O O   . GLN A 1 3  ? -11.410 17.537  3.443   1.00 13.01 ? 2    GLN A O   1 
ATOM   25   C CB  . GLN A 1 3  ? -14.525 18.353  2.763   1.00 14.10 ? 2    GLN A CB  1 
ATOM   26   C CG  . GLN A 1 3  ? -15.941 17.851  3.043   1.00 21.73 ? 2    GLN A CG  1 
ATOM   27   C CD  . GLN A 1 3  ? -16.921 18.167  1.932   1.00 32.38 ? 2    GLN A CD  1 
ATOM   28   O OE1 . GLN A 1 3  ? -16.536 18.605  0.848   1.00 33.49 ? 2    GLN A OE1 1 
ATOM   29   N NE2 . GLN A 1 3  ? -18.203 17.946  2.201   1.00 21.19 ? 2    GLN A NE2 1 
ATOM   30   N N   . GLU A 1 4  ? -11.760 19.757  3.590   1.00 11.36 ? 3    GLU A N   1 
ATOM   31   C CA  . GLU A 1 4  ? -10.368 20.061  3.297   1.00 10.16 ? 3    GLU A CA  1 
ATOM   32   C C   . GLU A 1 4  ? -9.468  19.477  4.421   1.00 11.14 ? 3    GLU A C   1 
ATOM   33   O O   . GLU A 1 4  ? -8.441  18.924  4.179   1.00 9.43  ? 3    GLU A O   1 
ATOM   34   C CB  . GLU A 1 4  ? -10.148 21.576  3.192   1.00 8.52  ? 3    GLU A CB  1 
ATOM   35   C CG  . GLU A 1 4  ? -8.713  22.049  3.248   1.00 14.79 ? 3    GLU A CG  1 
ATOM   36   C CD  . GLU A 1 4  ? -8.526  23.582  3.321   1.00 23.28 ? 3    GLU A CD  1 
ATOM   37   O OE1 . GLU A 1 4  ? -9.406  24.315  2.862   1.00 26.25 ? 3    GLU A OE1 1 
ATOM   38   O OE2 . GLU A 1 4  ? -7.492  24.020  3.788   1.00 23.12 ? 3    GLU A OE2 1 
ATOM   39   N N   . TYR A 1 5  ? -9.928  19.607  5.663   1.00 8.49  ? 4    TYR A N   1 
ATOM   40   C CA  . TYR A 1 5  ? -9.173  19.105  6.768   1.00 9.72  ? 4    TYR A CA  1 
ATOM   41   C C   . TYR A 1 5  ? -8.971  17.574  6.694   1.00 12.66 ? 4    TYR A C   1 
ATOM   42   O O   . TYR A 1 5  ? -7.938  17.079  6.981   1.00 8.99  ? 4    TYR A O   1 
ATOM   43   C CB  . TYR A 1 5  ? -9.858  19.466  8.076   1.00 9.31  ? 4    TYR A CB  1 
ATOM   44   C CG  . TYR A 1 5  ? -9.293  18.832  9.269   1.00 12.79 ? 4    TYR A CG  1 
ATOM   45   C CD1 . TYR A 1 5  ? -8.240  19.370  9.915   1.00 18.20 ? 4    TYR A CD1 1 
ATOM   46   C CD2 . TYR A 1 5  ? -9.801  17.669  9.754   1.00 15.02 ? 4    TYR A CD2 1 
ATOM   47   C CE1 . TYR A 1 5  ? -7.692  18.764  11.012  1.00 21.12 ? 4    TYR A CE1 1 
ATOM   48   C CE2 . TYR A 1 5  ? -9.286  17.072  10.845  1.00 21.52 ? 4    TYR A CE2 1 
ATOM   49   C CZ  . TYR A 1 5  ? -8.231  17.625  11.472  1.00 22.82 ? 4    TYR A CZ  1 
ATOM   50   O OH  . TYR A 1 5  ? -7.725  16.980  12.541  1.00 29.60 ? 4    TYR A OH  1 
ATOM   51   N N   . LEU A 1 6  ? -10.040 16.867  6.404   1.00 7.39  ? 5    LEU A N   1 
ATOM   52   C CA  . LEU A 1 6  ? -9.973  15.430  6.290   1.00 8.95  ? 5    LEU A CA  1 
ATOM   53   C C   . LEU A 1 6  ? -9.086  14.975  5.095   1.00 8.75  ? 5    LEU A C   1 
ATOM   54   O O   . LEU A 1 6  ? -8.386  14.041  5.215   1.00 8.79  ? 5    LEU A O   1 
ATOM   55   C CB  . LEU A 1 6  ? -11.361 14.821  6.211   1.00 7.45  ? 5    LEU A CB  1 
ATOM   56   C CG  . LEU A 1 6  ? -12.199 15.130  7.425   1.00 8.68  ? 5    LEU A CG  1 
ATOM   57   C CD1 . LEU A 1 6  ? -13.656 14.702  7.275   1.00 6.93  ? 5    LEU A CD1 1 
ATOM   58   C CD2 . LEU A 1 6  ? -11.610 14.476  8.622   1.00 9.37  ? 5    LEU A CD2 1 
ATOM   59   N N   . LEU A 1 7  ? -9.187  15.689  3.993   1.00 5.86  ? 6    LEU A N   1 
ATOM   60   C CA  . LEU A 1 7  ? -8.333  15.337  2.855   1.00 6.57  ? 6    LEU A CA  1 
ATOM   61   C C   . LEU A 1 7  ? -6.879  15.495  3.286   1.00 9.78  ? 6    LEU A C   1 
ATOM   62   O O   . LEU A 1 7  ? -6.076  14.750  2.915   1.00 9.43  ? 6    LEU A O   1 
ATOM   63   C CB  . LEU A 1 7  ? -8.570  16.185  1.615   1.00 7.34  ? 6    LEU A CB  1 
ATOM   64   C CG  . LEU A 1 7  ? -9.911  15.909  0.971   1.00 7.40  ? 6    LEU A CG  1 
ATOM   65   C CD1 . LEU A 1 7  ? -10.241 16.878  -0.152  1.00 9.32  ? 6    LEU A CD1 1 
ATOM   66   C CD2 . LEU A 1 7  ? -10.031 14.476  0.468   1.00 7.92  ? 6    LEU A CD2 1 
ATOM   67   N N   . LYS A 1 8  ? -6.607  16.537  4.046   1.00 8.03  ? 7    LYS A N   1 
ATOM   68   C CA  . LYS A 1 8  ? -5.236  16.733  4.539   1.00 7.20  ? 7    LYS A CA  1 
ATOM   69   C C   . LYS A 1 8  ? -4.791  15.650  5.525   1.00 12.02 ? 7    LYS A C   1 
ATOM   70   O O   . LYS A 1 8  ? -3.641  15.261  5.549   1.00 11.88 ? 7    LYS A O   1 
ATOM   71   C CB  . LYS A 1 8  ? -5.041  18.123  5.144   1.00 10.83 ? 7    LYS A CB  1 
ATOM   72   C CG  . LYS A 1 8  ? -4.909  19.183  4.109   1.00 11.07 ? 7    LYS A CG  1 
ATOM   73   C CD  . LYS A 1 8  ? -4.965  20.540  4.818   1.00 19.17 ? 7    LYS A CD  1 
ATOM   74   C CE  . LYS A 1 8  ? -5.012  21.633  3.838   1.00 21.34 ? 7    LYS A CE  1 
ATOM   75   N NZ  . LYS A 1 8  ? -5.253  22.978  4.419   1.00 17.94 ? 7    LYS A NZ  1 
ATOM   76   N N   . GLU A 1 9  ? -5.713  15.226  6.372   1.00 8.66  ? 8    GLU A N   1 
ATOM   77   C CA  . GLU A 1 9  ? -5.413  14.111  7.236   1.00 10.57 ? 8    GLU A CA  1 
ATOM   78   C C   . GLU A 1 9  ? -5.127  12.834  6.397   1.00 9.96  ? 8    GLU A C   1 
ATOM   79   O O   . GLU A 1 9  ? -4.291  12.045  6.728   1.00 9.66  ? 8    GLU A O   1 
ATOM   80   C CB  . GLU A 1 9  ? -6.531  13.821  8.203   1.00 10.45 ? 8    GLU A CB  1 
ATOM   81   C CG  . GLU A 1 9  ? -6.704  14.921  9.204   1.00 14.82 ? 8    GLU A CG  1 
ATOM   82   C CD  . GLU A 1 9  ? -5.490  15.104  10.080  1.00 20.58 ? 8    GLU A CD  1 
ATOM   83   O OE1 . GLU A 1 9  ? -5.128  14.133  10.691  1.00 23.36 ? 8    GLU A OE1 1 
ATOM   84   O OE2 . GLU A 1 9  ? -4.934  16.154  10.077  1.00 19.07 ? 8    GLU A OE2 1 
ATOM   85   N N   . ILE A 1 10 ? -5.879  12.660  5.317   1.00 6.28  ? 9    ILE A N   1 
ATOM   86   C CA  . ILE A 1 10 ? -5.628  11.512  4.442   1.00 5.40  ? 9    ILE A CA  1 
ATOM   87   C C   . ILE A 1 10 ? -4.208  11.610  3.822   1.00 9.05  ? 9    ILE A C   1 
ATOM   88   O O   . ILE A 1 10 ? -3.513  10.646  3.730   1.00 8.51  ? 9    ILE A O   1 
ATOM   89   C CB  . ILE A 1 10 ? -6.729  11.350  3.362   1.00 6.82  ? 9    ILE A CB  1 
ATOM   90   C CG1 . ILE A 1 10 ? -7.989  10.834  4.022   1.00 4.60  ? 9    ILE A CG1 1 
ATOM   91   C CG2 . ILE A 1 10 ? -6.280  10.529  2.186   1.00 5.90  ? 9    ILE A CG2 1 
ATOM   92   C CD1 . ILE A 1 10 ? -9.275  11.063  3.233   1.00 5.63  ? 9    ILE A CD1 1 
ATOM   93   N N   . MET A 1 11 ? -3.851  12.811  3.411   1.00 5.33  ? 10   MET A N   1 
ATOM   94   C CA  . MET A 1 11 ? -2.516  12.997  2.869   1.00 9.29  ? 10   MET A CA  1 
ATOM   95   C C   . MET A 1 11 ? -1.463  12.601  3.917   1.00 10.09 ? 10   MET A C   1 
ATOM   96   O O   . MET A 1 11 ? -0.530  11.988  3.570   1.00 10.99 ? 10   MET A O   1 
ATOM   97   C CB  . MET A 1 11 ? -2.270  14.453  2.435   1.00 6.10  ? 10   MET A CB  1 
ATOM   98   C CG  . MET A 1 11 ? -3.039  14.771  1.191   1.00 8.76  ? 10   MET A CG  1 
ATOM   99   S SD  . MET A 1 11 ? -3.150  16.520  0.705   1.00 18.97 ? 10   MET A SD  1 
ATOM   100  C CE  . MET A 1 11 ? -1.429  16.844  0.372   1.00 19.55 ? 10   MET A CE  1 
ATOM   101  N N   . LYS A 1 12 ? -1.664  12.944  5.180   1.00 8.30  ? 11   LYS A N   1 
ATOM   102  C CA  . LYS A 1 12 ? -0.672  12.554  6.195   1.00 7.32  ? 11   LYS A CA  1 
ATOM   103  C C   . LYS A 1 12 ? -0.564  11.044  6.317   1.00 8.39  ? 11   LYS A C   1 
ATOM   104  O O   . LYS A 1 12 ? 0.499   10.540  6.492   1.00 9.97  ? 11   LYS A O   1 
ATOM   105  C CB  . LYS A 1 12 ? -1.015  13.066  7.555   1.00 11.78 ? 11   LYS A CB  1 
ATOM   106  C CG  . LYS A 1 12 ? -0.909  14.571  7.622   1.00 21.06 ? 11   LYS A CG  1 
ATOM   107  C CD  . LYS A 1 12 ? -1.567  15.067  8.894   1.00 24.83 ? 11   LYS A CD  1 
ATOM   108  C CE  . LYS A 1 12 ? -1.587  16.554  9.075   1.00 26.27 ? 11   LYS A CE  1 
ATOM   109  N NZ  . LYS A 1 12 ? -2.153  16.836  10.413  1.00 25.42 ? 11   LYS A NZ  1 
ATOM   110  N N   . LEU A 1 13 ? -1.701  10.365  6.247   1.00 6.31  ? 12   LEU A N   1 
ATOM   111  C CA  . LEU A 1 13 ? -1.639  8.886   6.272   1.00 8.11  ? 12   LEU A CA  1 
ATOM   112  C C   . LEU A 1 13 ? -0.894  8.276   5.044   1.00 9.86  ? 12   LEU A C   1 
ATOM   113  O O   . LEU A 1 13 ? -0.232  7.294   5.173   1.00 7.72  ? 12   LEU A O   1 
ATOM   114  C CB  . LEU A 1 13 ? -3.007  8.239   6.435   1.00 6.06  ? 12   LEU A CB  1 
ATOM   115  C CG  . LEU A 1 13 ? -3.668  8.806   7.666   1.00 8.34  ? 12   LEU A CG  1 
ATOM   116  C CD1 . LEU A 1 13 ? -5.142  8.463   7.658   1.00 9.86  ? 12   LEU A CD1 1 
ATOM   117  C CD2 . LEU A 1 13 ? -3.115  8.264   8.930   1.00 10.99 ? 12   LEU A CD2 1 
ATOM   118  N N   . LEU A 1 14 ? -1.114  8.867   3.903   1.00 3.96  ? 13   LEU A N   1 
ATOM   119  C CA  . LEU A 1 14 ? -0.506  8.337   2.716   1.00 7.35  ? 13   LEU A CA  1 
ATOM   120  C C   . LEU A 1 14 ? 1.019   8.521   2.796   1.00 9.67  ? 13   LEU A C   1 
ATOM   121  O O   . LEU A 1 14 ? 1.766   7.706   2.391   1.00 8.60  ? 13   LEU A O   1 
ATOM   122  C CB  . LEU A 1 14 ? -1.036  8.962   1.430   1.00 7.85  ? 13   LEU A CB  1 
ATOM   123  C CG  . LEU A 1 14 ? -2.504  8.672   1.152   1.00 8.28  ? 13   LEU A CG  1 
ATOM   124  C CD1 . LEU A 1 14 ? -2.980  9.413   -0.060  1.00 9.73  ? 13   LEU A CD1 1 
ATOM   125  C CD2 . LEU A 1 14 ? -2.619  7.171   0.875   1.00 11.76 ? 13   LEU A CD2 1 
ATOM   126  N N   . LYS A 1 15 ? 1.414   9.667   3.291   1.00 6.10  ? 14   LYS A N   1 
ATOM   127  C CA  . LYS A 1 15 ? 2.834   9.910   3.561   1.00 9.18  ? 14   LYS A CA  1 
ATOM   128  C C   . LYS A 1 15 ? 3.470   8.929   4.536   1.00 8.61  ? 14   LYS A C   1 
ATOM   129  O O   . LYS A 1 15 ? 4.570   8.554   4.401   1.00 9.79  ? 14   LYS A O   1 
ATOM   130  C CB  . LYS A 1 15 ? 3.032   11.310  4.084   1.00 7.96  ? 14   LYS A CB  1 
ATOM   131  C CG  . LYS A 1 15 ? 2.805   12.335  3.046   1.00 10.21 ? 14   LYS A CG  1 
ATOM   132  C CD  . LYS A 1 15 ? 3.224   13.727  3.448   1.00 17.30 ? 14   LYS A CD  1 
ATOM   133  C CE  . LYS A 1 15 ? 3.008   14.729  2.345   1.00 36.31 ? 14   LYS A CE  1 
ATOM   134  N NZ  . LYS A 1 15 ? 2.739   16.124  2.863   1.00 39.43 ? 14   LYS A NZ  1 
ATOM   135  N N   . GLU A 1 16 ? 2.718   8.578   5.536   1.00 7.53  ? 15   GLU A N   1 
ATOM   136  C CA  . GLU A 1 16 ? 3.172   7.579   6.463   1.00 10.43 ? 15   GLU A CA  1 
ATOM   137  C C   . GLU A 1 16 ? 3.321   6.205   5.769   1.00 12.04 ? 15   GLU A C   1 
ATOM   138  O O   . GLU A 1 16 ? 4.296   5.527   5.974   1.00 9.30  ? 15   GLU A O   1 
ATOM   139  C CB  . GLU A 1 16 ? 2.314   7.488   7.703   1.00 11.69 ? 15   GLU A CB  1 
ATOM   140  C CG  . GLU A 1 16 ? 2.683   6.355   8.613   1.00 20.10 ? 15   GLU A CG  1 
ATOM   141  C CD  . GLU A 1 16 ? 3.984   6.571   9.365   1.00 37.29 ? 15   GLU A CD  1 
ATOM   142  O OE1 . GLU A 1 16 ? 4.449   7.690   9.408   1.00 41.39 ? 15   GLU A OE1 1 
ATOM   143  O OE2 . GLU A 1 16 ? 4.503   5.626   9.964   1.00 35.80 ? 15   GLU A OE2 1 
ATOM   144  N N   A GLN A 1 17 ? 2.377   5.864   4.891   0.50 6.25  ? 16   GLN A N   1 
ATOM   145  N N   B GLN A 1 17 ? 2.405   5.806   4.815   0.50 6.29  ? 16   GLN A N   1 
ATOM   146  C CA  A GLN A 1 17 ? 2.518   4.615   4.175   0.50 6.38  ? 16   GLN A CA  1 
ATOM   147  C CA  B GLN A 1 17 ? 2.546   4.558   4.098   0.50 6.40  ? 16   GLN A CA  1 
ATOM   148  C C   A GLN A 1 17 ? 3.786   4.645   3.317   0.50 9.45  ? 16   GLN A C   1 
ATOM   149  C C   B GLN A 1 17 ? 3.813   4.587   3.240   0.50 9.50  ? 16   GLN A C   1 
ATOM   150  O O   A GLN A 1 17 ? 4.476   3.737   3.247   0.50 8.36  ? 16   GLN A O   1 
ATOM   151  O O   B GLN A 1 17 ? 4.504   3.679   3.170   0.50 8.35  ? 16   GLN A O   1 
ATOM   152  C CB  A GLN A 1 17 ? 1.329   4.338   3.288   0.50 8.04  ? 16   GLN A CB  1 
ATOM   153  C CB  B GLN A 1 17 ? 1.356   4.280   3.211   0.50 8.01  ? 16   GLN A CB  1 
ATOM   154  C CG  A GLN A 1 17 ? 0.093   4.117   4.090   0.50 9.19  ? 16   GLN A CG  1 
ATOM   155  C CG  B GLN A 1 17 ? 0.127   4.028   4.015   0.50 9.26  ? 16   GLN A CG  1 
ATOM   156  C CD  A GLN A 1 17 ? -1.120  3.882   3.223   0.50 13.32 ? 16   GLN A CD  1 
ATOM   157  C CD  B GLN A 1 17 ? -1.092  3.820   3.148   0.50 13.37 ? 16   GLN A CD  1 
ATOM   158  O OE1 A GLN A 1 17 ? -1.022  3.501   2.136   0.50 16.37 ? 16   GLN A OE1 1 
ATOM   159  O OE1 B GLN A 1 17 ? -1.157  4.258   2.081   0.50 10.95 ? 16   GLN A OE1 1 
ATOM   160  N NE2 A GLN A 1 17 ? -2.239  4.122   3.758   0.50 13.71 ? 16   GLN A NE2 1 
ATOM   161  N NE2 B GLN A 1 17 ? -2.024  3.140   3.660   0.50 8.86  ? 16   GLN A NE2 1 
ATOM   162  N N   . ILE A 1 18 ? 4.024   5.770   2.679   1.00 6.53  ? 17   ILE A N   1 
ATOM   163  C CA  . ILE A 1 18 ? 5.199   5.910   1.814   1.00 6.60  ? 17   ILE A CA  1 
ATOM   164  C C   . ILE A 1 18 ? 6.470   5.719   2.646   1.00 8.28  ? 17   ILE A C   1 
ATOM   165  O O   . ILE A 1 18 ? 7.382   5.101   2.220   1.00 9.03  ? 17   ILE A O   1 
ATOM   166  C CB  . ILE A 1 18 ? 5.216   7.312   1.155   1.00 6.52  ? 17   ILE A CB  1 
ATOM   167  C CG1 . ILE A 1 18 ? 4.241   7.308   0.008   1.00 6.74  ? 17   ILE A CG1 1 
ATOM   168  C CG2 . ILE A 1 18 ? 6.592   7.771   0.672   1.00 6.64  ? 17   ILE A CG2 1 
ATOM   169  C CD1 . ILE A 1 18 ? 3.925   8.646   -0.584  1.00 6.43  ? 17   ILE A CD1 1 
ATOM   170  N N   . LYS A 1 19 ? 6.481   6.280   3.826   1.00 6.64  ? 18   LYS A N   1 
ATOM   171  C CA  . LYS A 1 19 ? 7.666   6.155   4.668   1.00 7.61  ? 18   LYS A CA  1 
ATOM   172  C C   . LYS A 1 19 ? 7.911   4.654   5.005   1.00 10.57 ? 18   LYS A C   1 
ATOM   173  O O   . LYS A 1 19 ? 9.034   4.202   4.996   1.00 9.59  ? 18   LYS A O   1 
ATOM   174  C CB  . LYS A 1 19 ? 7.484   6.935   5.912   1.00 10.40 ? 18   LYS A CB  1 
ATOM   175  C CG  . LYS A 1 19 ? 8.450   6.701   6.975   1.00 18.85 ? 18   LYS A CG  1 
ATOM   176  C CD  . LYS A 1 19 ? 8.745   8.031   7.636   1.00 36.70 ? 18   LYS A CD  1 
ATOM   177  C CE  . LYS A 1 19 ? 7.944   8.342   8.861   1.00 45.00 ? 18   LYS A CE  1 
ATOM   178  N NZ  . LYS A 1 19 ? 6.463   8.622   8.812   1.00 50.71 ? 18   LYS A NZ  1 
ATOM   179  N N   . LEU A 1 20 ? 6.814   3.957   5.308   1.00 5.56  ? 19   LEU A N   1 
ATOM   180  C CA  . LEU A 1 20 ? 6.904   2.535   5.604   1.00 6.62  ? 19   LEU A CA  1 
ATOM   181  C C   . LEU A 1 20 ? 7.348   1.720   4.384   1.00 9.90  ? 19   LEU A C   1 
ATOM   182  O O   . LEU A 1 20 ? 8.080   0.796   4.513   1.00 8.29  ? 19   LEU A O   1 
ATOM   183  C CB  . LEU A 1 20 ? 5.609   2.008   6.181   1.00 6.19  ? 19   LEU A CB  1 
ATOM   184  C CG  . LEU A 1 20 ? 5.237   2.709   7.460   1.00 7.41  ? 19   LEU A CG  1 
ATOM   185  C CD1 . LEU A 1 20 ? 3.788   2.434   7.844   1.00 10.22 ? 19   LEU A CD1 1 
ATOM   186  C CD2 . LEU A 1 20 ? 6.162   2.291   8.576   1.00 10.36 ? 19   LEU A CD2 1 
ATOM   187  N N   . LEU A 1 21 ? 6.822   2.087   3.233   1.00 4.62  ? 20   LEU A N   1 
ATOM   188  C CA  . LEU A 1 21 ? 7.211   1.402   2.030   1.00 5.77  ? 20   LEU A CA  1 
ATOM   189  C C   . LEU A 1 21 ? 8.727   1.593   1.779   1.00 10.29 ? 20   LEU A C   1 
ATOM   190  O O   . LEU A 1 21 ? 9.375   0.688   1.331   1.00 8.40  ? 20   LEU A O   1 
ATOM   191  C CB  . LEU A 1 21 ? 6.472   1.872   0.771   1.00 4.20  ? 20   LEU A CB  1 
ATOM   192  C CG  . LEU A 1 21 ? 5.015   1.477   0.724   1.00 8.05  ? 20   LEU A CG  1 
ATOM   193  C CD1 . LEU A 1 21 ? 4.246   2.191   -0.380  1.00 7.13  ? 20   LEU A CD1 1 
ATOM   194  C CD2 . LEU A 1 21 ? 4.835   -0.020  0.665   1.00 8.40  ? 20   LEU A CD2 1 
ATOM   195  N N   . LYS A 1 22 ? 9.224   2.789   2.043   1.00 4.99  ? 21   LYS A N   1 
ATOM   196  C CA  . LYS A 1 22 ? 10.652  2.995   1.924   1.00 6.23  ? 21   LYS A CA  1 
ATOM   197  C C   . LYS A 1 22 ? 11.471  2.132   2.924   1.00 9.44  ? 21   LYS A C   1 
ATOM   198  O O   . LYS A 1 22 ? 12.533  1.681   2.594   1.00 10.38 ? 21   LYS A O   1 
ATOM   199  C CB  . LYS A 1 22 ? 11.021  4.456   2.076   1.00 6.49  ? 21   LYS A CB  1 
ATOM   200  C CG  . LYS A 1 22 ? 10.571  5.290   0.913   1.00 7.73  ? 21   LYS A CG  1 
ATOM   201  C CD  . LYS A 1 22 ? 10.800  6.775   1.140   1.00 12.17 ? 21   LYS A CD  1 
ATOM   202  C CE  . LYS A 1 22 ? 10.460  7.580   -0.088  1.00 22.98 ? 21   LYS A CE  1 
ATOM   203  N NZ  . LYS A 1 22 ? 10.503  9.055   0.158   1.00 28.09 ? 21   LYS A NZ  1 
ATOM   204  N N   . GLU A 1 23 ? 10.960  1.958   4.123   1.00 5.29  ? 22   GLU A N   1 
ATOM   205  C CA  . GLU A 1 23 ? 11.595  1.130   5.115   1.00 7.84  ? 22   GLU A CA  1 
ATOM   206  C C   . GLU A 1 23 ? 11.617  -0.319  4.641   1.00 10.99 ? 22   GLU A C   1 
ATOM   207  O O   . GLU A 1 23 ? 12.593  -1.000  4.788   1.00 9.51  ? 22   GLU A O   1 
ATOM   208  C CB  . GLU A 1 23 ? 10.948  1.213   6.468   1.00 8.02  ? 22   GLU A CB  1 
ATOM   209  C CG  . GLU A 1 23 ? 11.668  0.444   7.531   1.00 16.85 ? 22   GLU A CG  1 
ATOM   210  C CD  . GLU A 1 23 ? 11.249  0.769   8.981   1.00 42.70 ? 22   GLU A CD  1 
ATOM   211  O OE1 . GLU A 1 23 ? 10.184  1.387   9.242   1.00 36.45 ? 22   GLU A OE1 1 
ATOM   212  O OE2 . GLU A 1 23 ? 11.989  0.409   9.897   1.00 43.14 ? 22   GLU A OE2 1 
ATOM   213  N N   . GLN A 1 24 ? 10.523  -0.750  4.028   1.00 8.79  ? 23   GLN A N   1 
ATOM   214  C CA  . GLN A 1 24 ? 10.499  -2.106  3.503   1.00 7.67  ? 23   GLN A CA  1 
ATOM   215  C C   . GLN A 1 24 ? 11.599  -2.358  2.436   1.00 11.76 ? 23   GLN A C   1 
ATOM   216  O O   . GLN A 1 24 ? 12.217  -3.338  2.406   1.00 7.73  ? 23   GLN A O   1 
ATOM   217  C CB  . GLN A 1 24 ? 9.159   -2.407  2.866   1.00 8.38  ? 23   GLN A CB  1 
ATOM   218  C CG  . GLN A 1 24 ? 8.099   -2.547  3.925   1.00 8.48  ? 23   GLN A CG  1 
ATOM   219  C CD  . GLN A 1 24 ? 6.734   -2.912  3.390   1.00 12.87 ? 23   GLN A CD  1 
ATOM   220  O OE1 . GLN A 1 24 ? 6.495   -2.911  2.253   1.00 14.05 ? 23   GLN A OE1 1 
ATOM   221  N NE2 . GLN A 1 24 ? 5.850   -3.168  4.283   1.00 13.09 ? 23   GLN A NE2 1 
ATOM   222  N N   . ILE A 1 25 ? 11.760  -1.379  1.560   1.00 7.33  ? 24   ILE A N   1 
ATOM   223  C CA  . ILE A 1 25 ? 12.776  -1.432  0.520   1.00 4.28  ? 24   ILE A CA  1 
ATOM   224  C C   . ILE A 1 25 ? 14.180  -1.485  1.160   1.00 8.60  ? 24   ILE A C   1 
ATOM   225  O O   . ILE A 1 25 ? 15.007  -2.217  0.725   1.00 9.11  ? 24   ILE A O   1 
ATOM   226  C CB  . ILE A 1 25 ? 12.668  -0.238  -0.456  1.00 6.38  ? 24   ILE A CB  1 
ATOM   227  C CG1 . ILE A 1 25 ? 11.437  -0.425  -1.321  1.00 8.59  ? 24   ILE A CG1 1 
ATOM   228  C CG2 . ILE A 1 25 ? 13.891  -0.119  -1.322  1.00 12.18 ? 24   ILE A CG2 1 
ATOM   229  C CD1 . ILE A 1 25 ? 11.030  0.824   -2.049  1.00 13.55 ? 24   ILE A CD1 1 
ATOM   230  N N   . LYS A 1 26 ? 14.360  -0.717  2.204   1.00 7.38  ? 25   LYS A N   1 
ATOM   231  C CA  . LYS A 1 26 ? 15.668  -0.755  2.886   1.00 9.04  ? 25   LYS A CA  1 
ATOM   232  C C   . LYS A 1 26 ? 15.949  -2.179  3.427   1.00 12.29 ? 25   LYS A C   1 
ATOM   233  O O   . LYS A 1 26 ? 17.016  -2.699  3.273   1.00 12.34 ? 25   LYS A O   1 
ATOM   234  C CB  . LYS A 1 26 ? 15.788  0.295   3.965   1.00 12.41 ? 25   LYS A CB  1 
ATOM   235  C CG  . LYS A 1 26 ? 16.786  0.026   5.034   1.00 20.93 ? 25   LYS A CG  1 
ATOM   236  C CD  . LYS A 1 26 ? 17.107  1.283   5.779   1.00 27.25 ? 25   LYS A CD  1 
ATOM   237  C CE  . LYS A 1 26 ? 18.378  1.192   6.597   1.00 37.78 ? 25   LYS A CE  1 
ATOM   238  N NZ  . LYS A 1 26 ? 18.673  2.506   7.236   1.00 40.99 ? 25   LYS A NZ  1 
ATOM   239  N N   . MET A 1 27 ? 14.941  -2.780  4.004   1.00 9.44  ? 26   MET A N   1 
ATOM   240  C CA  . MET A 1 27 ? 15.055  -4.124  4.522   1.00 9.85  ? 26   MET A CA  1 
ATOM   241  C C   . MET A 1 27 ? 15.282  -5.179  3.443   1.00 11.88 ? 26   MET A C   1 
ATOM   242  O O   . MET A 1 27 ? 16.011  -6.083  3.625   1.00 8.14  ? 26   MET A O   1 
ATOM   243  C CB  . MET A 1 27 ? 13.871  -4.478  5.367   1.00 9.69  ? 26   MET A CB  1 
ATOM   244  C CG  . MET A 1 27 ? 13.900  -3.597  6.551   1.00 20.23 ? 26   MET A CG  1 
ATOM   245  S SD  . MET A 1 27 ? 12.469  -3.668  7.577   1.00 31.86 ? 26   MET A SD  1 
ATOM   246  C CE  . MET A 1 27 ? 12.842  -5.155  8.449   1.00 27.41 ? 26   MET A CE  1 
ATOM   247  N N   . LEU A 1 28 ? 14.616  -5.010  2.322   1.00 5.19  ? 27   LEU A N   1 
ATOM   248  C CA  . LEU A 1 28 ? 14.832  -5.917  1.225   1.00 7.30  ? 27   LEU A CA  1 
ATOM   249  C C   . LEU A 1 28 ? 16.277  -5.834  0.723   1.00 7.55  ? 27   LEU A C   1 
ATOM   250  O O   . LEU A 1 28 ? 16.833  -6.789  0.326   1.00 8.51  ? 27   LEU A O   1 
ATOM   251  C CB  . LEU A 1 28 ? 13.879  -5.638  0.105   1.00 5.60  ? 27   LEU A CB  1 
ATOM   252  C CG  . LEU A 1 28 ? 12.444  -5.977  0.450   1.00 5.58  ? 27   LEU A CG  1 
ATOM   253  C CD1 . LEU A 1 28 ? 11.520  -5.421  -0.612  1.00 8.78  ? 27   LEU A CD1 1 
ATOM   254  C CD2 . LEU A 1 28 ? 12.236  -7.467  0.582   1.00 10.18 ? 27   LEU A CD2 1 
ATOM   255  N N   . LYS A 1 29 ? 16.800  -4.610  0.698   1.00 7.37  ? 28   LYS A N   1 
ATOM   256  C CA  . LYS A 1 29 ? 18.198  -4.454  0.303   1.00 10.06 ? 28   LYS A CA  1 
ATOM   257  C C   . LYS A 1 29 ? 19.156  -5.129  1.277   1.00 11.58 ? 28   LYS A C   1 
ATOM   258  O O   . LYS A 1 29 ? 20.139  -5.660  0.871   1.00 9.97  ? 28   LYS A O   1 
ATOM   259  C CB  . LYS A 1 29 ? 18.574  -3.003  0.013   1.00 10.86 ? 28   LYS A CB  1 
ATOM   260  C CG  . LYS A 1 29 ? 17.902  -2.569  -1.251  1.00 14.85 ? 28   LYS A CG  1 
ATOM   261  C CD  . LYS A 1 29 ? 18.076  -1.114  -1.516  1.00 20.99 ? 28   LYS A CD  1 
ATOM   262  C CE  . LYS A 1 29 ? 17.503  -0.655  -2.808  1.00 28.48 ? 28   LYS A CE  1 
ATOM   263  N NZ  . LYS A 1 29 ? 17.398  0.791   -2.701  1.00 37.68 ? 28   LYS A NZ  1 
ATOM   264  N N   . GLU A 1 30 ? 18.831  -5.068  2.549   1.00 7.92  ? 29   GLU A N   1 
ATOM   265  C CA  . GLU A 1 30 ? 19.599  -5.806  3.516   1.00 9.39  ? 29   GLU A CA  1 
ATOM   266  C C   . GLU A 1 30 ? 19.525  -7.323  3.256   1.00 12.67 ? 29   GLU A C   1 
ATOM   267  O O   . GLU A 1 30 ? 20.480  -7.978  3.368   1.00 9.62  ? 29   GLU A O   1 
ATOM   268  C CB  . GLU A 1 30 ? 19.111  -5.551  4.931   1.00 14.65 ? 29   GLU A CB  1 
ATOM   269  C CG  . GLU A 1 30 ? 19.519  -4.225  5.519   1.00 23.05 ? 29   GLU A CG  1 
ATOM   270  C CD  . GLU A 1 30 ? 18.901  -3.960  6.886   1.00 40.06 ? 29   GLU A CD  1 
ATOM   271  O OE1 . GLU A 1 30 ? 18.996  -4.782  7.787   1.00 44.90 ? 29   GLU A OE1 1 
ATOM   272  O OE2 . GLU A 1 30 ? 18.298  -2.916  7.084   1.00 49.31 ? 29   GLU A OE2 1 
ATOM   273  N N   . LEU A 1 31 ? 18.330  -7.812  2.951   1.00 6.59  ? 30   LEU A N   1 
ATOM   274  C CA  . LEU A 1 31 ? 18.190  -9.220  2.653   1.00 8.19  ? 30   LEU A CA  1 
ATOM   275  C C   . LEU A 1 31 ? 18.994  -9.587  1.414   1.00 7.84  ? 30   LEU A C   1 
ATOM   276  O O   . LEU A 1 31 ? 19.485  -10.672 1.309   1.00 8.76  ? 30   LEU A O   1 
ATOM   277  C CB  . LEU A 1 31 ? 16.717  -9.597  2.453   1.00 5.43  ? 30   LEU A CB  1 
ATOM   278  C CG  . LEU A 1 31 ? 15.942  -9.499  3.731   1.00 7.38  ? 30   LEU A CG  1 
ATOM   279  C CD1 . LEU A 1 31 ? 14.447  -9.681  3.463   1.00 12.16 ? 30   LEU A CD1 1 
ATOM   280  C CD2 . LEU A 1 31 ? 16.395  -10.536 4.728   1.00 13.79 ? 30   LEU A CD2 1 
ATOM   281  N N   . GLU A 1 32 ? 18.990  -8.700  0.452   1.00 6.64  ? 31   GLU A N   1 
ATOM   282  C CA  . GLU A 1 32 ? 19.735  -8.974  -0.766  1.00 8.73  ? 31   GLU A CA  1 
ATOM   283  C C   . GLU A 1 32 ? 21.232  -9.089  -0.470  1.00 8.72  ? 31   GLU A C   1 
ATOM   284  O O   . GLU A 1 32 ? 21.927  -9.900  -1.089  1.00 11.10 ? 31   GLU A O   1 
ATOM   285  C CB  . GLU A 1 32 ? 19.469  -7.920  -1.839  1.00 13.39 ? 31   GLU A CB  1 
ATOM   286  C CG  . GLU A 1 32 ? 20.507  -7.949  -2.945  1.00 22.84 ? 31   GLU A CG  1 
ATOM   287  C CD  . GLU A 1 32 ? 19.926  -7.740  -4.313  1.00 47.81 ? 31   GLU A CD  1 
ATOM   288  O OE1 . GLU A 1 32 ? 19.344  -6.662  -4.552  1.00 47.91 ? 31   GLU A OE1 1 
ATOM   289  O OE2 . GLU A 1 32 ? 20.060  -8.659  -5.151  1.00 59.96 ? 31   GLU A OE2 1 
ATOM   290  N N   . LYS A 1 33 ? 21.731  -8.310  0.491   1.00 5.48  ? 32   LYS A N   1 
ATOM   291  C CA  . LYS A 1 33 ? 23.144  -8.458  0.866   1.00 7.24  ? 32   LYS A CA  1 
ATOM   292  C C   . LYS A 1 33 ? 23.464  -9.826  1.482   1.00 8.22  ? 32   LYS A C   1 
ATOM   293  O O   . LYS A 1 33 ? 24.591  -10.307 1.380   1.00 7.79  ? 32   LYS A O   1 
ATOM   294  C CB  . LYS A 1 33 ? 23.598  -7.344  1.808   1.00 9.94  ? 32   LYS A CB  1 
ATOM   295  C CG  . LYS A 1 33 ? 23.665  -5.987  1.129   1.00 14.28 ? 32   LYS A CG  1 
ATOM   296  C CD  . LYS A 1 33 ? 24.402  -4.973  1.971   1.00 21.63 ? 32   LYS A CD  1 
ATOM   297  C CE  . LYS A 1 33 ? 24.415  -3.620  1.280   1.00 29.15 ? 32   LYS A CE  1 
ATOM   298  N NZ  . LYS A 1 33 ? 25.535  -2.773  1.750   1.00 30.58 ? 32   LYS A NZ  1 
ATOM   299  N N   . GLN A 1 34 ? 22.477  -10.446 2.124   1.00 7.10  ? 33   GLN A N   1 
ATOM   300  C CA  . GLN A 1 34 ? 22.680  -11.754 2.739   1.00 12.58 ? 33   GLN A CA  1 
ATOM   301  C C   . GLN A 1 34 ? 22.703  -12.852 1.689   1.00 13.48 ? 33   GLN A C   1 
ATOM   302  C CB  . GLN A 1 34 ? 21.598  -12.045 3.786   1.00 11.26 ? 33   GLN A CB  1 
ATOM   303  C CG  . GLN A 1 34 ? 21.670  -11.139 5.015   1.00 15.16 ? 33   GLN A CG  1 
ATOM   304  C CD  . GLN A 1 34 ? 20.646  -11.503 6.084   1.00 16.73 ? 33   GLN A CD  1 
ATOM   305  O OE1 . GLN A 1 34 ? 19.740  -12.301 5.848   1.00 31.69 ? 33   GLN A OE1 1 
ATOM   306  N NE2 . GLN A 1 34 ? 20.791  -10.919 7.264   1.00 18.67 ? 33   GLN A NE2 1 
ATOM   307  O OXT . GLN A 1 34 ? 23.187  -13.952 1.954   1.00 20.81 ? 33   GLN A OXT 1 
HETATM 308  C C   . ACE B 1 1  ? -21.672 14.198  5.884   1.00 10.61 ? 0    ACE B C   1 
HETATM 309  O O   . ACE B 1 1  ? -20.754 13.615  6.450   1.00 8.81  ? 0    ACE B O   1 
HETATM 310  C CH3 . ACE B 1 1  ? -22.072 15.596  6.297   1.00 11.50 ? 0    ACE B CH3 1 
ATOM   311  N N   . THR B 1 2  ? -22.382 13.555  4.809   1.00 6.88  ? 1    THR B N   1 
ATOM   312  C CA  . THR B 1 2  ? -22.029 12.199  4.379   1.00 6.46  ? 1    THR B CA  1 
ATOM   313  C C   . THR B 1 2  ? -20.608 12.102  3.859   1.00 7.52  ? 1    THR B C   1 
ATOM   314  O O   . THR B 1 2  ? -19.918 11.134  4.152   1.00 7.07  ? 1    THR B O   1 
ATOM   315  C CB  . THR B 1 2  ? -23.062 11.732  3.392   1.00 6.73  ? 1    THR B CB  1 
ATOM   316  O OG1 . THR B 1 2  ? -24.310 11.793  4.020   1.00 7.46  ? 1    THR B OG1 1 
ATOM   317  C CG2 . THR B 1 2  ? -22.766 10.322  2.948   1.00 9.84  ? 1    THR B CG2 1 
ATOM   318  N N   . GLN B 1 3  ? -20.114 13.040  3.111   1.00 5.48  ? 2    GLN B N   1 
ATOM   319  C CA  . GLN B 1 3  ? -18.722 12.984  2.660   1.00 7.86  ? 2    GLN B CA  1 
ATOM   320  C C   . GLN B 1 3  ? -17.737 12.960  3.800   1.00 8.67  ? 2    GLN B C   1 
ATOM   321  O O   . GLN B 1 3  ? -16.816 12.244  3.728   1.00 9.93  ? 2    GLN B O   1 
ATOM   322  C CB  . GLN B 1 3  ? -18.364 14.079  1.676   1.00 12.21 ? 2    GLN B CB  1 
ATOM   323  C CG  . GLN B 1 3  ? -19.230 14.108  0.466   1.00 19.41 ? 2    GLN B CG  1 
ATOM   324  C CD  . GLN B 1 3  ? -18.912 15.348  -0.361  1.00 45.95 ? 2    GLN B CD  1 
ATOM   325  O OE1 . GLN B 1 3  ? -19.512 16.369  -0.174  1.00 29.80 ? 2    GLN B OE1 1 
ATOM   326  N NE2 . GLN B 1 3  ? -17.808 15.274  -1.091  1.00 40.31 ? 2    GLN B NE2 1 
ATOM   327  N N   . GLU B 1 4  ? -17.973 13.714  4.820   1.00 6.23  ? 3    GLU B N   1 
ATOM   328  C CA  . GLU B 1 4  ? -17.110 13.664  5.988   1.00 10.28 ? 3    GLU B CA  1 
ATOM   329  C C   . GLU B 1 4  ? -17.086 12.289  6.645   1.00 11.30 ? 3    GLU B C   1 
ATOM   330  O O   . GLU B 1 4  ? -16.085 11.786  7.014   1.00 9.69  ? 3    GLU B O   1 
ATOM   331  C CB  . GLU B 1 4  ? -17.575 14.662  7.010   1.00 13.85 ? 3    GLU B CB  1 
ATOM   332  C CG  . GLU B 1 4  ? -17.404 16.131  6.600   1.00 22.16 ? 3    GLU B CG  1 
ATOM   333  C CD  . GLU B 1 4  ? -18.200 17.072  7.535   1.00 33.34 ? 3    GLU B CD  1 
ATOM   334  O OE1 . GLU B 1 4  ? -17.957 17.059  8.720   1.00 28.39 ? 3    GLU B OE1 1 
ATOM   335  O OE2 . GLU B 1 4  ? -19.132 17.701  7.070   1.00 28.52 ? 3    GLU B OE2 1 
ATOM   336  N N   . TYR B 1 5  ? -18.269 11.710  6.749   1.00 8.75  ? 4    TYR B N   1 
ATOM   337  C CA  . TYR B 1 5  ? -18.411 10.360  7.282   1.00 7.85  ? 4    TYR B CA  1 
ATOM   338  C C   . TYR B 1 5  ? -17.548 9.373   6.489   1.00 7.70  ? 4    TYR B C   1 
ATOM   339  O O   . TYR B 1 5  ? -16.783 8.587   7.057   1.00 7.78  ? 4    TYR B O   1 
ATOM   340  C CB  . TYR B 1 5  ? -19.891 9.937   7.265   1.00 7.91  ? 4    TYR B CB  1 
ATOM   341  C CG  . TYR B 1 5  ? -20.120 8.440   7.316   1.00 6.76  ? 4    TYR B CG  1 
ATOM   342  C CD1 . TYR B 1 5  ? -19.723 7.694   8.419   1.00 13.12 ? 4    TYR B CD1 1 
ATOM   343  C CD2 . TYR B 1 5  ? -20.744 7.775   6.264   1.00 13.46 ? 4    TYR B CD2 1 
ATOM   344  C CE1 . TYR B 1 5  ? -19.924 6.327   8.468   1.00 14.99 ? 4    TYR B CE1 1 
ATOM   345  C CE2 . TYR B 1 5  ? -20.949 6.397   6.306   1.00 15.59 ? 4    TYR B CE2 1 
ATOM   346  C CZ  . TYR B 1 5  ? -20.536 5.687   7.415   1.00 16.33 ? 4    TYR B CZ  1 
ATOM   347  O OH  . TYR B 1 5  ? -20.732 4.325   7.472   1.00 28.10 ? 4    TYR B OH  1 
ATOM   348  N N   . LEU B 1 6  ? -17.666 9.442   5.170   1.00 6.45  ? 5    LEU B N   1 
ATOM   349  C CA  . LEU B 1 6  ? -16.966 8.513   4.297   1.00 8.42  ? 5    LEU B CA  1 
ATOM   350  C C   . LEU B 1 6  ? -15.463 8.761   4.314   1.00 5.26  ? 5    LEU B C   1 
ATOM   351  O O   . LEU B 1 6  ? -14.687 7.816   4.288   1.00 8.51  ? 5    LEU B O   1 
ATOM   352  C CB  . LEU B 1 6  ? -17.517 8.614   2.874   1.00 5.68  ? 5    LEU B CB  1 
ATOM   353  C CG  . LEU B 1 6  ? -18.991 8.200   2.779   1.00 4.38  ? 5    LEU B CG  1 
ATOM   354  C CD1 . LEU B 1 6  ? -19.574 8.514   1.420   1.00 5.30  ? 5    LEU B CD1 1 
ATOM   355  C CD2 . LEU B 1 6  ? -19.135 6.713   3.095   1.00 5.91  ? 5    LEU B CD2 1 
ATOM   356  N N   . LEU B 1 7  ? -15.052 10.026  4.343   1.00 4.80  ? 6    LEU B N   1 
ATOM   357  C CA  . LEU B 1 7  ? -13.631 10.341  4.445   1.00 5.26  ? 6    LEU B CA  1 
ATOM   358  C C   . LEU B 1 7  ? -13.040 9.800   5.748   1.00 7.31  ? 6    LEU B C   1 
ATOM   359  O O   . LEU B 1 7  ? -11.900 9.331   5.773   1.00 6.96  ? 6    LEU B O   1 
ATOM   360  C CB  . LEU B 1 7  ? -13.387 11.845  4.339   1.00 4.48  ? 6    LEU B CB  1 
ATOM   361  C CG  . LEU B 1 7  ? -13.621 12.444  2.945   1.00 6.05  ? 6    LEU B CG  1 
ATOM   362  C CD1 . LEU B 1 7  ? -13.490 13.973  2.971   1.00 7.23  ? 6    LEU B CD1 1 
ATOM   363  C CD2 . LEU B 1 7  ? -12.666 11.844  1.920   1.00 8.81  ? 6    LEU B CD2 1 
ATOM   364  N N   . LYS B 1 8  ? -13.776 9.880   6.833   1.00 7.34  ? 7    LYS B N   1 
ATOM   365  C CA  . LYS B 1 8  ? -13.346 9.283   8.092   1.00 7.58  ? 7    LYS B CA  1 
ATOM   366  C C   . LYS B 1 8  ? -13.254 7.764   8.029   1.00 10.24 ? 7    LYS B C   1 
ATOM   367  O O   . LYS B 1 8  ? -12.427 7.168   8.652   1.00 10.20 ? 7    LYS B O   1 
ATOM   368  C CB  . LYS B 1 8  ? -14.245 9.723   9.236   1.00 13.21 ? 7    LYS B CB  1 
ATOM   369  C CG  . LYS B 1 8  ? -14.021 11.142  9.611   1.00 12.86 ? 7    LYS B CG  1 
ATOM   370  C CD  . LYS B 1 8  ? -15.020 11.621  10.674  1.00 20.93 ? 7    LYS B CD  1 
ATOM   371  C CE  . LYS B 1 8  ? -14.794 13.074  10.973  1.00 31.46 ? 7    LYS B CE  1 
ATOM   372  N NZ  . LYS B 1 8  ? -15.796 13.566  11.952  1.00 43.41 ? 7    LYS B NZ  1 
ATOM   373  N N   . GLU B 1 9  ? -14.177 7.170   7.308   1.00 8.61  ? 8    GLU B N   1 
ATOM   374  C CA  . GLU B 1 9  ? -14.103 5.725   7.111   1.00 7.44  ? 8    GLU B CA  1 
ATOM   375  C C   . GLU B 1 9  ? -12.837 5.355   6.305   1.00 12.64 ? 8    GLU B C   1 
ATOM   376  O O   . GLU B 1 9  ? -12.217 4.358   6.575   1.00 9.82  ? 8    GLU B O   1 
ATOM   377  C CB  . GLU B 1 9  ? -15.320 5.165   6.439   1.00 12.20 ? 8    GLU B CB  1 
ATOM   378  C CG  . GLU B 1 9  ? -16.543 5.390   7.300   1.00 12.27 ? 8    GLU B CG  1 
ATOM   379  C CD  . GLU B 1 9  ? -16.503 4.605   8.609   1.00 15.86 ? 8    GLU B CD  1 
ATOM   380  O OE1 . GLU B 1 9  ? -16.360 3.447   8.533   1.00 21.35 ? 8    GLU B OE1 1 
ATOM   381  O OE2 . GLU B 1 9  ? -16.593 5.134   9.688   1.00 18.65 ? 8    GLU B OE2 1 
ATOM   382  N N   . ILE B 1 10 ? -12.551 6.155   5.284   1.00 6.87  ? 9    ILE B N   1 
ATOM   383  C CA  . ILE B 1 10 ? -11.346 5.961   4.497   1.00 6.51  ? 9    ILE B CA  1 
ATOM   384  C C   . ILE B 1 10 ? -10.088 6.114   5.391   1.00 8.20  ? 9    ILE B C   1 
ATOM   385  O O   . ILE B 1 10 ? -9.203  5.345   5.300   1.00 7.35  ? 9    ILE B O   1 
ATOM   386  C CB  . ILE B 1 10 ? -11.293 6.933   3.297   1.00 5.29  ? 9    ILE B CB  1 
ATOM   387  C CG1 . ILE B 1 10 ? -12.292 6.516   2.225   1.00 4.53  ? 9    ILE B CG1 1 
ATOM   388  C CG2 . ILE B 1 10 ? -9.912  6.981   2.688   1.00 8.23  ? 9    ILE B CG2 1 
ATOM   389  C CD1 . ILE B 1 10 ? -12.634 7.564   1.167   1.00 7.89  ? 9    ILE B CD1 1 
ATOM   390  N N   . MET B 1 11 ? -10.088 7.087   6.258   1.00 6.11  ? 10   MET B N   1 
ATOM   391  C CA  . MET B 1 11 ? -8.968  7.258   7.177   1.00 7.58  ? 10   MET B CA  1 
ATOM   392  C C   . MET B 1 11 ? -8.794  5.971   8.033   1.00 8.50  ? 10   MET B C   1 
ATOM   393  O O   . MET B 1 11 ? -7.678  5.519   8.226   1.00 9.01  ? 10   MET B O   1 
ATOM   394  C CB  . MET B 1 11 ? -9.189  8.433   8.102   1.00 5.97  ? 10   MET B CB  1 
ATOM   395  C CG  . MET B 1 11 ? -8.995  9.715   7.391   1.00 5.51  ? 10   MET B CG  1 
ATOM   396  S SD  . MET B 1 11 ? -9.607  11.140  8.306   1.00 16.70 ? 10   MET B SD  1 
ATOM   397  C CE  . MET B 1 11 ? -8.507  11.095  9.666   1.00 23.09 ? 10   MET B CE  1 
ATOM   398  N N   . LYS B 1 12 ? -9.916  5.396   8.474   1.00 7.76  ? 11   LYS B N   1 
ATOM   399  C CA  . LYS B 1 12 ? -9.764  4.137   9.229   1.00 10.12 ? 11   LYS B CA  1 
ATOM   400  C C   . LYS B 1 12 ? -9.117  3.008   8.403   1.00 8.53  ? 11   LYS B C   1 
ATOM   401  O O   . LYS B 1 12 ? -8.359  2.263   8.901   1.00 8.69  ? 11   LYS B O   1 
ATOM   402  C CB  . LYS B 1 12 ? -11.065 3.634   9.819   1.00 11.20 ? 11   LYS B CB  1 
ATOM   403  C CG  . LYS B 1 12 ? -11.653 4.603   10.800  1.00 15.26 ? 11   LYS B CG  1 
ATOM   404  C CD  . LYS B 1 12 ? -13.087 4.224   11.165  1.00 23.90 ? 11   LYS B CD  1 
ATOM   405  C CE  . LYS B 1 12 ? -13.860 5.292   11.879  1.00 28.03 ? 11   LYS B CE  1 
ATOM   406  N NZ  . LYS B 1 12 ? -15.146 4.773   12.408  1.00 29.26 ? 11   LYS B NZ  1 
ATOM   407  N N   . LEU B 1 13 ? -9.529  2.908   7.158   1.00 9.73  ? 12   LEU B N   1 
ATOM   408  C CA  . LEU B 1 13 ? -8.975  1.864   6.304   1.00 6.78  ? 12   LEU B CA  1 
ATOM   409  C C   . LEU B 1 13 ? -7.455  2.106   6.071   1.00 8.43  ? 12   LEU B C   1 
ATOM   410  O O   . LEU B 1 13 ? -6.698  1.207   6.041   1.00 8.67  ? 12   LEU B O   1 
ATOM   411  C CB  . LEU B 1 13 ? -9.679  1.754   4.993   1.00 5.54  ? 12   LEU B CB  1 
ATOM   412  C CG  . LEU B 1 13 ? -11.112 1.385   5.149   1.00 5.95  ? 12   LEU B CG  1 
ATOM   413  C CD1 . LEU B 1 13 ? -11.957 1.664   3.964   1.00 9.53  ? 12   LEU B CD1 1 
ATOM   414  C CD2 . LEU B 1 13 ? -11.308 -0.030  5.605   1.00 9.50  ? 12   LEU B CD2 1 
ATOM   415  N N   . LEU B 1 14 ? -7.103  3.359   5.870   1.00 5.75  ? 13   LEU B N   1 
ATOM   416  C CA  . LEU B 1 14 ? -5.700  3.691   5.708   1.00 8.47  ? 13   LEU B CA  1 
ATOM   417  C C   . LEU B 1 14 ? -4.897  3.345   6.973   1.00 10.60 ? 13   LEU B C   1 
ATOM   418  O O   . LEU B 1 14 ? -3.778  2.940   6.886   1.00 6.74  ? 13   LEU B O   1 
ATOM   419  C CB  . LEU B 1 14 ? -5.449  5.164   5.318   1.00 6.50  ? 13   LEU B CB  1 
ATOM   420  C CG  . LEU B 1 14 ? -6.044  5.563   4.016   1.00 6.82  ? 13   LEU B CG  1 
ATOM   421  C CD1 . LEU B 1 14 ? -6.043  7.047   3.680   1.00 8.51  ? 13   LEU B CD1 1 
ATOM   422  C CD2 . LEU B 1 14 ? -5.474  4.788   2.871   1.00 8.98  ? 13   LEU B CD2 1 
ATOM   423  N N   . LYS B 1 15 ? -5.473  3.585   8.135   1.00 5.00  ? 14   LYS B N   1 
ATOM   424  C CA  . LYS B 1 15 ? -4.785  3.241   9.371   1.00 7.98  ? 14   LYS B CA  1 
ATOM   425  C C   . LYS B 1 15 ? -4.583  1.724   9.511   1.00 12.68 ? 14   LYS B C   1 
ATOM   426  O O   . LYS B 1 15 ? -3.604  1.256   9.995   1.00 10.53 ? 14   LYS B O   1 
ATOM   427  C CB  . LYS B 1 15 ? -5.417  3.836   10.612  1.00 7.44  ? 14   LYS B CB  1 
ATOM   428  C CG  . LYS B 1 15 ? -5.364  5.307   10.616  1.00 14.70 ? 14   LYS B CG  1 
ATOM   429  C CD  . LYS B 1 15 ? -6.163  5.885   11.752  1.00 26.61 ? 14   LYS B CD  1 
ATOM   430  C CE  . LYS B 1 15 ? -5.782  7.314   12.043  1.00 36.10 ? 14   LYS B CE  1 
ATOM   431  N NZ  . LYS B 1 15 ? -6.659  7.841   13.111  1.00 41.84 ? 14   LYS B NZ  1 
ATOM   432  N N   . GLU B 1 16 ? -5.590  0.993   9.095   1.00 9.47  ? 15   GLU B N   1 
ATOM   433  C CA  . GLU B 1 16 ? -5.474  -0.463  9.066   1.00 8.61  ? 15   GLU B CA  1 
ATOM   434  C C   . GLU B 1 16 ? -4.316  -0.854  8.136   1.00 9.85  ? 15   GLU B C   1 
ATOM   435  O O   . GLU B 1 16 ? -3.571  -1.690  8.458   1.00 10.77 ? 15   GLU B O   1 
ATOM   436  C CB  . GLU B 1 16 ? -6.730  -1.253  8.744   1.00 12.04 ? 15   GLU B CB  1 
ATOM   437  C CG  . GLU B 1 16 ? -6.515  -2.771  8.433   1.00 17.47 ? 15   GLU B CG  1 
ATOM   438  C CD  . GLU B 1 16 ? -6.029  -3.811  9.525   1.00 46.34 ? 15   GLU B CD  1 
ATOM   439  O OE1 . GLU B 1 16 ? -5.073  -3.635  10.290  1.00 43.57 ? 15   GLU B OE1 1 
ATOM   440  O OE2 . GLU B 1 16 ? -6.485  -4.960  9.494   1.00 44.82 ? 15   GLU B OE2 1 
ATOM   441  N N   . GLN B 1 17 ? -4.204  -0.225  6.988   1.00 6.18  ? 16   GLN B N   1 
ATOM   442  C CA  . GLN B 1 17 ? -3.093  -0.582  6.087   1.00 7.03  ? 16   GLN B CA  1 
ATOM   443  C C   . GLN B 1 17 ? -1.747  -0.279  6.730   1.00 11.07 ? 16   GLN B C   1 
ATOM   444  O O   . GLN B 1 17 ? -0.879  -0.989  6.604   1.00 7.41  ? 16   GLN B O   1 
ATOM   445  C CB  . GLN B 1 17 ? -3.178  0.124   4.748   1.00 7.24  ? 16   GLN B CB  1 
ATOM   446  C CG  . GLN B 1 17 ? -4.465  -0.211  4.025   1.00 4.55  ? 16   GLN B CG  1 
ATOM   447  C CD  . GLN B 1 17 ? -4.603  0.513   2.665   1.00 14.63 ? 16   GLN B CD  1 
ATOM   448  O OE1 . GLN B 1 17 ? -3.990  1.493   2.430   1.00 17.98 ? 16   GLN B OE1 1 
ATOM   449  N NE2 . GLN B 1 17 ? -5.444  0.028   1.839   1.00 13.07 ? 16   GLN B NE2 1 
ATOM   450  N N   . ILE B 1 18 ? -1.654  0.840   7.408   1.00 6.58  ? 17   ILE B N   1 
ATOM   451  C CA  . ILE B 1 18 ? -0.412  1.229   8.074   1.00 9.13  ? 17   ILE B CA  1 
ATOM   452  C C   . ILE B 1 18 ? -0.019  0.162   9.110   1.00 10.32 ? 17   ILE B C   1 
ATOM   453  O O   . ILE B 1 18 ? 1.119   -0.254  9.203   1.00 8.12  ? 17   ILE B O   1 
ATOM   454  C CB  . ILE B 1 18 ? -0.568  2.611   8.759   1.00 6.64  ? 17   ILE B CB  1 
ATOM   455  C CG1 . ILE B 1 18 ? -0.493  3.658   7.691   1.00 9.38  ? 17   ILE B CG1 1 
ATOM   456  C CG2 . ILE B 1 18 ? 0.507   2.877   9.766   1.00 7.79  ? 17   ILE B CG2 1 
ATOM   457  C CD1 . ILE B 1 18 ? -1.043  4.994   8.098   1.00 8.40  ? 17   ILE B CD1 1 
ATOM   458  N N   . LYS B 1 19 ? -1.017  -0.282  9.843   1.00 7.34  ? 18   LYS B N   1 
ATOM   459  C CA  . LYS B 1 19 ? -0.741  -1.323  10.819  1.00 9.18  ? 18   LYS B CA  1 
ATOM   460  C C   . LYS B 1 19 ? -0.182  -2.621  10.152  1.00 10.34 ? 18   LYS B C   1 
ATOM   461  O O   . LYS B 1 19 ? 0.762   -3.248  10.642  1.00 8.65  ? 18   LYS B O   1 
ATOM   462  C CB  . LYS B 1 19 ? -2.008  -1.645  11.609  1.00 12.49 ? 18   LYS B CB  1 
ATOM   463  C CG  . LYS B 1 19 ? -1.798  -2.762  12.521  1.00 22.26 ? 18   LYS B CG  1 
ATOM   464  C CD  . LYS B 1 19 ? -3.114  -3.198  13.093  1.00 36.39 ? 18   LYS B CD  1 
ATOM   465  C CE  . LYS B 1 19 ? -3.155  -2.944  14.559  1.00 46.94 ? 18   LYS B CE  1 
ATOM   466  N NZ  . LYS B 1 19 ? -2.917  -4.278  15.124  1.00 40.30 ? 18   LYS B NZ  1 
ATOM   467  N N   . LEU B 1 20 ? -0.787  -2.973  9.035   1.00 6.82  ? 19   LEU B N   1 
ATOM   468  C CA  . LEU B 1 20 ? -0.311  -4.143  8.289   1.00 7.16  ? 19   LEU B CA  1 
ATOM   469  C C   . LEU B 1 20 ? 1.082   -3.972  7.719   1.00 10.62 ? 19   LEU B C   1 
ATOM   470  O O   . LEU B 1 20 ? 1.832   -4.869  7.702   1.00 8.54  ? 19   LEU B O   1 
ATOM   471  C CB  . LEU B 1 20 ? -1.271  -4.487  7.206   1.00 5.65  ? 19   LEU B CB  1 
ATOM   472  C CG  . LEU B 1 20 ? -2.632  -4.904  7.748   1.00 7.39  ? 19   LEU B CG  1 
ATOM   473  C CD1 . LEU B 1 20 ? -3.693  -4.982  6.687   1.00 7.35  ? 19   LEU B CD1 1 
ATOM   474  C CD2 . LEU B 1 20 ? -2.528  -6.253  8.389   1.00 10.76 ? 19   LEU B CD2 1 
ATOM   475  N N   . LEU B 1 21 ? 1.348   -2.761  7.240   1.00 5.46  ? 20   LEU B N   1 
ATOM   476  C CA  . LEU B 1 21 ? 2.694   -2.498  6.730   1.00 6.08  ? 20   LEU B CA  1 
ATOM   477  C C   . LEU B 1 21 ? 3.762   -2.648  7.845   1.00 8.04  ? 20   LEU B C   1 
ATOM   478  O O   . LEU B 1 21 ? 4.840   -3.118  7.582   1.00 10.05 ? 20   LEU B O   1 
ATOM   479  C CB  . LEU B 1 21 ? 2.807   -1.116  6.078   1.00 6.32  ? 20   LEU B CB  1 
ATOM   480  C CG  . LEU B 1 21 ? 2.046   -0.929  4.812   1.00 4.54  ? 20   LEU B CG  1 
ATOM   481  C CD1 . LEU B 1 21 ? 1.945   0.531   4.406   1.00 9.96  ? 20   LEU B CD1 1 
ATOM   482  C CD2 . LEU B 1 21 ? 2.624   -1.748  3.699   1.00 13.33 ? 20   LEU B CD2 1 
ATOM   483  N N   . LYS B 1 22 ? 3.410   -2.164  9.035   1.00 5.53  ? 21   LYS B N   1 
ATOM   484  C CA  . LYS B 1 22 ? 4.318   -2.272  10.176  1.00 8.57  ? 21   LYS B CA  1 
ATOM   485  C C   . LYS B 1 22 ? 4.566   -3.745  10.502  1.00 11.40 ? 21   LYS B C   1 
ATOM   486  O O   . LYS B 1 22 ? 5.652   -4.130  10.799  1.00 10.33 ? 21   LYS B O   1 
ATOM   487  C CB  . LYS B 1 22 ? 3.848   -1.486  11.417  1.00 8.72  ? 21   LYS B CB  1 
ATOM   488  C CG  . LYS B 1 22 ? 3.856   0.019   11.216  1.00 8.29  ? 21   LYS B CG  1 
ATOM   489  C CD  . LYS B 1 22 ? 3.312   0.777   12.425  1.00 17.59 ? 21   LYS B CD  1 
ATOM   490  C CE  . LYS B 1 22 ? 3.478   2.273   12.381  1.00 21.21 ? 21   LYS B CE  1 
ATOM   491  N NZ  . LYS B 1 22 ? 2.539   2.886   13.382  1.00 21.33 ? 21   LYS B NZ  1 
ATOM   492  N N   . GLU B 1 23 ? 3.545   -4.527  10.413  1.00 7.32  ? 22   GLU B N   1 
ATOM   493  C CA  . GLU B 1 23 ? 3.695   -5.931  10.630  1.00 9.34  ? 22   GLU B CA  1 
ATOM   494  C C   . GLU B 1 23 ? 4.598   -6.569  9.561   1.00 13.40 ? 22   GLU B C   1 
ATOM   495  O O   . GLU B 1 23 ? 5.370   -7.429  9.869   1.00 10.80 ? 22   GLU B O   1 
ATOM   496  C CB  . GLU B 1 23 ? 2.343   -6.564  10.691  1.00 11.84 ? 22   GLU B CB  1 
ATOM   497  C CG  . GLU B 1 23 ? 2.313   -7.998  10.492  1.00 25.41 ? 22   GLU B CG  1 
ATOM   498  C CD  . GLU B 1 23 ? 2.263   -8.738  11.745  1.00 45.27 ? 22   GLU B CD  1 
ATOM   499  O OE1 . GLU B 1 23 ? 3.139   -8.464  12.562  1.00 45.02 ? 22   GLU B OE1 1 
ATOM   500  O OE2 . GLU B 1 23 ? 1.383   -9.612  11.877  1.00 45.22 ? 22   GLU B OE2 1 
ATOM   501  N N   . GLN B 1 24 ? 4.457   -6.153  8.322   1.00 9.04  ? 23   GLN B N   1 
ATOM   502  C CA  . GLN B 1 24 ? 5.358   -6.665  7.313   1.00 9.93  ? 23   GLN B CA  1 
ATOM   503  C C   . GLN B 1 24 ? 6.807   -6.328  7.667   1.00 11.32 ? 23   GLN B C   1 
ATOM   504  O O   . GLN B 1 24 ? 7.655   -7.138  7.521   1.00 7.07  ? 23   GLN B O   1 
ATOM   505  C CB  . GLN B 1 24 ? 5.036   -6.125  5.953   1.00 7.73  ? 23   GLN B CB  1 
ATOM   506  C CG  . GLN B 1 24 ? 3.733   -6.689  5.485   1.00 8.55  ? 23   GLN B CG  1 
ATOM   507  C CD  . GLN B 1 24 ? 3.250   -6.091  4.169   1.00 13.72 ? 23   GLN B CD  1 
ATOM   508  O OE1 . GLN B 1 24 ? 3.820   -5.206  3.660   1.00 12.97 ? 23   GLN B OE1 1 
ATOM   509  N NE2 . GLN B 1 24 ? 2.142   -6.594  3.674   1.00 13.09 ? 23   GLN B NE2 1 
ATOM   510  N N   . ILE B 1 25 ? 7.018   -5.108  8.129   1.00 7.08  ? 24   ILE B N   1 
ATOM   511  C CA  . ILE B 1 25 ? 8.366   -4.705  8.450   1.00 8.17  ? 24   ILE B CA  1 
ATOM   512  C C   . ILE B 1 25 ? 8.943   -5.600  9.553   1.00 10.14 ? 24   ILE B C   1 
ATOM   513  O O   . ILE B 1 25 ? 10.096  -5.982  9.548   1.00 8.04  ? 24   ILE B O   1 
ATOM   514  C CB  . ILE B 1 25 ? 8.416   -3.228  8.863   1.00 7.60  ? 24   ILE B CB  1 
ATOM   515  C CG1 . ILE B 1 25 ? 8.332   -2.405  7.610   1.00 9.79  ? 24   ILE B CG1 1 
ATOM   516  C CG2 . ILE B 1 25 ? 9.662   -2.852  9.637   1.00 10.97 ? 24   ILE B CG2 1 
ATOM   517  C CD1 . ILE B 1 25 ? 7.904   -0.985  7.840   1.00 11.03 ? 24   ILE B CD1 1 
ATOM   518  N N   . LYS B 1 26 ? 8.083   -5.876  10.507  1.00 8.39  ? 25   LYS B N   1 
ATOM   519  C CA  . LYS B 1 26 ? 8.504   -6.740  11.591  1.00 8.46  ? 25   LYS B CA  1 
ATOM   520  C C   . LYS B 1 26 ? 8.902   -8.144  11.087  1.00 12.77 ? 25   LYS B C   1 
ATOM   521  O O   . LYS B 1 26 ? 9.802   -8.723  11.548  1.00 9.91  ? 25   LYS B O   1 
ATOM   522  C CB  . LYS B 1 26 ? 7.415   -6.866  12.637  1.00 13.00 ? 25   LYS B CB  1 
ATOM   523  C CG  . LYS B 1 26 ? 7.608   -7.964  13.624  1.00 21.86 ? 25   LYS B CG  1 
ATOM   524  C CD  . LYS B 1 26 ? 6.487   -8.075  14.616  1.00 27.06 ? 25   LYS B CD  1 
ATOM   525  C CE  . LYS B 1 26 ? 6.663   -7.067  15.677  1.00 48.35 ? 25   LYS B CE  1 
ATOM   526  N NZ  . LYS B 1 26 ? 6.970   -5.750  15.082  1.00 53.79 ? 25   LYS B NZ  1 
ATOM   527  N N   A MET B 1 27 ? 8.153   -8.656  10.140  0.50 8.22  ? 26   MET B N   1 
ATOM   528  N N   B MET B 1 27 ? 8.174   -8.646  10.123  0.50 8.23  ? 26   MET B N   1 
ATOM   529  C CA  A MET B 1 27 ? 8.496   -9.934  9.553   0.50 7.55  ? 26   MET B CA  1 
ATOM   530  C CA  B MET B 1 27 ? 8.520   -9.943  9.613   0.50 7.54  ? 26   MET B CA  1 
ATOM   531  C C   A MET B 1 27 ? 9.816   -9.879  8.750   0.50 9.01  ? 26   MET B C   1 
ATOM   532  C C   B MET B 1 27 ? 9.797   -9.902  8.716   0.50 9.00  ? 26   MET B C   1 
ATOM   533  O O   A MET B 1 27 ? 10.580  -10.767 8.765   0.50 7.62  ? 26   MET B O   1 
ATOM   534  O O   B MET B 1 27 ? 10.584  -10.767 8.761   0.50 7.62  ? 26   MET B O   1 
ATOM   535  C CB  A MET B 1 27 ? 7.378   -10.480 8.676   0.50 8.08  ? 26   MET B CB  1 
ATOM   536  C CB  B MET B 1 27 ? 7.318   -10.647 8.960   0.50 9.72  ? 26   MET B CB  1 
ATOM   537  C CG  A MET B 1 27 ? 6.121   -10.786 9.436   0.50 8.97  ? 26   MET B CG  1 
ATOM   538  C CG  B MET B 1 27 ? 6.438   -11.460 10.017  0.50 15.94 ? 26   MET B CG  1 
ATOM   539  S SD  A MET B 1 27 ? 6.415   -12.025 10.714  0.50 8.22  ? 26   MET B SD  1 
ATOM   540  S SD  B MET B 1 27 ? 5.012   -11.216 8.973   0.50 26.20 ? 26   MET B SD  1 
ATOM   541  C CE  A MET B 1 27 ? 7.455   -13.248 9.858   0.50 12.26 ? 26   MET B CE  1 
ATOM   542  C CE  B MET B 1 27 ? 3.760   -11.839 10.083  0.50 23.92 ? 26   MET B CE  1 
ATOM   543  N N   . LEU B 1 28 ? 9.996   -8.785  8.040   1.00 6.08  ? 27   LEU B N   1 
ATOM   544  C CA  . LEU B 1 28 ? 11.235  -8.613  7.293   1.00 6.67  ? 27   LEU B CA  1 
ATOM   545  C C   . LEU B 1 28 ? 12.424  -8.580  8.243   1.00 10.18 ? 27   LEU B C   1 
ATOM   546  O O   . LEU B 1 28 ? 13.490  -9.106  7.922   1.00 7.91  ? 27   LEU B O   1 
ATOM   547  C CB  . LEU B 1 28 ? 11.188  -7.333  6.460   1.00 6.26  ? 27   LEU B CB  1 
ATOM   548  C CG  . LEU B 1 28 ? 10.194  -7.400  5.300   1.00 5.24  ? 27   LEU B CG  1 
ATOM   549  C CD1 . LEU B 1 28 ? 10.076  -6.028  4.647   1.00 10.83 ? 27   LEU B CD1 1 
ATOM   550  C CD2 . LEU B 1 28 ? 10.636  -8.439  4.292   1.00 10.83 ? 27   LEU B CD2 1 
ATOM   551  N N   . LYS B 1 29 ? 12.208  -7.988  9.413   1.00 8.58  ? 28   LYS B N   1 
ATOM   552  C CA  . LYS B 1 29 ? 13.231  -7.955  10.440  1.00 9.13  ? 28   LYS B CA  1 
ATOM   553  C C   . LYS B 1 29 ? 13.572  -9.343  10.949  1.00 11.17 ? 28   LYS B C   1 
ATOM   554  O O   . LYS B 1 29 ? 14.706  -9.656  11.142  1.00 12.57 ? 28   LYS B O   1 
ATOM   555  C CB  . LYS B 1 29 ? 12.910  -7.001  11.586  1.00 10.61 ? 28   LYS B CB  1 
ATOM   556  C CG  . LYS B 1 29 ? 13.196  -5.626  11.085  1.00 19.54 ? 28   LYS B CG  1 
ATOM   557  C CD  . LYS B 1 29 ? 12.835  -4.526  12.067  1.00 23.75 ? 28   LYS B CD  1 
ATOM   558  C CE  . LYS B 1 29 ? 13.141  -3.131  11.570  1.00 25.87 ? 28   LYS B CE  1 
ATOM   559  N NZ  . LYS B 1 29 ? 12.268  -2.148  12.224  1.00 40.27 ? 28   LYS B NZ  1 
ATOM   560  N N   . GLU B 1 30 ? 12.556  -10.142 11.127  1.00 7.76  ? 29   GLU B N   1 
ATOM   561  C CA  . GLU B 1 30 ? 12.778  -11.539 11.504  1.00 9.36  ? 29   GLU B CA  1 
ATOM   562  C C   . GLU B 1 30 ? 13.557  -12.290 10.420  1.00 8.62  ? 29   GLU B C   1 
ATOM   563  O O   . GLU B 1 30 ? 14.448  -13.092 10.737  1.00 8.23  ? 29   GLU B O   1 
ATOM   564  C CB  . GLU B 1 30 ? 11.461  -12.239 11.816  1.00 12.21 ? 29   GLU B CB  1 
ATOM   565  C CG  . GLU B 1 30 ? 10.790  -11.713 13.074  1.00 16.64 ? 29   GLU B CG  1 
ATOM   566  C CD  . GLU B 1 30 ? 9.539   -12.488 13.439  1.00 42.13 ? 29   GLU B CD  1 
ATOM   567  O OE1 . GLU B 1 30 ? 9.332   -13.590 12.883  1.00 37.23 ? 29   GLU B OE1 1 
ATOM   568  O OE2 . GLU B 1 30 ? 8.760   -11.994 14.281  1.00 36.47 ? 29   GLU B OE2 1 
ATOM   569  N N   . LEU B 1 31 ? 13.236  -12.032 9.155   1.00 7.69  ? 30   LEU B N   1 
ATOM   570  C CA  . LEU B 1 31 ? 13.984  -12.659 8.062   1.00 6.45  ? 30   LEU B CA  1 
ATOM   571  C C   . LEU B 1 31 ? 15.439  -12.202 8.051   1.00 8.79  ? 30   LEU B C   1 
ATOM   572  O O   . LEU B 1 31 ? 16.343  -12.979 7.763   1.00 7.95  ? 30   LEU B O   1 
ATOM   573  C CB  . LEU B 1 31 ? 13.323  -12.386 6.705   1.00 6.07  ? 30   LEU B CB  1 
ATOM   574  C CG  . LEU B 1 31 ? 11.988  -13.093 6.466   1.00 9.61  ? 30   LEU B CG  1 
ATOM   575  C CD1 . LEU B 1 31 ? 11.322  -12.566 5.194   1.00 9.09  ? 30   LEU B CD1 1 
ATOM   576  C CD2 . LEU B 1 31 ? 12.179  -14.602 6.379   1.00 10.17 ? 30   LEU B CD2 1 
ATOM   577  N N   . GLU B 1 32 ? 15.681  -10.939 8.372   1.00 7.74  ? 31   GLU B N   1 
ATOM   578  C CA  . GLU B 1 32 ? 17.056  -10.465 8.433   1.00 10.53 ? 31   GLU B CA  1 
ATOM   579  C C   . GLU B 1 32 ? 17.839  -11.145 9.540   1.00 12.04 ? 31   GLU B C   1 
ATOM   580  O O   . GLU B 1 32 ? 18.993  -11.356 9.416   1.00 12.59 ? 31   GLU B O   1 
ATOM   581  C CB  . GLU B 1 32 ? 17.196  -8.984  8.675   1.00 14.38 ? 31   GLU B CB  1 
ATOM   582  C CG  . GLU B 1 32 ? 16.542  -8.112  7.686   1.00 26.56 ? 31   GLU B CG  1 
ATOM   583  C CD  . GLU B 1 32 ? 16.356  -6.659  8.183   1.00 48.70 ? 31   GLU B CD  1 
ATOM   584  O OE1 . GLU B 1 32 ? 16.752  -6.396  9.318   1.00 48.43 ? 31   GLU B OE1 1 
ATOM   585  O OE2 . GLU B 1 32 ? 15.722  -5.848  7.515   1.00 38.15 ? 31   GLU B OE2 1 
ATOM   586  N N   . LYS B 1 33 ? 17.162  -11.390 10.647  1.00 6.14  ? 32   LYS B N   1 
ATOM   587  C CA  . LYS B 1 33 ? 17.869  -12.060 11.740  1.00 8.36  ? 32   LYS B CA  1 
ATOM   588  C C   . LYS B 1 33 ? 18.300  -13.471 11.363  1.00 13.28 ? 32   LYS B C   1 
ATOM   589  O O   . LYS B 1 33 ? 19.295  -13.984 11.880  1.00 11.91 ? 32   LYS B O   1 
ATOM   590  C CB  . LYS B 1 33 ? 17.037  -12.066 13.024  1.00 12.00 ? 32   LYS B CB  1 
ATOM   591  C CG  . LYS B 1 33 ? 17.063  -10.728 13.740  1.00 24.74 ? 32   LYS B CG  1 
ATOM   592  C CD  . LYS B 1 33 ? 16.082  -10.677 14.895  1.00 41.01 ? 32   LYS B CD  1 
ATOM   593  C CE  . LYS B 1 33 ? 16.040  -9.283  15.506  1.00 42.88 ? 32   LYS B CE  1 
ATOM   594  N NZ  . LYS B 1 33 ? 14.901  -9.142  16.458  1.00 46.31 ? 32   LYS B NZ  1 
ATOM   595  N N   . GLN B 1 34 ? 17.563  -14.097 10.449  1.00 7.97  ? 33   GLN B N   1 
ATOM   596  C CA  . GLN B 1 34 ? 17.944  -15.427 9.982   1.00 10.83 ? 33   GLN B CA  1 
ATOM   597  C C   . GLN B 1 34 ? 19.096  -15.311 8.988   1.00 12.31 ? 33   GLN B C   1 
ATOM   598  C CB  . GLN B 1 34 ? 16.746  -16.135 9.339   1.00 10.14 ? 33   GLN B CB  1 
ATOM   599  C CG  . GLN B 1 34 ? 15.634  -16.444 10.319  1.00 7.99  ? 33   GLN B CG  1 
ATOM   600  C CD  . GLN B 1 34 ? 14.431  -17.081 9.653   1.00 13.52 ? 33   GLN B CD  1 
ATOM   601  O OE1 . GLN B 1 34 ? 14.280  -17.017 8.433   1.00 22.95 ? 33   GLN B OE1 1 
ATOM   602  N NE2 . GLN B 1 34 ? 13.565  -17.692 10.449  1.00 16.44 ? 33   GLN B NE2 1 
ATOM   603  O OXT . GLN B 1 34 ? 19.866  -16.246 8.792   1.00 20.79 ? 33   GLN B OXT 1 
HETATM 604  C C   . ACE C 1 1  ? -23.662 11.077  -5.332  1.00 7.63  ? 0    ACE C C   1 
HETATM 605  O O   . ACE C 1 1  ? -23.201 10.103  -4.751  1.00 8.23  ? 0    ACE C O   1 
HETATM 606  C CH3 . ACE C 1 1  ? -24.744 11.917  -4.686  1.00 8.08  ? 0    ACE C CH3 1 
ATOM   607  N N   . THR C 1 2  ? -23.179 11.427  -6.646  1.00 5.87  ? 1    THR C N   1 
ATOM   608  C CA  . THR C 1 2  ? -22.132 10.640  -7.298  1.00 6.69  ? 1    THR C CA  1 
ATOM   609  C C   . THR C 1 2  ? -20.852 10.637  -6.503  1.00 5.76  ? 1    THR C C   1 
ATOM   610  O O   . THR C 1 2  ? -20.189 9.604   -6.431  1.00 7.15  ? 1    THR C O   1 
ATOM   611  C CB  . THR C 1 2  ? -21.939 11.155  -8.693  1.00 7.81  ? 1    THR C CB  1 
ATOM   612  O OG1 . THR C 1 2  ? -23.159 11.020  -9.364  1.00 12.30 ? 1    THR C OG1 1 
ATOM   613  C CG2 . THR C 1 2  ? -20.852 10.392  -9.406  1.00 12.75 ? 1    THR C CG2 1 
ATOM   614  N N   . GLN C 1 3  ? -20.516 11.735  -5.849  1.00 7.25  ? 2    GLN C N   1 
ATOM   615  C CA  . GLN C 1 3  ? -19.291 11.783  -5.078  1.00 7.67  ? 2    GLN C CA  1 
ATOM   616  C C   . GLN C 1 3  ? -19.318 10.801  -3.885  1.00 11.48 ? 2    GLN C C   1 
ATOM   617  O O   . GLN C 1 3  ? -18.350 10.164  -3.610  1.00 6.33  ? 2    GLN C O   1 
ATOM   618  C CB  . GLN C 1 3  ? -18.955 13.206  -4.631  1.00 7.66  ? 2    GLN C CB  1 
ATOM   619  C CG  . GLN C 1 3  ? -18.658 14.075  -5.850  1.00 19.24 ? 2    GLN C CG  1 
ATOM   620  C CD  . GLN C 1 3  ? -18.960 15.594  -5.753  1.00 42.33 ? 2    GLN C CD  1 
ATOM   621  O OE1 . GLN C 1 3  ? -19.468 16.070  -4.751  1.00 39.14 ? 2    GLN C OE1 1 
ATOM   622  N NE2 . GLN C 1 3  ? -18.706 16.293  -6.809  1.00 15.23 ? 2    GLN C NE2 1 
ATOM   623  N N   . GLU C 1 4  ? -20.446 10.699  -3.218  1.00 6.46  ? 3    GLU C N   1 
ATOM   624  C CA  . GLU C 1 4  ? -20.576 9.719   -2.132  1.00 7.73  ? 3    GLU C CA  1 
ATOM   625  C C   . GLU C 1 4  ? -20.419 8.288   -2.660  1.00 6.39  ? 3    GLU C C   1 
ATOM   626  O O   . GLU C 1 4  ? -19.758 7.432   -2.044  1.00 7.04  ? 3    GLU C O   1 
ATOM   627  C CB  . GLU C 1 4  ? -21.929 9.867   -1.432  1.00 12.61 ? 3    GLU C CB  1 
ATOM   628  C CG  . GLU C 1 4  ? -22.150 11.212  -0.757  1.00 17.25 ? 3    GLU C CG  1 
ATOM   629  C CD  . GLU C 1 4  ? -23.619 11.479  -0.455  1.00 27.06 ? 3    GLU C CD  1 
ATOM   630  O OE1 . GLU C 1 4  ? -24.487 10.796  -1.041  1.00 35.81 ? 3    GLU C OE1 1 
ATOM   631  O OE2 . GLU C 1 4  ? -23.907 12.373  0.368   1.00 24.59 ? 3    GLU C OE2 1 
ATOM   632  N N   . TYR C 1 5  ? -21.038 8.041   -3.813  1.00 6.13  ? 4    TYR C N   1 
ATOM   633  C CA  . TYR C 1 5  ? -20.958 6.747   -4.478  1.00 7.61  ? 4    TYR C CA  1 
ATOM   634  C C   . TYR C 1 5  ? -19.506 6.366   -4.780  1.00 9.86  ? 4    TYR C C   1 
ATOM   635  O O   . TYR C 1 5  ? -19.067 5.226   -4.556  1.00 7.81  ? 4    TYR C O   1 
ATOM   636  C CB  . TYR C 1 5  ? -21.761 6.784   -5.783  1.00 8.29  ? 4    TYR C CB  1 
ATOM   637  C CG  . TYR C 1 5  ? -21.626 5.534   -6.620  1.00 13.29 ? 4    TYR C CG  1 
ATOM   638  C CD1 . TYR C 1 5  ? -22.387 4.404   -6.343  1.00 26.87 ? 4    TYR C CD1 1 
ATOM   639  C CD2 . TYR C 1 5  ? -20.744 5.483   -7.691  1.00 15.37 ? 4    TYR C CD2 1 
ATOM   640  C CE1 . TYR C 1 5  ? -22.262 3.254   -7.105  1.00 27.11 ? 4    TYR C CE1 1 
ATOM   641  C CE2 . TYR C 1 5  ? -20.610 4.340   -8.456  1.00 20.61 ? 4    TYR C CE2 1 
ATOM   642  C CZ  . TYR C 1 5  ? -21.372 3.230   -8.158  1.00 25.92 ? 4    TYR C CZ  1 
ATOM   643  O OH  . TYR C 1 5  ? -21.243 2.095   -8.921  1.00 44.30 ? 4    TYR C OH  1 
ATOM   644  N N   . LEU C 1 6  ? -18.760 7.332   -5.302  1.00 6.56  ? 5    LEU C N   1 
ATOM   645  C CA  . LEU C 1 6  ? -17.375 7.077   -5.689  1.00 4.73  ? 5    LEU C CA  1 
ATOM   646  C C   . LEU C 1 6  ? -16.476 6.892   -4.472  1.00 7.79  ? 5    LEU C C   1 
ATOM   647  O O   . LEU C 1 6  ? -15.567 6.067   -4.492  1.00 6.10  ? 5    LEU C O   1 
ATOM   648  C CB  . LEU C 1 6  ? -16.853 8.195   -6.610  1.00 2.76  ? 5    LEU C CB  1 
ATOM   649  C CG  . LEU C 1 6  ? -17.569 8.276   -7.972  1.00 5.48  ? 5    LEU C CG  1 
ATOM   650  C CD1 . LEU C 1 6  ? -17.148 9.525   -8.731  1.00 9.17  ? 5    LEU C CD1 1 
ATOM   651  C CD2 . LEU C 1 6  ? -17.306 7.025   -8.819  1.00 8.44  ? 5    LEU C CD2 1 
ATOM   652  N N   . LEU C 1 7  ? -16.726 7.651   -3.409  1.00 4.57  ? 6    LEU C N   1 
ATOM   653  C CA  . LEU C 1 7  ? -15.968 7.458   -2.174  1.00 4.85  ? 6    LEU C CA  1 
ATOM   654  C C   . LEU C 1 7  ? -16.201 6.052   -1.626  1.00 7.32  ? 6    LEU C C   1 
ATOM   655  O O   . LEU C 1 7  ? -15.280 5.426   -1.098  1.00 6.82  ? 6    LEU C O   1 
ATOM   656  C CB  . LEU C 1 7  ? -16.327 8.519   -1.125  1.00 6.27  ? 6    LEU C CB  1 
ATOM   657  C CG  . LEU C 1 7  ? -15.838 9.937   -1.449  1.00 5.12  ? 6    LEU C CG  1 
ATOM   658  C CD1 . LEU C 1 7  ? -16.332 10.935  -0.424  1.00 12.46 ? 6    LEU C CD1 1 
ATOM   659  C CD2 . LEU C 1 7  ? -14.320 9.955   -1.508  1.00 6.18  ? 6    LEU C CD2 1 
ATOM   660  N N   . LYS C 1 8  ? -17.428 5.557   -1.763  1.00 7.52  ? 7    LYS C N   1 
ATOM   661  C CA  . LYS C 1 8  ? -17.720 4.184   -1.352  1.00 6.23  ? 7    LYS C CA  1 
ATOM   662  C C   . LYS C 1 8  ? -17.011 3.140   -2.242  1.00 6.38  ? 7    LYS C C   1 
ATOM   663  O O   . LYS C 1 8  ? -16.564 2.087   -1.761  1.00 8.36  ? 7    LYS C O   1 
ATOM   664  C CB  . LYS C 1 8  ? -19.234 3.965   -1.279  1.00 8.16  ? 7    LYS C CB  1 
ATOM   665  C CG  . LYS C 1 8  ? -19.877 4.708   -0.108  1.00 7.10  ? 7    LYS C CG  1 
ATOM   666  C CD  . LYS C 1 8  ? -21.405 4.633   -0.169  1.00 11.49 ? 7    LYS C CD  1 
ATOM   667  C CE  . LYS C 1 8  ? -22.033 5.299   1.045   1.00 18.33 ? 7    LYS C CE  1 
ATOM   668  N NZ  . LYS C 1 8  ? -23.525 5.278   0.964   1.00 11.63 ? 7    LYS C NZ  1 
ATOM   669  N N   . GLU C 1 9  ? -16.885 3.433   -3.536  1.00 6.21  ? 8    GLU C N   1 
ATOM   670  C CA  . GLU C 1 9  ? -16.104 2.553   -4.417  1.00 8.63  ? 8    GLU C CA  1 
ATOM   671  C C   . GLU C 1 9  ? -14.621 2.536   -4.019  1.00 9.47  ? 8    GLU C C   1 
ATOM   672  O O   . GLU C 1 9  ? -13.945 1.490   -4.053  1.00 7.58  ? 8    GLU C O   1 
ATOM   673  C CB  . GLU C 1 9  ? -16.258 2.971   -5.879  1.00 7.72  ? 8    GLU C CB  1 
ATOM   674  C CG  . GLU C 1 9  ? -17.671 2.781   -6.412  1.00 9.06  ? 8    GLU C CG  1 
ATOM   675  C CD  . GLU C 1 9  ? -18.103 1.330   -6.362  1.00 21.94 ? 8    GLU C CD  1 
ATOM   676  O OE1 . GLU C 1 9  ? -17.340 0.471   -6.861  1.00 26.94 ? 8    GLU C OE1 1 
ATOM   677  O OE2 . GLU C 1 9  ? -19.193 1.046   -5.814  1.00 25.10 ? 8    GLU C OE2 1 
ATOM   678  N N   . ILE C 1 10 ? -14.120 3.708   -3.641  1.00 7.17  ? 9    ILE C N   1 
ATOM   679  C CA  . ILE C 1 10 ? -12.743 3.826   -3.157  1.00 5.38  ? 9    ILE C CA  1 
ATOM   680  C C   . ILE C 1 10 ? -12.546 2.993   -1.880  1.00 9.80  ? 9    ILE C C   1 
ATOM   681  O O   . ILE C 1 10 ? -11.547 2.282   -1.730  1.00 6.93  ? 9    ILE C O   1 
ATOM   682  C CB  . ILE C 1 10 ? -12.356 5.312   -2.948  1.00 7.28  ? 9    ILE C CB  1 
ATOM   683  C CG1 . ILE C 1 10 ? -12.113 5.984   -4.308  1.00 7.28  ? 9    ILE C CG1 1 
ATOM   684  C CG2 . ILE C 1 10 ? -11.140 5.436   -2.041  1.00 7.92  ? 9    ILE C CG2 1 
ATOM   685  C CD1 . ILE C 1 10 ? -12.129 7.513   -4.264  1.00 9.00  ? 9    ILE C CD1 1 
ATOM   686  N N   . MET C 1 11 ? -13.510 3.064   -0.964  1.00 6.17  ? 10   MET C N   1 
ATOM   687  C CA  . MET C 1 11 ? -13.468 2.211   0.223   1.00 6.02  ? 10   MET C CA  1 
ATOM   688  C C   . MET C 1 11 ? -13.407 0.724   -0.131  1.00 5.93  ? 10   MET C C   1 
ATOM   689  O O   . MET C 1 11 ? -12.654 -0.027  0.496   1.00 9.66  ? 10   MET C O   1 
ATOM   690  C CB  . MET C 1 11 ? -14.671 2.483   1.130   1.00 8.88  ? 10   MET C CB  1 
ATOM   691  C CG  . MET C 1 11 ? -14.591 3.815   1.861   1.00 9.06  ? 10   MET C CG  1 
ATOM   692  S SD  . MET C 1 11 ? -16.205 4.323   2.501   1.00 15.12 ? 10   MET C SD  1 
ATOM   693  C CE  . MET C 1 11 ? -16.554 3.000   3.650   1.00 18.78 ? 10   MET C CE  1 
ATOM   694  N N   . LYS C 1 12 ? -14.146 0.309   -1.142  1.00 7.35  ? 11   LYS C N   1 
ATOM   695  C CA  . LYS C 1 12 ? -14.068 -1.103  -1.519  1.00 7.76  ? 11   LYS C CA  1 
ATOM   696  C C   . LYS C 1 12 ? -12.649 -1.527  -1.995  1.00 9.12  ? 11   LYS C C   1 
ATOM   697  O O   . LYS C 1 12 ? -12.167 -2.595  -1.734  1.00 7.80  ? 11   LYS C O   1 
ATOM   698  C CB  . LYS C 1 12 ? -15.052 -1.455  -2.579  1.00 7.96  ? 11   LYS C CB  1 
ATOM   699  C CG  . LYS C 1 12 ? -16.492 -1.339  -2.149  1.00 16.53 ? 11   LYS C CG  1 
ATOM   700  C CD  . LYS C 1 12 ? -17.405 -1.485  -3.336  1.00 22.84 ? 11   LYS C CD  1 
ATOM   701  C CE  . LYS C 1 12 ? -18.881 -1.237  -3.012  1.00 29.07 ? 11   LYS C CE  1 
ATOM   702  N NZ  . LYS C 1 12 ? -19.756 -1.455  -4.198  1.00 32.44 ? 11   LYS C NZ  1 
ATOM   703  N N   . LEU C 1 13 ? -12.042 -0.625  -2.746  1.00 5.71  ? 12   LEU C N   1 
ATOM   704  C CA  . LEU C 1 13 ? -10.693 -0.886  -3.241  1.00 5.56  ? 12   LEU C CA  1 
ATOM   705  C C   . LEU C 1 13 ? -9.670  -0.950  -2.095  1.00 8.52  ? 12   LEU C C   1 
ATOM   706  O O   . LEU C 1 13 ? -8.818  -1.728  -2.121  1.00 6.56  ? 12   LEU C O   1 
ATOM   707  C CB  . LEU C 1 13 ? -10.240 0.162   -4.235  1.00 5.08  ? 12   LEU C CB  1 
ATOM   708  C CG  . LEU C 1 13 ? -11.108 0.138   -5.464  1.00 8.45  ? 12   LEU C CG  1 
ATOM   709  C CD1 . LEU C 1 13 ? -10.907 1.316   -6.362  1.00 10.61 ? 12   LEU C CD1 1 
ATOM   710  C CD2 . LEU C 1 13 ? -10.948 -1.115  -6.244  1.00 9.38  ? 12   LEU C CD2 1 
ATOM   711  N N   . LEU C 1 14 ? -9.816  -0.067  -1.128  1.00 6.12  ? 13   LEU C N   1 
ATOM   712  C CA  . LEU C 1 14 ? -8.946  -0.094  0.024   1.00 5.23  ? 13   LEU C CA  1 
ATOM   713  C C   . LEU C 1 14 ? -9.104  -1.409  0.813   1.00 8.37  ? 13   LEU C C   1 
ATOM   714  O O   . LEU C 1 14 ? -8.195  -1.954  1.278   1.00 7.83  ? 13   LEU C O   1 
ATOM   715  C CB  . LEU C 1 14 ? -9.152  1.115   0.943   1.00 5.34  ? 13   LEU C CB  1 
ATOM   716  C CG  . LEU C 1 14 ? -8.831  2.451   0.250   1.00 6.98  ? 13   LEU C CG  1 
ATOM   717  C CD1 . LEU C 1 14 ? -9.220  3.635   1.110   1.00 11.04 ? 13   LEU C CD1 1 
ATOM   718  C CD2 . LEU C 1 14 ? -7.336  2.531   0.015   1.00 8.97  ? 13   LEU C CD2 1 
ATOM   719  N N   . LYS C 1 15 ? -10.352 -1.860  0.917   1.00 6.22  ? 14   LYS C N   1 
ATOM   720  C CA  . LYS C 1 15 ? -10.586 -3.165  1.527   1.00 8.91  ? 14   LYS C CA  1 
ATOM   721  C C   . LYS C 1 15 ? -9.904  -4.304  0.786   1.00 10.25 ? 14   LYS C C   1 
ATOM   722  O O   . LYS C 1 15 ? -9.367  -5.205  1.401   1.00 10.05 ? 14   LYS C O   1 
ATOM   723  C CB  . LYS C 1 15 ? -12.078 -3.461  1.708   1.00 7.56  ? 14   LYS C CB  1 
ATOM   724  C CG  . LYS C 1 15 ? -12.595 -2.611  2.785   1.00 17.18 ? 14   LYS C CG  1 
ATOM   725  C CD  . LYS C 1 15 ? -14.028 -2.843  3.184   1.00 21.86 ? 14   LYS C CD  1 
ATOM   726  C CE  . LYS C 1 15 ? -14.620 -1.521  3.502   1.00 39.24 ? 14   LYS C CE  1 
ATOM   727  N NZ  . LYS C 1 15 ? -15.297 -1.511  4.809   1.00 50.53 ? 14   LYS C NZ  1 
ATOM   728  N N   . GLU C 1 16 ? -9.917  -4.314  -0.544  1.00 7.49  ? 15   GLU C N   1 
ATOM   729  C CA  . GLU C 1 16 ? -9.171  -5.264  -1.316  1.00 11.68 ? 15   GLU C CA  1 
ATOM   730  C C   . GLU C 1 16 ? -7.664  -5.165  -0.999  1.00 12.41 ? 15   GLU C C   1 
ATOM   731  O O   . GLU C 1 16 ? -6.979  -6.144  -0.855  1.00 9.79  ? 15   GLU C O   1 
ATOM   732  C CB  . GLU C 1 16 ? -9.451  -5.096  -2.794  1.00 12.05 ? 15   GLU C CB  1 
ATOM   733  C CG  . GLU C 1 16 ? -8.772  -6.096  -3.703  1.00 19.80 ? 15   GLU C CG  1 
ATOM   734  C CD  . GLU C 1 16 ? -9.244  -7.525  -3.502  1.00 50.70 ? 15   GLU C CD  1 
ATOM   735  O OE1 . GLU C 1 16 ? -10.282 -7.732  -2.826  1.00 40.64 ? 15   GLU C OE1 1 
ATOM   736  O OE2 . GLU C 1 16 ? -8.562  -8.456  -3.978  1.00 33.54 ? 15   GLU C OE2 1 
ATOM   737  N N   . GLN C 1 17 ? -7.194  -3.962  -1.005  1.00 7.82  ? 16   GLN C N   1 
ATOM   738  C CA  . GLN C 1 17 ? -5.767  -3.853  -0.714  1.00 6.17  ? 16   GLN C CA  1 
ATOM   739  C C   . GLN C 1 17 ? -5.435  -4.465  0.676   1.00 10.09 ? 16   GLN C C   1 
ATOM   740  O O   . GLN C 1 17 ? -4.464  -5.088  0.843   1.00 10.45 ? 16   GLN C O   1 
ATOM   741  C CB  . GLN C 1 17 ? -5.300  -2.421  -0.716  1.00 6.38  ? 16   GLN C CB  1 
ATOM   742  C CG  . GLN C 1 17 ? -5.395  -1.839  -2.080  1.00 8.20  ? 16   GLN C CG  1 
ATOM   743  C CD  . GLN C 1 17 ? -4.989  -0.369  -2.136  1.00 15.40 ? 16   GLN C CD  1 
ATOM   744  O OE1 . GLN C 1 17 ? -4.888  0.245   -1.166  1.00 13.29 ? 16   GLN C OE1 1 
ATOM   745  N NE2 . GLN C 1 17 ? -4.875  0.150   -3.293  1.00 14.23 ? 16   GLN C NE2 1 
ATOM   746  N N   . ILE C 1 18 ? -6.293  -4.210  1.649   1.00 6.77  ? 17   ILE C N   1 
ATOM   747  C CA  . ILE C 1 18 ? -6.051  -4.723  2.998   1.00 6.77  ? 17   ILE C CA  1 
ATOM   748  C C   . ILE C 1 18 ? -6.016  -6.269  2.998   1.00 6.29  ? 17   ILE C C   1 
ATOM   749  O O   . ILE C 1 18 ? -5.217  -6.876  3.618   1.00 6.95  ? 17   ILE C O   1 
ATOM   750  C CB  . ILE C 1 18 ? -7.164  -4.238  3.976   1.00 7.84  ? 17   ILE C CB  1 
ATOM   751  C CG1 . ILE C 1 18 ? -6.910  -2.854  4.407   1.00 8.04  ? 17   ILE C CG1 1 
ATOM   752  C CG2 . ILE C 1 18 ? -7.285  -5.065  5.235   1.00 7.68  ? 17   ILE C CG2 1 
ATOM   753  C CD1 . ILE C 1 18 ? -8.140  -2.199  5.021   1.00 9.79  ? 17   ILE C CD1 1 
ATOM   754  N N   . LYS C 1 19 ? -6.931  -6.814  2.238   1.00 6.88  ? 18   LYS C N   1 
ATOM   755  C CA  . LYS C 1 19 ? -6.950  -8.272  2.113   1.00 6.58  ? 18   LYS C CA  1 
ATOM   756  C C   . LYS C 1 19 ? -5.607  -8.778  1.530   1.00 10.69 ? 18   LYS C C   1 
ATOM   757  O O   . LYS C 1 19 ? -5.044  -9.780  1.982   1.00 10.03 ? 18   LYS C O   1 
ATOM   758  C CB  . LYS C 1 19 ? -8.083  -8.724  1.214   1.00 13.11 ? 18   LYS C CB  1 
ATOM   759  C CG  . LYS C 1 19 ? -8.073  -10.190 0.927   1.00 16.93 ? 18   LYS C CG  1 
ATOM   760  C CD  . LYS C 1 19 ? -9.268  -10.572 0.090   1.00 29.14 ? 18   LYS C CD  1 
ATOM   761  C CE  . LYS C 1 19 ? -9.335  -12.061 -0.248  1.00 46.47 ? 18   LYS C CE  1 
ATOM   762  N NZ  . LYS C 1 19 ? -9.924  -12.290 -1.575  1.00 36.56 ? 18   LYS C NZ  1 
ATOM   763  N N   . LEU C 1 20 ? -5.163  -8.090  0.493   1.00 7.38  ? 19   LEU C N   1 
ATOM   764  C CA  . LEU C 1 20 ? -3.894  -8.448  -0.124  1.00 6.37  ? 19   LEU C CA  1 
ATOM   765  C C   . LEU C 1 20 ? -2.689  -8.262  0.815   1.00 10.71 ? 19   LEU C C   1 
ATOM   766  O O   . LEU C 1 20 ? -1.817  -9.047  0.804   1.00 8.24  ? 19   LEU C O   1 
ATOM   767  C CB  . LEU C 1 20 ? -3.688  -7.747  -1.439  1.00 7.33  ? 19   LEU C CB  1 
ATOM   768  C CG  . LEU C 1 20 ? -4.734  -8.045  -2.492  1.00 11.31 ? 19   LEU C CG  1 
ATOM   769  C CD1 . LEU C 1 20 ? -4.697  -7.052  -3.642  1.00 10.80 ? 19   LEU C CD1 1 
ATOM   770  C CD2 . LEU C 1 20 ? -4.540  -9.431  -3.025  1.00 8.66  ? 19   LEU C CD2 1 
ATOM   771  N N   . LEU C 1 21 ? -2.686  -7.208  1.584   1.00 4.69  ? 20   LEU C N   1 
ATOM   772  C CA  . LEU C 1 21 ? -1.627  -7.013  2.551   1.00 4.71  ? 20   LEU C CA  1 
ATOM   773  C C   . LEU C 1 21 ? -1.590  -8.160  3.576   1.00 8.71  ? 20   LEU C C   1 
ATOM   774  O O   . LEU C 1 21 ? -0.573  -8.578  3.971   1.00 9.82  ? 20   LEU C O   1 
ATOM   775  C CB  . LEU C 1 21 ? -1.759  -5.704  3.326   1.00 6.93  ? 20   LEU C CB  1 
ATOM   776  C CG  . LEU C 1 21 ? -1.622  -4.554  2.354   1.00 5.99  ? 20   LEU C CG  1 
ATOM   777  C CD1 . LEU C 1 21 ? -2.046  -3.291  3.041   1.00 10.90 ? 20   LEU C CD1 1 
ATOM   778  C CD2 . LEU C 1 21 ? -0.204  -4.382  1.934   1.00 10.48 ? 20   LEU C CD2 1 
ATOM   779  N N   . LYS C 1 22 ? -2.775  -8.612  3.970   1.00 6.06  ? 21   LYS C N   1 
ATOM   780  C CA  . LYS C 1 22 ? -2.820  -9.761  4.868   1.00 7.46  ? 21   LYS C CA  1 
ATOM   781  C C   . LYS C 1 22 ? -2.226  -10.998 4.241   1.00 9.60  ? 21   LYS C C   1 
ATOM   782  O O   . LYS C 1 22 ? -1.650  -11.754 4.930   1.00 9.71  ? 21   LYS C O   1 
ATOM   783  C CB  . LYS C 1 22 ? -4.229  -10.030 5.318   1.00 9.60  ? 21   LYS C CB  1 
ATOM   784  C CG  . LYS C 1 22 ? -4.716  -8.980  6.264   1.00 8.25  ? 21   LYS C CG  1 
ATOM   785  C CD  . LYS C 1 22 ? -6.140  -9.201  6.749   1.00 12.35 ? 21   LYS C CD  1 
ATOM   786  C CE  . LYS C 1 22 ? -6.629  -8.141  7.682   1.00 16.38 ? 21   LYS C CE  1 
ATOM   787  N NZ  . LYS C 1 22 ? -8.065  -8.340  7.919   1.00 18.77 ? 21   LYS C NZ  1 
ATOM   788  N N   . GLU C 1 23 ? -2.468  -11.198 2.972   1.00 6.43  ? 22   GLU C N   1 
ATOM   789  C CA  . GLU C 1 23 ? -1.933  -12.364 2.289   1.00 8.77  ? 22   GLU C CA  1 
ATOM   790  C C   . GLU C 1 23 ? -0.419  -12.283 2.202   1.00 11.46 ? 22   GLU C C   1 
ATOM   791  O O   . GLU C 1 23 ? 0.223   -13.301 2.246   1.00 8.37  ? 22   GLU C O   1 
ATOM   792  C CB  . GLU C 1 23 ? -2.437  -12.583 0.875   1.00 10.16 ? 22   GLU C CB  1 
ATOM   793  C CG  . GLU C 1 23 ? -3.905  -12.822 0.749   1.00 26.26 ? 22   GLU C CG  1 
ATOM   794  C CD  . GLU C 1 23 ? -4.426  -12.879 -0.696  1.00 44.96 ? 22   GLU C CD  1 
ATOM   795  O OE1 . GLU C 1 23 ? -3.736  -13.343 -1.610  1.00 25.30 ? 22   GLU C OE1 1 
ATOM   796  O OE2 . GLU C 1 23 ? -5.574  -12.412 -0.880  1.00 32.49 ? 22   GLU C OE2 1 
ATOM   797  N N   . GLN C 1 24 ? 0.100   -11.060 2.027   1.00 7.82  ? 23   GLN C N   1 
ATOM   798  C CA  . GLN C 1 24 ? 1.552   -10.905 2.016   1.00 8.36  ? 23   GLN C CA  1 
ATOM   799  C C   . GLN C 1 24 ? 2.161   -11.307 3.340   1.00 9.12  ? 23   GLN C C   1 
ATOM   800  O O   . GLN C 1 24 ? 3.157   -11.917 3.396   1.00 8.37  ? 23   GLN C O   1 
ATOM   801  C CB  . GLN C 1 24 ? 1.943   -9.473  1.715   1.00 6.70  ? 23   GLN C CB  1 
ATOM   802  C CG  . GLN C 1 24 ? 1.606   -9.128  0.303   1.00 9.40  ? 23   GLN C CG  1 
ATOM   803  C CD  . GLN C 1 24 ? 1.942   -7.725  -0.106  1.00 14.17 ? 23   GLN C CD  1 
ATOM   804  O OE1 . GLN C 1 24 ? 2.365   -6.965  0.667   1.00 19.52 ? 23   GLN C OE1 1 
ATOM   805  N NE2 . GLN C 1 24 ? 1.687   -7.395  -1.348  1.00 17.65 ? 23   GLN C NE2 1 
ATOM   806  N N   . ILE C 1 25 ? 1.499   -10.900 4.384   1.00 6.54  ? 24   ILE C N   1 
ATOM   807  C CA  . ILE C 1 25 ? 1.965   -11.230 5.709   1.00 6.10  ? 24   ILE C CA  1 
ATOM   808  C C   . ILE C 1 25 ? 1.993   -12.758 5.894   1.00 10.28 ? 24   ILE C C   1 
ATOM   809  O O   . ILE C 1 25 ? 2.947   -13.278 6.408   1.00 12.01 ? 24   ILE C O   1 
ATOM   810  C CB  . ILE C 1 25 ? 1.124   -10.538 6.774   1.00 6.11  ? 24   ILE C CB  1 
ATOM   811  C CG1 . ILE C 1 25 ? 1.377   -9.043  6.726   1.00 6.79  ? 24   ILE C CG1 1 
ATOM   812  C CG2 . ILE C 1 25 ? 1.391   -11.107 8.143   1.00 12.81 ? 24   ILE C CG2 1 
ATOM   813  C CD1 . ILE C 1 25 ? 0.348   -8.242  7.469   1.00 11.10 ? 24   ILE C CD1 1 
ATOM   814  N N   . LYS C 1 26 ? 0.971   -13.417 5.405   1.00 7.28  ? 25   LYS C N   1 
ATOM   815  C CA  . LYS C 1 26 ? 0.948   -14.865 5.525   1.00 11.23 ? 25   LYS C CA  1 
ATOM   816  C C   . LYS C 1 26 ? 2.129   -15.493 4.783   1.00 11.40 ? 25   LYS C C   1 
ATOM   817  O O   . LYS C 1 26 ? 2.734   -16.446 5.254   1.00 10.68 ? 25   LYS C O   1 
ATOM   818  C CB  . LYS C 1 26 ? -0.335  -15.485 4.964   1.00 16.07 ? 25   LYS C CB  1 
ATOM   819  C CG  . LYS C 1 26 ? -1.405  -15.582 5.968   1.00 24.80 ? 25   LYS C CG  1 
ATOM   820  C CD  . LYS C 1 26 ? -2.658  -16.284 5.466   1.00 41.33 ? 25   LYS C CD  1 
ATOM   821  C CE  . LYS C 1 26 ? -3.511  -16.736 6.647   1.00 58.56 ? 25   LYS C CE  1 
ATOM   822  N NZ  . LYS C 1 26 ? -2.993  -18.007 7.268   1.00 44.58 ? 25   LYS C NZ  1 
ATOM   823  N N   . MET C 1 27 ? 2.377   -14.973 3.604   1.00 5.97  ? 26   MET C N   1 
ATOM   824  C CA  . MET C 1 27 ? 3.490   -15.499 2.844   1.00 6.80  ? 26   MET C CA  1 
ATOM   825  C C   . MET C 1 27 ? 4.843   -15.227 3.557   1.00 9.14  ? 26   MET C C   1 
ATOM   826  O O   . MET C 1 27 ? 5.714   -16.040 3.532   1.00 6.82  ? 26   MET C O   1 
ATOM   827  C CB  . MET C 1 27 ? 3.567   -14.996 1.435   1.00 5.32  ? 26   MET C CB  1 
ATOM   828  C CG  . MET C 1 27 ? 2.435   -15.411 0.606   1.00 8.46  ? 26   MET C CG  1 
ATOM   829  S SD  . MET C 1 27 ? 2.285   -17.213 0.593   1.00 10.58 ? 26   MET C SD  1 
ATOM   830  C CE  . MET C 1 27 ? 3.959   -17.786 0.247   1.00 8.73  ? 26   MET C CE  1 
ATOM   831  N N   . LEU C 1 28 ? 4.988   -14.039 4.142   1.00 3.91  ? 27   LEU C N   1 
ATOM   832  C CA  . LEU C 1 28 ? 6.210   -13.742 4.855   1.00 4.51  ? 27   LEU C CA  1 
ATOM   833  C C   . LEU C 1 28 ? 6.418   -14.713 6.026   1.00 9.56  ? 27   LEU C C   1 
ATOM   834  O O   . LEU C 1 28 ? 7.507   -15.049 6.364   1.00 6.15  ? 27   LEU C O   1 
ATOM   835  C CB  . LEU C 1 28 ? 6.248   -12.302 5.362   1.00 6.43  ? 27   LEU C CB  1 
ATOM   836  C CG  . LEU C 1 28 ? 6.332   -11.281 4.242   1.00 5.84  ? 27   LEU C CG  1 
ATOM   837  C CD1 . LEU C 1 28 ? 6.176   -9.899  4.840   1.00 9.48  ? 27   LEU C CD1 1 
ATOM   838  C CD2 . LEU C 1 28 ? 7.667   -11.306 3.525   1.00 7.01  ? 27   LEU C CD2 1 
ATOM   839  N N   . LYS C 1 29 ? 5.315   -15.060 6.656   1.00 7.99  ? 28   LYS C N   1 
ATOM   840  C CA  . LYS C 1 29 ? 5.385   -16.037 7.738   1.00 9.05  ? 28   LYS C CA  1 
ATOM   841  C C   . LYS C 1 29 ? 5.833   -17.439 7.256   1.00 8.93  ? 28   LYS C C   1 
ATOM   842  O O   . LYS C 1 29 ? 6.582   -18.108 7.919   1.00 9.78  ? 28   LYS C O   1 
ATOM   843  C CB  . LYS C 1 29 ? 4.107   -16.126 8.524   1.00 13.89 ? 28   LYS C CB  1 
ATOM   844  C CG  . LYS C 1 29 ? 3.878   -14.889 9.332   1.00 14.94 ? 28   LYS C CG  1 
ATOM   845  C CD  . LYS C 1 29 ? 2.515   -14.890 9.972   1.00 20.37 ? 28   LYS C CD  1 
ATOM   846  C CE  . LYS C 1 29 ? 2.359   -13.673 10.851  1.00 26.12 ? 28   LYS C CE  1 
ATOM   847  N NZ  . LYS C 1 29 ? 0.983   -13.586 11.341  1.00 41.31 ? 28   LYS C NZ  1 
ATOM   848  N N   . GLU C 1 30 ? 5.358   -17.801 6.084   1.00 6.02  ? 29   GLU C N   1 
ATOM   849  C CA  . GLU C 1 30 ? 5.855   -19.040 5.479   1.00 7.16  ? 29   GLU C CA  1 
ATOM   850  C C   . GLU C 1 30 ? 7.375   -18.937 5.224   1.00 9.95  ? 29   GLU C C   1 
ATOM   851  O O   . GLU C 1 30 ? 8.064   -19.867 5.401   1.00 10.07 ? 29   GLU C O   1 
ATOM   852  C CB  . GLU C 1 30 ? 5.215   -19.355 4.121   1.00 13.45 ? 29   GLU C CB  1 
ATOM   853  C CG  . GLU C 1 30 ? 3.931   -20.076 4.087   1.00 13.92 ? 29   GLU C CG  1 
ATOM   854  C CD  . GLU C 1 30 ? 3.961   -21.398 4.853   1.00 13.78 ? 29   GLU C CD  1 
ATOM   855  O OE1 . GLU C 1 30 ? 4.808   -22.261 4.628   1.00 11.77 ? 29   GLU C OE1 1 
ATOM   856  O OE2 . GLU C 1 30 ? 3.129   -21.502 5.678   1.00 13.63 ? 29   GLU C OE2 1 
ATOM   857  N N   . LEU C 1 31 ? 7.834   -17.789 4.733   1.00 5.98  ? 30   LEU C N   1 
ATOM   858  C CA  . LEU C 1 31 ? 9.285   -17.648 4.479   1.00 5.22  ? 30   LEU C CA  1 
ATOM   859  C C   . LEU C 1 31 ? 10.068  -17.758 5.795   1.00 8.53  ? 30   LEU C C   1 
ATOM   860  O O   . LEU C 1 31 ? 11.148  -18.241 5.853   1.00 7.51  ? 30   LEU C O   1 
ATOM   861  C CB  . LEU C 1 31 ? 9.599   -16.311 3.807   1.00 5.25  ? 30   LEU C CB  1 
ATOM   862  C CG  . LEU C 1 31 ? 9.117   -16.237 2.370   1.00 8.90  ? 30   LEU C CG  1 
ATOM   863  C CD1 . LEU C 1 31 ? 9.448   -14.901 1.725   1.00 11.51 ? 30   LEU C CD1 1 
ATOM   864  C CD2 . LEU C 1 31 ? 9.753   -17.329 1.550   1.00 10.61 ? 30   LEU C CD2 1 
ATOM   865  N N   . GLU C 1 32 ? 9.504   -17.164 6.824   1.00 4.19  ? 31   GLU C N   1 
ATOM   866  C CA  . GLU C 1 32 ? 10.149  -17.153 8.111   1.00 6.27  ? 31   GLU C CA  1 
ATOM   867  C C   . GLU C 1 32 ? 10.250  -18.577 8.695   1.00 11.94 ? 31   GLU C C   1 
ATOM   868  O O   . GLU C 1 32 ? 11.150  -18.880 9.393   1.00 10.07 ? 31   GLU C O   1 
ATOM   869  C CB  . GLU C 1 32 ? 9.420   -16.262 9.081   1.00 11.00 ? 31   GLU C CB  1 
ATOM   870  C CG  . GLU C 1 32 ? 10.197  -15.823 10.266  1.00 22.80 ? 31   GLU C CG  1 
ATOM   871  C CD  . GLU C 1 32 ? 10.175  -16.797 11.382  1.00 37.35 ? 31   GLU C CD  1 
ATOM   872  O OE1 . GLU C 1 32 ? 9.270   -17.625 11.401  1.00 36.35 ? 31   GLU C OE1 1 
ATOM   873  O OE2 . GLU C 1 32 ? 11.090  -16.741 12.225  1.00 42.60 ? 31   GLU C OE2 1 
ATOM   874  N N   . LYS C 1 33 ? 9.269   -19.405 8.361   1.00 5.35  ? 32   LYS C N   1 
ATOM   875  C CA  . LYS C 1 33 ? 9.341   -20.803 8.823   1.00 6.06  ? 32   LYS C CA  1 
ATOM   876  C C   . LYS C 1 33 ? 10.597  -21.467 8.282   1.00 7.61  ? 32   LYS C C   1 
ATOM   877  O O   . LYS C 1 33 ? 11.210  -22.244 8.962   1.00 10.19 ? 32   LYS C O   1 
ATOM   878  C CB  . LYS C 1 33 ? 8.164   -21.593 8.356   1.00 6.72  ? 32   LYS C CB  1 
ATOM   879  C CG  . LYS C 1 33 ? 6.912   -21.319 9.125   1.00 12.49 ? 32   LYS C CG  1 
ATOM   880  C CD  . LYS C 1 33 ? 5.841   -22.142 8.466   1.00 14.56 ? 32   LYS C CD  1 
ATOM   881  C CE  . LYS C 1 33 ? 4.443   -21.753 8.757   1.00 24.73 ? 32   LYS C CE  1 
ATOM   882  N NZ  . LYS C 1 33 ? 3.432   -22.632 8.144   1.00 11.48 ? 32   LYS C NZ  1 
ATOM   883  N N   . GLN C 1 34 ? 10.922  -21.113 7.048   1.00 5.91  ? 33   GLN C N   1 
ATOM   884  C CA  . GLN C 1 34 ? 12.068  -21.715 6.364   1.00 8.91  ? 33   GLN C CA  1 
ATOM   885  C C   . GLN C 1 34 ? 13.397  -21.247 6.942   1.00 14.74 ? 33   GLN C C   1 
ATOM   886  C CB  . GLN C 1 34 ? 12.012  -21.403 4.872   1.00 8.41  ? 33   GLN C CB  1 
ATOM   887  C CG  . GLN C 1 34 ? 10.831  -22.033 4.183   1.00 9.89  ? 33   GLN C CG  1 
ATOM   888  C CD  . GLN C 1 34 ? 10.893  -21.869 2.678   1.00 12.58 ? 33   GLN C CD  1 
ATOM   889  O OE1 . GLN C 1 34 ? 11.914  -21.441 2.126   1.00 17.80 ? 33   GLN C OE1 1 
ATOM   890  N NE2 . GLN C 1 34 ? 9.806   -22.206 2.005   1.00 10.31 ? 33   GLN C NE2 1 
ATOM   891  O OXT . GLN C 1 34 ? 14.403  -21.950 6.839   1.00 13.53 ? 33   GLN C OXT 1 
HETATM 892  C C   . ACE D 1 1  ? -16.270 17.128  -12.436 1.00 8.66  ? 0    ACE D C   1 
HETATM 893  O O   . ACE D 1 1  ? -15.871 15.968  -12.489 1.00 9.68  ? 0    ACE D O   1 
HETATM 894  C CH3 . ACE D 1 1  ? -17.709 17.461  -12.764 1.00 7.55  ? 0    ACE D CH3 1 
ATOM   895  N N   . THR D 1 2  ? -15.356 18.176  -12.047 1.00 5.17  ? 1    THR D N   1 
ATOM   896  C CA  . THR D 1 2  ? -13.957 17.840  -11.747 1.00 7.94  ? 1    THR D CA  1 
ATOM   897  C C   . THR D 1 2  ? -13.770 16.852  -10.617 1.00 9.16  ? 1    THR D C   1 
ATOM   898  O O   . THR D 1 2  ? -12.919 15.960  -10.719 1.00 7.01  ? 1    THR D O   1 
ATOM   899  C CB  . THR D 1 2  ? -13.192 19.113  -11.496 1.00 12.19 ? 1    THR D CB  1 
ATOM   900  O OG1 . THR D 1 2  ? -13.263 19.921  -12.635 1.00 11.74 ? 1    THR D OG1 1 
ATOM   901  C CG2 . THR D 1 2  ? -11.753 18.833  -11.140 1.00 14.41 ? 1    THR D CG2 1 
ATOM   902  N N   . GLN D 1 3  ? -14.505 16.981  -9.592  1.00 6.72  ? 2    GLN D N   1 
ATOM   903  C CA  . GLN D 1 3  ? -14.323 16.076  -8.436  1.00 9.12  ? 2    GLN D CA  1 
ATOM   904  C C   . GLN D 1 3  ? -14.626 14.609  -8.784  1.00 11.44 ? 2    GLN D C   1 
ATOM   905  O O   . GLN D 1 3  ? -13.918 13.725  -8.399  1.00 8.04  ? 2    GLN D O   1 
ATOM   906  C CB  . GLN D 1 3  ? -15.119 16.524  -7.190  1.00 12.32 ? 2    GLN D CB  1 
ATOM   907  C CG  . GLN D 1 3  ? -15.092 15.520  -6.077  1.00 20.25 ? 2    GLN D CG  1 
ATOM   908  C CD  . GLN D 1 3  ? -15.775 15.917  -4.769  1.00 37.11 ? 2    GLN D CD  1 
ATOM   909  O OE1 . GLN D 1 3  ? -16.821 16.564  -4.759  1.00 49.39 ? 2    GLN D OE1 1 
ATOM   910  N NE2 . GLN D 1 3  ? -15.220 15.470  -3.680  1.00 38.46 ? 2    GLN D NE2 1 
ATOM   911  N N   . GLU D 1 4  ? -15.710 14.392  -9.525  1.00 8.38  ? 3    GLU D N   1 
ATOM   912  C CA  . GLU D 1 4  ? -16.026 13.043  -10.002 1.00 8.26  ? 3    GLU D CA  1 
ATOM   913  C C   . GLU D 1 4  ? -14.898 12.480  -10.860 1.00 8.17  ? 3    GLU D C   1 
ATOM   914  O O   . GLU D 1 4  ? -14.489 11.326  -10.686 1.00 8.76  ? 3    GLU D O   1 
ATOM   915  C CB  . GLU D 1 4  ? -17.323 13.037  -10.808 1.00 9.73  ? 3    GLU D CB  1 
ATOM   916  C CG  . GLU D 1 4  ? -18.550 13.422  -10.011 1.00 16.03 ? 3    GLU D CG  1 
ATOM   917  C CD  . GLU D 1 4  ? -19.705 13.799  -10.917 1.00 25.43 ? 3    GLU D CD  1 
ATOM   918  O OE1 . GLU D 1 4  ? -20.368 12.880  -11.443 1.00 21.33 ? 3    GLU D OE1 1 
ATOM   919  O OE2 . GLU D 1 4  ? -19.928 15.013  -11.127 1.00 17.77 ? 3    GLU D OE2 1 
ATOM   920  N N   . TYR D 1 5  ? -14.410 13.302  -11.791 1.00 6.61  ? 4    TYR D N   1 
ATOM   921  C CA  . TYR D 1 5  ? -13.292 12.924  -12.651 1.00 5.78  ? 4    TYR D CA  1 
ATOM   922  C C   . TYR D 1 5  ? -12.068 12.487  -11.835 1.00 9.13  ? 4    TYR D C   1 
ATOM   923  O O   . TYR D 1 5  ? -11.480 11.430  -12.090 1.00 6.65  ? 4    TYR D O   1 
ATOM   924  C CB  . TYR D 1 5  ? -12.918 14.089  -13.581 1.00 10.01 ? 4    TYR D CB  1 
ATOM   925  C CG  . TYR D 1 5  ? -11.651 13.843  -14.361 1.00 10.12 ? 4    TYR D CG  1 
ATOM   926  C CD1 . TYR D 1 5  ? -11.645 12.993  -15.453 1.00 19.31 ? 4    TYR D CD1 1 
ATOM   927  C CD2 . TYR D 1 5  ? -10.460 14.452  -13.995 1.00 13.38 ? 4    TYR D CD2 1 
ATOM   928  C CE1 . TYR D 1 5  ? -10.487 12.753  -16.162 1.00 23.56 ? 4    TYR D CE1 1 
ATOM   929  C CE2 . TYR D 1 5  ? -9.298  14.217  -14.697 1.00 20.34 ? 4    TYR D CE2 1 
ATOM   930  C CZ  . TYR D 1 5  ? -9.320  13.368  -15.781 1.00 20.29 ? 4    TYR D CZ  1 
ATOM   931  O OH  . TYR D 1 5  ? -8.165  13.135  -16.487 1.00 35.03 ? 4    TYR D OH  1 
ATOM   932  N N   . LEU D 1 6  ? -11.702 13.301  -10.849 1.00 5.14  ? 5    LEU D N   1 
ATOM   933  C CA  . LEU D 1 6  ? -10.516 13.040  -10.035 1.00 4.70  ? 5    LEU D CA  1 
ATOM   934  C C   . LEU D 1 6  ? -10.697 11.829  -9.126  1.00 5.16  ? 5    LEU D C   1 
ATOM   935  O O   . LEU D 1 6  ? -9.759  11.053  -8.931  1.00 6.59  ? 5    LEU D O   1 
ATOM   936  C CB  . LEU D 1 6  ? -10.144 14.280  -9.221  1.00 7.91  ? 5    LEU D CB  1 
ATOM   937  C CG  . LEU D 1 6  ? -9.704  15.473  -10.073 1.00 9.87  ? 5    LEU D CG  1 
ATOM   938  C CD1 . LEU D 1 6  ? -9.418  16.688  -9.186  1.00 8.39  ? 5    LEU D CD1 1 
ATOM   939  C CD2 . LEU D 1 6  ? -8.506  15.140  -10.979 1.00 9.34  ? 5    LEU D CD2 1 
ATOM   940  N N   . LEU D 1 7  ? -11.889 11.650  -8.574  1.00 3.94  ? 6    LEU D N   1 
ATOM   941  C CA  . LEU D 1 7  ? -12.151 10.436  -7.796  1.00 3.61  ? 6    LEU D CA  1 
ATOM   942  C C   . LEU D 1 7  ? -12.051 9.186   -8.672  1.00 5.10  ? 6    LEU D C   1 
ATOM   943  O O   . LEU D 1 7  ? -11.542 8.148   -8.226  1.00 7.14  ? 6    LEU D O   1 
ATOM   944  C CB  . LEU D 1 7  ? -13.510 10.504  -7.094  1.00 6.96  ? 6    LEU D CB  1 
ATOM   945  C CG  . LEU D 1 7  ? -13.627 11.544  -5.977  1.00 5.22  ? 6    LEU D CG  1 
ATOM   946  C CD1 . LEU D 1 7  ? -15.070 11.643  -5.490  1.00 9.77  ? 6    LEU D CD1 1 
ATOM   947  C CD2 . LEU D 1 7  ? -12.683 11.216  -4.827  1.00 5.19  ? 6    LEU D CD2 1 
ATOM   948  N N   . LYS D 1 8  ? -12.528 9.264   -9.909  1.00 5.37  ? 7    LYS D N   1 
ATOM   949  C CA  . LYS D 1 8  ? -12.338 8.126   -10.819 1.00 5.73  ? 7    LYS D CA  1 
ATOM   950  C C   . LYS D 1 8  ? -10.857 7.887   -11.156 1.00 9.73  ? 7    LYS D C   1 
ATOM   951  O O   . LYS D 1 8  ? -10.414 6.736   -11.280 1.00 6.38  ? 7    LYS D O   1 
ATOM   952  C CB  . LYS D 1 8  ? -13.149 8.287   -12.104 1.00 7.14  ? 7    LYS D CB  1 
ATOM   953  C CG  . LYS D 1 8  ? -14.651 8.233   -11.912 1.00 9.50  ? 7    LYS D CG  1 
ATOM   954  C CD  . LYS D 1 8  ? -15.343 8.429   -13.265 1.00 15.59 ? 7    LYS D CD  1 
ATOM   955  C CE  . LYS D 1 8  ? -16.727 9.013   -13.108 1.00 35.42 ? 7    LYS D CE  1 
ATOM   956  N NZ  . LYS D 1 8  ? -17.652 8.078   -12.420 1.00 46.77 ? 7    LYS D NZ  1 
ATOM   957  N N   . GLU D 1 9  ? -10.090 8.966   -11.312 1.00 9.22  ? 8    GLU D N   1 
ATOM   958  C CA  . GLU D 1 9  ? -8.642  8.821   -11.528 1.00 7.51  ? 8    GLU D CA  1 
ATOM   959  C C   . GLU D 1 9  ? -7.959  8.138   -10.338 1.00 10.04 ? 8    GLU D C   1 
ATOM   960  O O   . GLU D 1 9  ? -7.050  7.296   -10.492 1.00 10.39 ? 8    GLU D O   1 
ATOM   961  C CB  . GLU D 1 9  ? -7.990  10.180  -11.799 1.00 10.03 ? 8    GLU D CB  1 
ATOM   962  C CG  . GLU D 1 9  ? -8.371  10.777  -13.146 1.00 11.08 ? 8    GLU D CG  1 
ATOM   963  C CD  . GLU D 1 9  ? -8.011  9.865   -14.305 1.00 20.48 ? 8    GLU D CD  1 
ATOM   964  O OE1 . GLU D 1 9  ? -6.832  9.457   -14.395 1.00 19.42 ? 8    GLU D OE1 1 
ATOM   965  O OE2 . GLU D 1 9  ? -8.908  9.549   -15.117 1.00 18.97 ? 8    GLU D OE2 1 
ATOM   966  N N   . ILE D 1 10 ? -8.405  8.515   -9.144  1.00 4.95  ? 9    ILE D N   1 
ATOM   967  C CA  . ILE D 1 10 ? -7.894  7.910   -7.918  1.00 5.74  ? 9    ILE D CA  1 
ATOM   968  C C   . ILE D 1 10 ? -8.219  6.419   -7.900  1.00 7.82  ? 9    ILE D C   1 
ATOM   969  O O   . ILE D 1 10 ? -7.368  5.583   -7.550  1.00 6.08  ? 9    ILE D O   1 
ATOM   970  C CB  . ILE D 1 10 ? -8.464  8.625   -6.683  1.00 5.73  ? 9    ILE D CB  1 
ATOM   971  C CG1 . ILE D 1 10 ? -7.770  9.978   -6.521  1.00 5.95  ? 9    ILE D CG1 1 
ATOM   972  C CG2 . ILE D 1 10 ? -8.290  7.777   -5.417  1.00 5.02  ? 9    ILE D CG2 1 
ATOM   973  C CD1 . ILE D 1 10 ? -8.453  10.911  -5.548  1.00 10.05 ? 9    ILE D CD1 1 
ATOM   974  N N   . MET D 1 11 ? -9.445  6.076   -8.293  1.00 5.76  ? 10   MET D N   1 
ATOM   975  C CA  . MET D 1 11 ? -9.819  4.661   -8.382  1.00 5.46  ? 10   MET D CA  1 
ATOM   976  C C   . MET D 1 11 ? -8.887  3.904   -9.332  1.00 8.18  ? 10   MET D C   1 
ATOM   977  O O   . MET D 1 11 ? -8.481  2.771   -9.041  1.00 9.34  ? 10   MET D O   1 
ATOM   978  C CB  . MET D 1 11 ? -11.278 4.506   -8.821  1.00 7.75  ? 10   MET D CB  1 
ATOM   979  C CG  . MET D 1 11 ? -12.274 4.951   -7.766  1.00 8.13  ? 10   MET D CG  1 
ATOM   980  S SD  . MET D 1 11 ? -13.963 5.048   -8.414  1.00 13.78 ? 10   MET D SD  1 
ATOM   981  C CE  . MET D 1 11 ? -14.195 3.358   -8.937  1.00 20.03 ? 10   MET D CE  1 
ATOM   982  N N   . LYS D 1 12 ? -8.540  4.526   -10.458 1.00 6.86  ? 11   LYS D N   1 
ATOM   983  C CA  . LYS D 1 12 ? -7.592  3.891   -11.382 1.00 10.69 ? 11   LYS D CA  1 
ATOM   984  C C   . LYS D 1 12 ? -6.234  3.620   -10.727 1.00 10.09 ? 11   LYS D C   1 
ATOM   985  O O   . LYS D 1 12 ? -5.649  2.541   -10.909 1.00 8.02  ? 11   LYS D O   1 
ATOM   986  C CB  . LYS D 1 12 ? -7.378  4.738   -12.638 1.00 10.74 ? 11   LYS D CB  1 
ATOM   987  C CG  . LYS D 1 12 ? -8.599  4.868   -13.531 1.00 14.93 ? 11   LYS D CG  1 
ATOM   988  C CD  . LYS D 1 12 ? -8.275  5.801   -14.699 1.00 16.36 ? 11   LYS D CD  1 
ATOM   989  C CE  . LYS D 1 12 ? -9.486  6.065   -15.571 1.00 23.66 ? 11   LYS D CE  1 
ATOM   990  N NZ  . LYS D 1 12 ? -9.170  7.080   -16.619 1.00 23.26 ? 11   LYS D NZ  1 
ATOM   991  N N   . LEU D 1 13 ? -5.734  4.600   -9.977  1.00 7.51  ? 12   LEU D N   1 
ATOM   992  C CA  . LEU D 1 13 ? -4.459  4.412   -9.272  1.00 5.01  ? 12   LEU D CA  1 
ATOM   993  C C   . LEU D 1 13 ? -4.534  3.310   -8.210  1.00 8.58  ? 12   LEU D C   1 
ATOM   994  O O   . LEU D 1 13 ? -3.588  2.528   -8.040  1.00 7.59  ? 12   LEU D O   1 
ATOM   995  C CB  . LEU D 1 13 ? -3.986  5.723   -8.642  1.00 5.60  ? 12   LEU D CB  1 
ATOM   996  C CG  . LEU D 1 13 ? -3.711  6.826   -9.666  1.00 8.24  ? 12   LEU D CG  1 
ATOM   997  C CD1 . LEU D 1 13 ? -3.536  8.182   -8.995  1.00 9.38  ? 12   LEU D CD1 1 
ATOM   998  C CD2 . LEU D 1 13 ? -2.474  6.462   -10.482 1.00 11.87 ? 12   LEU D CD2 1 
ATOM   999  N N   . LEU D 1 14 ? -5.646  3.250   -7.486  1.00 7.45  ? 13   LEU D N   1 
ATOM   1000 C CA  . LEU D 1 14 ? -5.809  2.181   -6.500  1.00 8.22  ? 13   LEU D CA  1 
ATOM   1001 C C   . LEU D 1 14 ? -5.860  0.806   -7.183  1.00 5.79  ? 13   LEU D C   1 
ATOM   1002 O O   . LEU D 1 14 ? -5.338  -0.172  -6.648  1.00 6.32  ? 13   LEU D O   1 
ATOM   1003 C CB  . LEU D 1 14 ? -7.052  2.410   -5.635  1.00 7.61  ? 13   LEU D CB  1 
ATOM   1004 C CG  . LEU D 1 14 ? -7.001  3.650   -4.739  1.00 6.16  ? 13   LEU D CG  1 
ATOM   1005 C CD1 . LEU D 1 14 ? -8.355  3.893   -4.073  1.00 11.42 ? 13   LEU D CD1 1 
ATOM   1006 C CD2 . LEU D 1 14 ? -5.896  3.557   -3.692  1.00 9.50  ? 13   LEU D CD2 1 
ATOM   1007 N N   . LYS D 1 15 ? -6.471  0.732   -8.364  1.00 5.75  ? 14   LYS D N   1 
ATOM   1008 C CA  . LYS D 1 15 ? -6.493  -0.543  -9.099  1.00 8.40  ? 14   LYS D CA  1 
ATOM   1009 C C   . LYS D 1 15 ? -5.102  -0.942  -9.587  1.00 8.74  ? 14   LYS D C   1 
ATOM   1010 O O   . LYS D 1 15 ? -4.754  -2.134  -9.595  1.00 6.17  ? 14   LYS D O   1 
ATOM   1011 C CB  . LYS D 1 15 ? -7.493  -0.507  -10.254 1.00 6.43  ? 14   LYS D CB  1 
ATOM   1012 C CG  . LYS D 1 15 ? -8.935  -0.464  -9.779  1.00 10.61 ? 14   LYS D CG  1 
ATOM   1013 C CD  . LYS D 1 15 ? -9.907  -0.480  -10.951 1.00 17.07 ? 14   LYS D CD  1 
ATOM   1014 C CE  . LYS D 1 15 ? -11.342 -0.322  -10.468 1.00 28.59 ? 14   LYS D CE  1 
ATOM   1015 N NZ  . LYS D 1 15 ? -12.295 -0.173  -11.606 1.00 36.09 ? 14   LYS D NZ  1 
ATOM   1016 N N   . GLU D 1 16 ? -4.298  0.047   -9.977  1.00 7.65  ? 15   GLU D N   1 
ATOM   1017 C CA  . GLU D 1 16 ? -2.904  -0.249  -10.313 1.00 7.94  ? 15   GLU D CA  1 
ATOM   1018 C C   . GLU D 1 16 ? -2.136  -0.782  -9.095  1.00 8.47  ? 15   GLU D C   1 
ATOM   1019 O O   . GLU D 1 16 ? -1.356  -1.745  -9.199  1.00 9.04  ? 15   GLU D O   1 
ATOM   1020 C CB  . GLU D 1 16 ? -2.196  0.975   -10.895 1.00 10.61 ? 15   GLU D CB  1 
ATOM   1021 C CG  . GLU D 1 16 ? -0.763  0.681   -11.311 1.00 13.16 ? 15   GLU D CG  1 
ATOM   1022 C CD  . GLU D 1 16 ? -0.667  -0.495  -12.267 1.00 36.22 ? 15   GLU D CD  1 
ATOM   1023 O OE1 . GLU D 1 16 ? -1.523  -0.604  -13.174 1.00 34.96 ? 15   GLU D OE1 1 
ATOM   1024 O OE2 . GLU D 1 16 ? 0.262   -1.319  -12.104 1.00 32.43 ? 15   GLU D OE2 1 
ATOM   1025 N N   . GLN D 1 17 ? -2.390  -0.192  -7.941  1.00 5.65  ? 16   GLN D N   1 
ATOM   1026 C CA  . GLN D 1 17 ? -1.725  -0.658  -6.732  1.00 6.96  ? 16   GLN D CA  1 
ATOM   1027 C C   . GLN D 1 17 ? -2.118  -2.123  -6.437  1.00 8.73  ? 16   GLN D C   1 
ATOM   1028 O O   . GLN D 1 17 ? -1.313  -2.926  -6.094  1.00 10.05 ? 16   GLN D O   1 
ATOM   1029 C CB  . GLN D 1 17 ? -2.019  0.202   -5.491  1.00 6.90  ? 16   GLN D CB  1 
ATOM   1030 C CG  . GLN D 1 17 ? -1.516  1.597   -5.642  1.00 7.53  ? 16   GLN D CG  1 
ATOM   1031 C CD  . GLN D 1 17 ? -1.803  2.470   -4.435  1.00 14.05 ? 16   GLN D CD  1 
ATOM   1032 O OE1 . GLN D 1 17 ? -2.668  2.238   -3.719  1.00 16.79 ? 16   GLN D OE1 1 
ATOM   1033 N NE2 . GLN D 1 17 ? -1.099  3.521   -4.349  1.00 18.40 ? 16   GLN D NE2 1 
ATOM   1034 N N   . ILE D 1 18 ? -3.389  -2.419  -6.605  1.00 7.13  ? 17   ILE D N   1 
ATOM   1035 C CA  . ILE D 1 18 ? -3.893  -3.757  -6.292  1.00 6.94  ? 17   ILE D CA  1 
ATOM   1036 C C   . ILE D 1 18 ? -3.165  -4.762  -7.198  1.00 9.40  ? 17   ILE D C   1 
ATOM   1037 O O   . ILE D 1 18 ? -2.833  -5.828  -6.822  1.00 7.18  ? 17   ILE D O   1 
ATOM   1038 C CB  . ILE D 1 18 ? -5.436  -3.843  -6.476  1.00 3.92  ? 17   ILE D CB  1 
ATOM   1039 C CG1 . ILE D 1 18 ? -6.135  -3.290  -5.248  1.00 7.00  ? 17   ILE D CG1 1 
ATOM   1040 C CG2 . ILE D 1 18 ? -5.914  -5.262  -6.733  1.00 6.96  ? 17   ILE D CG2 1 
ATOM   1041 C CD1 . ILE D 1 18 ? -7.543  -2.762  -5.472  1.00 7.62  ? 17   ILE D CD1 1 
ATOM   1042 N N   . LYS D 1 19 ? -2.984  -4.333  -8.425  1.00 8.03  ? 18   LYS D N   1 
ATOM   1043 C CA  . LYS D 1 19 ? -2.341  -5.188  -9.388  1.00 8.20  ? 18   LYS D CA  1 
ATOM   1044 C C   . LYS D 1 19 ? -0.881  -5.501  -8.921  1.00 9.45  ? 18   LYS D C   1 
ATOM   1045 O O   . LYS D 1 19 ? -0.413  -6.597  -9.019  1.00 9.36  ? 18   LYS D O   1 
ATOM   1046 C CB  . LYS D 1 19 ? -2.370  -4.564  -10.755 1.00 12.00 ? 18   LYS D CB  1 
ATOM   1047 C CG  . LYS D 1 19 ? -1.608  -5.305  -11.817 1.00 20.04 ? 18   LYS D CG  1 
ATOM   1048 C CD  . LYS D 1 19 ? -1.854  -4.709  -13.205 1.00 30.84 ? 18   LYS D CD  1 
ATOM   1049 C CE  . LYS D 1 19 ? -1.227  -5.539  -14.312 1.00 41.52 ? 18   LYS D CE  1 
ATOM   1050 N NZ  . LYS D 1 19 ? -1.652  -5.137  -15.676 1.00 61.63 ? 18   LYS D NZ  1 
ATOM   1051 N N   . LEU D 1 20 ? -0.232  -4.467  -8.452  1.00 5.61  ? 19   LEU D N   1 
ATOM   1052 C CA  . LEU D 1 20 ? 1.117   -4.596  -8.007  1.00 5.45  ? 19   LEU D CA  1 
ATOM   1053 C C   . LEU D 1 20 ? 1.215   -5.453  -6.744  1.00 7.55  ? 19   LEU D C   1 
ATOM   1054 O O   . LEU D 1 20 ? 2.099   -6.173  -6.560  1.00 7.97  ? 19   LEU D O   1 
ATOM   1055 C CB  . LEU D 1 20 ? 1.782   -3.232  -7.826  1.00 6.65  ? 19   LEU D CB  1 
ATOM   1056 C CG  . LEU D 1 20 ? 1.968   -2.459  -9.125  1.00 8.40  ? 19   LEU D CG  1 
ATOM   1057 C CD1 . LEU D 1 20 ? 2.359   -1.010  -8.829  1.00 8.80  ? 19   LEU D CD1 1 
ATOM   1058 C CD2 . LEU D 1 20 ? 3.036   -3.086  -9.965  1.00 13.53 ? 19   LEU D CD2 1 
ATOM   1059 N N   . LEU D 1 21 ? 0.252   -5.314  -5.868  1.00 5.59  ? 20   LEU D N   1 
ATOM   1060 C CA  . LEU D 1 21 ? 0.248   -6.116  -4.643  1.00 6.62  ? 20   LEU D CA  1 
ATOM   1061 C C   . LEU D 1 21 ? 0.075   -7.588  -4.992  1.00 9.09  ? 20   LEU D C   1 
ATOM   1062 O O   . LEU D 1 21 ? 0.705   -8.466  -4.386  1.00 8.06  ? 20   LEU D O   1 
ATOM   1063 C CB  . LEU D 1 21 ? -0.869  -5.670  -3.694  1.00 9.13  ? 20   LEU D CB  1 
ATOM   1064 C CG  . LEU D 1 21 ? -0.690  -4.294  -3.052  1.00 11.49 ? 20   LEU D CG  1 
ATOM   1065 C CD1 . LEU D 1 21 ? -1.998  -3.880  -2.391  1.00 9.68  ? 20   LEU D CD1 1 
ATOM   1066 C CD2 . LEU D 1 21 ? 0.459   -4.292  -2.047  1.00 12.13 ? 20   LEU D CD2 1 
ATOM   1067 N N   . LYS D 1 22 ? -0.783  -7.855  -5.975  1.00 6.81  ? 21   LYS D N   1 
ATOM   1068 C CA  . LYS D 1 22 ? -0.936  -9.234  -6.445  1.00 6.26  ? 21   LYS D CA  1 
ATOM   1069 C C   . LYS D 1 22 ? 0.370   -9.767  -7.028  1.00 8.87  ? 21   LYS D C   1 
ATOM   1070 O O   . LYS D 1 22 ? 0.733   -10.935 -6.806  1.00 9.36  ? 21   LYS D O   1 
ATOM   1071 C CB  . LYS D 1 22 ? -2.061  -9.345  -7.477  1.00 7.71  ? 21   LYS D CB  1 
ATOM   1072 C CG  . LYS D 1 22 ? -3.455  -9.175  -6.874  1.00 11.06 ? 21   LYS D CG  1 
ATOM   1073 C CD  . LYS D 1 22 ? -4.541  -9.187  -7.944  1.00 9.12  ? 21   LYS D CD  1 
ATOM   1074 C CE  . LYS D 1 22 ? -5.917  -9.034  -7.314  1.00 19.07 ? 21   LYS D CE  1 
ATOM   1075 N NZ  . LYS D 1 22 ? -7.001  -8.930  -8.335  1.00 19.20 ? 21   LYS D NZ  1 
ATOM   1076 N N   . GLU D 1 23 ? 1.079   -8.921  -7.770  1.00 5.49  ? 22   GLU D N   1 
ATOM   1077 C CA  . GLU D 1 23 ? 2.391   -9.327  -8.280  1.00 7.93  ? 22   GLU D CA  1 
ATOM   1078 C C   . GLU D 1 23 ? 3.405   -9.614  -7.157  1.00 12.31 ? 22   GLU D C   1 
ATOM   1079 O O   . GLU D 1 23 ? 4.184   -10.574 -7.240  1.00 11.43 ? 22   GLU D O   1 
ATOM   1080 C CB  . GLU D 1 23 ? 2.954   -8.302  -9.266  1.00 10.83 ? 22   GLU D CB  1 
ATOM   1081 C CG  . GLU D 1 23 ? 4.282   -8.740  -9.882  1.00 14.12 ? 22   GLU D CG  1 
ATOM   1082 C CD  . GLU D 1 23 ? 4.734   -7.853  -11.029 1.00 38.12 ? 22   GLU D CD  1 
ATOM   1083 O OE1 . GLU D 1 23 ? 4.147   -6.765  -11.219 1.00 33.56 ? 22   GLU D OE1 1 
ATOM   1084 O OE2 . GLU D 1 23 ? 5.681   -8.248  -11.745 1.00 31.97 ? 22   GLU D OE2 1 
ATOM   1085 N N   A GLN D 1 24 ? 3.386   -8.797  -6.105  0.50 7.71  ? 23   GLN D N   1 
ATOM   1086 N N   B GLN D 1 24 ? 3.414   -8.855  -6.182  0.50 7.75  ? 23   GLN D N   1 
ATOM   1087 C CA  A GLN D 1 24 ? 4.242   -9.047  -4.941  0.50 8.92  ? 23   GLN D CA  1 
ATOM   1088 C CA  B GLN D 1 24 ? 4.269   -9.105  -5.018  0.50 8.89  ? 23   GLN D CA  1 
ATOM   1089 C C   A GLN D 1 24 ? 3.943   -10.394 -4.287  0.50 9.69  ? 23   GLN D C   1 
ATOM   1090 C C   B GLN D 1 24 ? 3.970   -10.452 -4.363  0.50 9.70  ? 23   GLN D C   1 
ATOM   1091 O O   A GLN D 1 24 ? 4.863   -11.130 -3.916  0.50 7.34  ? 23   GLN D O   1 
ATOM   1092 O O   B GLN D 1 24 ? 4.891   -11.188 -3.993  0.50 7.37  ? 23   GLN D O   1 
ATOM   1093 C CB  A GLN D 1 24 ? 4.090   -7.927  -3.910  0.50 8.34  ? 23   GLN D CB  1 
ATOM   1094 C CB  B GLN D 1 24 ? 4.117   -7.985  -3.986  0.50 8.37  ? 23   GLN D CB  1 
ATOM   1095 C CG  A GLN D 1 24 ? 4.688   -6.616  -4.377  0.50 10.31 ? 23   GLN D CG  1 
ATOM   1096 C CG  B GLN D 1 24 ? 4.655   -6.658  -4.480  0.50 10.34 ? 23   GLN D CG  1 
ATOM   1097 C CD  A GLN D 1 24 ? 4.940   -5.637  -3.251  0.50 14.91 ? 23   GLN D CD  1 
ATOM   1098 C CD  B GLN D 1 24 ? 4.447   -5.524  -3.500  0.50 16.33 ? 23   GLN D CD  1 
ATOM   1099 O OE1 A GLN D 1 24 ? 4.904   -5.994  -2.075  0.50 14.77 ? 23   GLN D OE1 1 
ATOM   1100 O OE1 B GLN D 1 24 ? 3.540   -5.557  -2.668  0.50 12.82 ? 23   GLN D OE1 1 
ATOM   1101 N NE2 A GLN D 1 24 ? 5.199   -4.388  -3.612  0.50 21.18 ? 23   GLN D NE2 1 
ATOM   1102 N NE2 B GLN D 1 24 ? 5.291   -4.508  -3.598  0.50 21.11 ? 23   GLN D NE2 1 
ATOM   1103 N N   . ILE D 1 25 ? 2.656   -10.704 -4.135  1.00 6.73  ? 24   ILE D N   1 
ATOM   1104 C CA  . ILE D 1 25 ? 2.250   -11.994 -3.579  1.00 7.97  ? 24   ILE D CA  1 
ATOM   1105 C C   . ILE D 1 25 ? 2.755   -13.156 -4.443  1.00 10.93 ? 24   ILE D C   1 
ATOM   1106 O O   . ILE D 1 25 ? 3.259   -14.165 -3.917  1.00 9.20  ? 24   ILE D O   1 
ATOM   1107 C CB  . ILE D 1 25 ? 0.723   -12.079 -3.407  1.00 5.27  ? 24   ILE D CB  1 
ATOM   1108 C CG1 . ILE D 1 25 ? 0.272   -11.100 -2.321  1.00 8.59  ? 24   ILE D CG1 1 
ATOM   1109 C CG2 . ILE D 1 25 ? 0.296   -13.509 -3.030  1.00 6.54  ? 24   ILE D CG2 1 
ATOM   1110 C CD1 . ILE D 1 25 ? -1.232  -10.814 -2.319  1.00 8.69  ? 24   ILE D CD1 1 
ATOM   1111 N N   . LYS D 1 26 ? 2.652   -13.022 -5.739  1.00 8.81  ? 25   LYS D N   1 
ATOM   1112 C CA  . LYS D 1 26 ? 3.154   -14.047 -6.619  1.00 8.97  ? 25   LYS D CA  1 
ATOM   1113 C C   . LYS D 1 26 ? 4.693   -14.239 -6.465  1.00 11.99 ? 25   LYS D C   1 
ATOM   1114 O O   . LYS D 1 26 ? 5.158   -15.333 -6.464  1.00 8.62  ? 25   LYS D O   1 
ATOM   1115 C CB  . LYS D 1 26 ? 2.792   -13.813 -8.089  1.00 13.47 ? 25   LYS D CB  1 
ATOM   1116 C CG  . LYS D 1 26 ? 3.611   -14.605 -9.082  1.00 34.02 ? 25   LYS D CG  1 
ATOM   1117 C CD  . LYS D 1 26 ? 2.854   -15.809 -9.634  1.00 52.69 ? 25   LYS D CD  1 
ATOM   1118 C CE  . LYS D 1 26 ? 2.309   -15.551 -11.050 1.00 51.27 ? 25   LYS D CE  1 
ATOM   1119 N NZ  . LYS D 1 26 ? 3.190   -16.011 -12.172 1.00 44.87 ? 25   LYS D NZ  1 
ATOM   1120 N N   A MET D 1 27 ? 5.413   -13.123 -6.345  0.50 9.16  ? 26   MET D N   1 
ATOM   1121 N N   B MET D 1 27 ? 5.442   -13.160 -6.322  0.50 9.18  ? 26   MET D N   1 
ATOM   1122 C CA  A MET D 1 27 ? 6.856   -13.220 -6.116  0.50 7.30  ? 26   MET D CA  1 
ATOM   1123 C CA  B MET D 1 27 ? 6.862   -13.293 -6.124  0.50 7.28  ? 26   MET D CA  1 
ATOM   1124 C C   A MET D 1 27 ? 7.203   -13.872 -4.774  0.50 8.16  ? 26   MET D C   1 
ATOM   1125 C C   B MET D 1 27 ? 7.214   -13.908 -4.762  0.50 8.16  ? 26   MET D C   1 
ATOM   1126 O O   A MET D 1 27 ? 8.161   -14.646 -4.678  0.50 8.18  ? 26   MET D O   1 
ATOM   1127 O O   B MET D 1 27 ? 8.132   -14.645 -4.661  0.50 8.19  ? 26   MET D O   1 
ATOM   1128 C CB  A MET D 1 27 ? 7.533   -11.844 -6.229  0.50 9.95  ? 26   MET D CB  1 
ATOM   1129 C CB  B MET D 1 27 ? 7.547   -11.977 -6.299  0.50 10.10 ? 26   MET D CB  1 
ATOM   1130 C CG  A MET D 1 27 ? 7.564   -11.278 -7.646  0.50 11.91 ? 26   MET D CG  1 
ATOM   1131 C CG  B MET D 1 27 ? 7.430   -11.640 -7.728  0.50 11.92 ? 26   MET D CG  1 
ATOM   1132 S SD  A MET D 1 27 ? 8.352   -12.403 -8.817  0.50 7.20  ? 26   MET D SD  1 
ATOM   1133 S SD  B MET D 1 27 ? 7.837   -9.993  -7.977  0.50 26.96 ? 26   MET D SD  1 
ATOM   1134 C CE  A MET D 1 27 ? 9.901   -12.790 -7.979  0.50 8.10  ? 26   MET D CE  1 
ATOM   1135 C CE  B MET D 1 27 ? 9.535   -10.246 -8.469  0.50 19.61 ? 26   MET D CE  1 
ATOM   1136 N N   . LEU D 1 28 ? 6.434   -13.557 -3.732  1.00 6.12  ? 27   LEU D N   1 
ATOM   1137 C CA  . LEU D 1 28 ? 6.638   -14.214 -2.441  1.00 6.14  ? 27   LEU D CA  1 
ATOM   1138 C C   . LEU D 1 28 ? 6.408   -15.721 -2.538  1.00 6.32  ? 27   LEU D C   1 
ATOM   1139 O O   . LEU D 1 28 ? 7.105   -16.502 -1.885  1.00 5.23  ? 27   LEU D O   1 
ATOM   1140 C CB  . LEU D 1 28 ? 5.746   -13.604 -1.363  1.00 6.74  ? 27   LEU D CB  1 
ATOM   1141 C CG  . LEU D 1 28 ? 6.094   -12.150 -1.024  1.00 5.80  ? 27   LEU D CG  1 
ATOM   1142 C CD1 . LEU D 1 28 ? 5.028   -11.519 -0.118  1.00 8.62  ? 27   LEU D CD1 1 
ATOM   1143 C CD2 . LEU D 1 28 ? 7.475   -12.049 -0.398  1.00 7.22  ? 27   LEU D CD2 1 
ATOM   1144 N N   . LYS D 1 29 ? 5.430   -16.131 -3.348  1.00 6.27  ? 28   LYS D N   1 
ATOM   1145 C CA  . LYS D 1 29 ? 5.214   -17.564 -3.564  1.00 7.31  ? 28   LYS D CA  1 
ATOM   1146 C C   . LYS D 1 29 ? 6.374   -18.216 -4.330  1.00 7.40  ? 28   LYS D C   1 
ATOM   1147 O O   . LYS D 1 29 ? 6.760   -19.368 -4.038  1.00 8.89  ? 28   LYS D O   1 
ATOM   1148 C CB  . LYS D 1 29 ? 3.858   -17.814 -4.235  1.00 7.69  ? 28   LYS D CB  1 
ATOM   1149 C CG  . LYS D 1 29 ? 2.700   -17.481 -3.300  1.00 8.18  ? 28   LYS D CG  1 
ATOM   1150 C CD  . LYS D 1 29 ? 1.341   -17.549 -3.984  1.00 8.07  ? 28   LYS D CD  1 
ATOM   1151 C CE  . LYS D 1 29 ? 0.222   -17.279 -2.970  1.00 12.92 ? 28   LYS D CE  1 
ATOM   1152 N NZ  . LYS D 1 29 ? -1.135  -17.245 -3.605  1.00 18.47 ? 28   LYS D NZ  1 
ATOM   1153 N N   . GLU D 1 30 ? 6.925   -17.485 -5.275  1.00 4.85  ? 29   GLU D N   1 
ATOM   1154 C CA  . GLU D 1 30 ? 8.173   -17.966 -5.878  1.00 7.09  ? 29   GLU D CA  1 
ATOM   1155 C C   . GLU D 1 30 ? 9.304   -18.119 -4.862  1.00 8.97  ? 29   GLU D C   1 
ATOM   1156 O O   . GLU D 1 30 ? 10.054  -19.100 -4.899  1.00 7.84  ? 29   GLU D O   1 
ATOM   1157 C CB  . GLU D 1 30 ? 8.626   -17.066 -7.029  1.00 8.17  ? 29   GLU D CB  1 
ATOM   1158 C CG  . GLU D 1 30 ? 7.665   -17.073 -8.208  1.00 12.97 ? 29   GLU D CG  1 
ATOM   1159 C CD  . GLU D 1 30 ? 7.455   -18.473 -8.775  1.00 35.12 ? 29   GLU D CD  1 
ATOM   1160 O OE1 . GLU D 1 30 ? 8.437   -19.248 -8.868  1.00 41.66 ? 29   GLU D OE1 1 
ATOM   1161 O OE2 . GLU D 1 30 ? 6.302   -18.807 -9.116  1.00 49.05 ? 29   GLU D OE2 1 
ATOM   1162 N N   . LEU D 1 31 ? 9.503   -17.168 -4.026  1.00 6.52  ? 30   LEU D N   1 
ATOM   1163 C CA  . LEU D 1 31 ? 10.525  -17.300 -2.984  1.00 4.57  ? 30   LEU D CA  1 
ATOM   1164 C C   . LEU D 1 31 ? 10.232  -18.500 -2.089  1.00 9.16  ? 30   LEU D C   1 
ATOM   1165 O O   . LEU D 1 31 ? 11.153  -19.211 -1.681  1.00 7.10  ? 30   LEU D O   1 
ATOM   1166 C CB  . LEU D 1 31 ? 10.622  -16.020 -2.145  1.00 5.29  ? 30   LEU D CB  1 
ATOM   1167 C CG  . LEU D 1 31 ? 11.171  -14.810 -2.904  1.00 8.10  ? 30   LEU D CG  1 
ATOM   1168 C CD1 . LEU D 1 31 ? 11.108  -13.560 -2.040  1.00 9.15  ? 30   LEU D CD1 1 
ATOM   1169 C CD2 . LEU D 1 31 ? 12.607  -15.098 -3.312  1.00 10.50 ? 30   LEU D CD2 1 
ATOM   1170 N N   . GLU D 1 32 ? 8.957   -18.737 -1.785  1.00 4.64  ? 31   GLU D N   1 
ATOM   1171 C CA  . GLU D 1 32 ? 8.603   -19.861 -0.920  1.00 6.11  ? 31   GLU D CA  1 
ATOM   1172 C C   . GLU D 1 32 ? 9.000   -21.181 -1.569  1.00 7.40  ? 31   GLU D C   1 
ATOM   1173 O O   . GLU D 1 32 ? 9.440   -22.112 -0.884  1.00 6.92  ? 31   GLU D O   1 
ATOM   1174 C CB  . GLU D 1 32 ? 7.104   -19.861 -0.585  1.00 6.36  ? 31   GLU D CB  1 
ATOM   1175 C CG  . GLU D 1 32 ? 6.690   -20.930 0.456   1.00 7.58  ? 31   GLU D CG  1 
ATOM   1176 C CD  . GLU D 1 32 ? 6.515   -22.327 -0.142  1.00 14.92 ? 31   GLU D CD  1 
ATOM   1177 O OE1 . GLU D 1 32 ? 6.081   -22.434 -1.310  1.00 13.54 ? 31   GLU D OE1 1 
ATOM   1178 O OE2 . GLU D 1 32 ? 6.825   -23.316 0.562   1.00 17.11 ? 31   GLU D OE2 1 
ATOM   1179 N N   . LYS D 1 33 ? 8.831   -21.269 -2.888  1.00 4.79  ? 32   LYS D N   1 
ATOM   1180 C CA  . LYS D 1 33 ? 9.202   -22.503 -3.581  1.00 7.39  ? 32   LYS D CA  1 
ATOM   1181 C C   . LYS D 1 33 ? 10.684  -22.810 -3.425  1.00 8.22  ? 32   LYS D C   1 
ATOM   1182 O O   . LYS D 1 33 ? 11.080  -23.972 -3.344  1.00 9.70  ? 32   LYS D O   1 
ATOM   1183 C CB  . LYS D 1 33 ? 8.834   -22.443 -5.066  1.00 7.53  ? 32   LYS D CB  1 
ATOM   1184 C CG  . LYS D 1 33 ? 7.336   -22.486 -5.322  1.00 24.87 ? 32   LYS D CG  1 
ATOM   1185 C CD  . LYS D 1 33 ? 7.036   -22.808 -6.782  1.00 34.77 ? 32   LYS D CD  1 
ATOM   1186 C CE  . LYS D 1 33 ? 5.585   -23.248 -6.980  1.00 48.50 ? 32   LYS D CE  1 
ATOM   1187 N NZ  . LYS D 1 33 ? 4.605   -22.136 -6.849  1.00 45.80 ? 32   LYS D NZ  1 
ATOM   1188 N N   . GLN D 1 34 ? 11.500  -21.761 -3.376  1.00 7.52  ? 33   GLN D N   1 
ATOM   1189 C CA  . GLN D 1 34 ? 12.942  -21.937 -3.270  1.00 10.94 ? 33   GLN D CA  1 
ATOM   1190 C C   . GLN D 1 34 ? 13.343  -22.338 -1.866  1.00 11.47 ? 33   GLN D C   1 
ATOM   1191 C CB  . GLN D 1 34 ? 13.667  -20.654 -3.679  1.00 8.77  ? 33   GLN D CB  1 
ATOM   1192 C CG  . GLN D 1 34 ? 13.434  -20.287 -5.117  1.00 10.39 ? 33   GLN D CG  1 
ATOM   1193 C CD  . GLN D 1 34 ? 14.191  -19.041 -5.516  1.00 16.74 ? 33   GLN D CD  1 
ATOM   1194 O OE1 . GLN D 1 34 ? 14.611  -18.259 -4.664  1.00 18.09 ? 33   GLN D OE1 1 
ATOM   1195 N NE2 . GLN D 1 34 ? 14.371  -18.851 -6.813  1.00 20.04 ? 33   GLN D NE2 1 
ATOM   1196 O OXT . GLN D 1 34 ? 14.416  -22.918 -1.685  1.00 14.11 ? 33   GLN D OXT 1 
HETATM 1197 C C   . ACE E 1 1  ? -9.806  24.154  -5.498  1.00 8.69  ? 0    ACE E C   1 
HETATM 1198 O O   . ACE E 1 1  ? -9.024  23.318  -5.939  1.00 6.51  ? 0    ACE E O   1 
HETATM 1199 C CH3 . ACE E 1 1  ? -10.706 24.945  -6.431  1.00 5.77  ? 0    ACE E CH3 1 
ATOM   1200 N N   . THR E 1 2  ? -9.881  24.405  -4.077  1.00 3.48  ? 1    THR E N   1 
ATOM   1201 C CA  . THR E 1 2  ? -9.022  23.679  -3.138  1.00 4.70  ? 1    THR E CA  1 
ATOM   1202 C C   . THR E 1 2  ? -9.268  22.191  -3.125  1.00 5.38  ? 1    THR E C   1 
ATOM   1203 O O   . THR E 1 2  ? -8.310  21.407  -3.002  1.00 7.28  ? 1    THR E O   1 
ATOM   1204 C CB  . THR E 1 2  ? -9.161  24.332  -1.790  1.00 7.33  ? 1    THR E CB  1 
ATOM   1205 O OG1 . THR E 1 2  ? -8.700  25.651  -1.912  1.00 12.20 ? 1    THR E OG1 1 
ATOM   1206 C CG2 . THR E 1 2  ? -8.379  23.608  -0.716  1.00 15.68 ? 1    THR E CG2 1 
ATOM   1207 N N   . GLN E 1 3  ? -10.528 21.775  -3.253  1.00 4.50  ? 2    GLN E N   1 
ATOM   1208 C CA  . GLN E 1 3  ? -10.840 20.343  -3.298  1.00 8.97  ? 2    GLN E CA  1 
ATOM   1209 C C   . GLN E 1 3  ? -10.120 19.643  -4.466  1.00 6.37  ? 2    GLN E C   1 
ATOM   1210 O O   . GLN E 1 3  ? -9.506  18.588  -4.284  1.00 7.17  ? 2    GLN E O   1 
ATOM   1211 C CB  . GLN E 1 3  ? -12.355 20.131  -3.370  1.00 12.88 ? 2    GLN E CB  1 
ATOM   1212 C CG  . GLN E 1 3  ? -12.795 18.683  -3.322  1.00 25.31 ? 2    GLN E CG  1 
ATOM   1213 C CD  . GLN E 1 3  ? -14.237 18.517  -3.753  1.00 45.82 ? 2    GLN E CD  1 
ATOM   1214 O OE1 . GLN E 1 3  ? -14.592 18.818  -4.893  1.00 44.06 ? 2    GLN E OE1 1 
ATOM   1215 N NE2 . GLN E 1 3  ? -15.078 18.052  -2.839  1.00 45.61 ? 2    GLN E NE2 1 
ATOM   1216 N N   . GLU E 1 4  ? -10.174 20.249  -5.650  1.00 5.71  ? 3    GLU E N   1 
ATOM   1217 C CA  . GLU E 1 4  ? -9.466  19.736  -6.827  1.00 8.28  ? 3    GLU E CA  1 
ATOM   1218 C C   . GLU E 1 4  ? -7.963  19.659  -6.580  1.00 6.88  ? 3    GLU E C   1 
ATOM   1219 O O   . GLU E 1 4  ? -7.308  18.643  -6.876  1.00 6.09  ? 3    GLU E O   1 
ATOM   1220 C CB  . GLU E 1 4  ? -9.732  20.624  -8.053  1.00 9.92  ? 3    GLU E CB  1 
ATOM   1221 C CG  . GLU E 1 4  ? -8.806  20.326  -9.248  1.00 14.98 ? 3    GLU E CG  1 
ATOM   1222 C CD  . GLU E 1 4  ? -9.008  21.280  -10.423 1.00 18.71 ? 3    GLU E CD  1 
ATOM   1223 O OE1 . GLU E 1 4  ? -9.625  22.352  -10.235 1.00 17.24 ? 3    GLU E OE1 1 
ATOM   1224 O OE2 . GLU E 1 4  ? -8.552  20.954  -11.542 1.00 16.71 ? 3    GLU E OE2 1 
ATOM   1225 N N   . TYR E 1 5  ? -7.415  20.749  -6.055  1.00 4.93  ? 4    TYR E N   1 
ATOM   1226 C CA  . TYR E 1 5  ? -5.995  20.801  -5.725  1.00 6.57  ? 4    TYR E CA  1 
ATOM   1227 C C   . TYR E 1 5  ? -5.589  19.648  -4.795  1.00 4.77  ? 4    TYR E C   1 
ATOM   1228 O O   . TYR E 1 5  ? -4.583  18.958  -5.034  1.00 5.39  ? 4    TYR E O   1 
ATOM   1229 C CB  . TYR E 1 5  ? -5.646  22.160  -5.092  1.00 8.06  ? 4    TYR E CB  1 
ATOM   1230 C CG  . TYR E 1 5  ? -4.255  22.196  -4.519  1.00 4.68  ? 4    TYR E CG  1 
ATOM   1231 C CD1 . TYR E 1 5  ? -3.157  22.414  -5.333  1.00 6.90  ? 4    TYR E CD1 1 
ATOM   1232 C CD2 . TYR E 1 5  ? -4.042  21.989  -3.161  1.00 7.99  ? 4    TYR E CD2 1 
ATOM   1233 C CE1 . TYR E 1 5  ? -1.873  22.431  -4.807  1.00 8.28  ? 4    TYR E CE1 1 
ATOM   1234 C CE2 . TYR E 1 5  ? -2.772  22.000  -2.629  1.00 9.66  ? 4    TYR E CE2 1 
ATOM   1235 C CZ  . TYR E 1 5  ? -1.694  22.225  -3.460  1.00 12.16 ? 4    TYR E CZ  1 
ATOM   1236 O OH  . TYR E 1 5  ? -0.437  22.236  -2.928  1.00 15.43 ? 4    TYR E OH  1 
ATOM   1237 N N   . LEU E 1 6  ? -6.363  19.434  -3.731  1.00 3.70  ? 5    LEU E N   1 
ATOM   1238 C CA  . LEU E 1 6  ? -6.020  18.400  -2.752  1.00 4.72  ? 5    LEU E CA  1 
ATOM   1239 C C   . LEU E 1 6  ? -6.187  16.983  -3.306  1.00 5.20  ? 5    LEU E C   1 
ATOM   1240 O O   . LEU E 1 6  ? -5.378  16.098  -3.020  1.00 4.85  ? 5    LEU E O   1 
ATOM   1241 C CB  . LEU E 1 6  ? -6.814  18.588  -1.451  1.00 7.85  ? 5    LEU E CB  1 
ATOM   1242 C CG  . LEU E 1 6  ? -6.488  19.886  -0.697  1.00 5.88  ? 5    LEU E CG  1 
ATOM   1243 C CD1 . LEU E 1 6  ? -7.438  20.070  0.484   1.00 10.43 ? 5    LEU E CD1 1 
ATOM   1244 C CD2 . LEU E 1 6  ? -5.032  19.894  -0.226  1.00 6.75  ? 5    LEU E CD2 1 
ATOM   1245 N N   . LEU E 1 7  ? -7.223  16.760  -4.114  1.00 5.41  ? 6    LEU E N   1 
ATOM   1246 C CA  . LEU E 1 7  ? -7.349  15.456  -4.762  1.00 5.32  ? 6    LEU E CA  1 
ATOM   1247 C C   . LEU E 1 7  ? -6.160  15.191  -5.691  1.00 6.21  ? 6    LEU E C   1 
ATOM   1248 O O   . LEU E 1 7  ? -5.659  14.069  -5.770  1.00 5.32  ? 6    LEU E O   1 
ATOM   1249 C CB  . LEU E 1 7  ? -8.672  15.334  -5.512  1.00 4.69  ? 6    LEU E CB  1 
ATOM   1250 C CG  . LEU E 1 7  ? -9.914  15.273  -4.617  1.00 5.87  ? 6    LEU E CG  1 
ATOM   1251 C CD1 . LEU E 1 7  ? -11.188 15.328  -5.456  1.00 8.64  ? 6    LEU E CD1 1 
ATOM   1252 C CD2 . LEU E 1 7  ? -9.901  14.019  -3.758  1.00 7.46  ? 6    LEU E CD2 1 
ATOM   1253 N N   . LYS E 1 8  ? -5.695  16.223  -6.391  1.00 5.80  ? 7    LYS E N   1 
ATOM   1254 C CA  . LYS E 1 8  ? -4.492  16.057  -7.212  1.00 5.31  ? 7    LYS E CA  1 
ATOM   1255 C C   . LYS E 1 8  ? -3.228  15.778  -6.383  1.00 8.37  ? 7    LYS E C   1 
ATOM   1256 O O   . LYS E 1 8  ? -2.347  15.018  -6.815  1.00 6.72  ? 7    LYS E O   1 
ATOM   1257 C CB  . LYS E 1 8  ? -4.279  17.266  -8.136  1.00 5.86  ? 7    LYS E CB  1 
ATOM   1258 C CG  . LYS E 1 8  ? -5.287  17.395  -9.247  1.00 6.63  ? 7    LYS E CG  1 
ATOM   1259 C CD  . LYS E 1 8  ? -5.004  18.678  -10.036 1.00 18.34 ? 7    LYS E CD  1 
ATOM   1260 C CE  . LYS E 1 8  ? -6.035  18.927  -11.123 1.00 33.54 ? 7    LYS E CE  1 
ATOM   1261 N NZ  . LYS E 1 8  ? -5.935  20.318  -11.677 1.00 40.51 ? 7    LYS E NZ  1 
ATOM   1262 N N   . GLU E 1 9  ? -3.124  16.388  -5.200  1.00 5.88  ? 8    GLU E N   1 
ATOM   1263 C CA  . GLU E 1 9  ? -1.993  16.089  -4.318  1.00 5.51  ? 8    GLU E CA  1 
ATOM   1264 C C   . GLU E 1 9  ? -2.050  14.632  -3.872  1.00 8.87  ? 8    GLU E C   1 
ATOM   1265 O O   . GLU E 1 9  ? -1.020  13.936  -3.786  1.00 7.59  ? 8    GLU E O   1 
ATOM   1266 C CB  . GLU E 1 9  ? -1.964  17.018  -3.099  1.00 6.23  ? 8    GLU E CB  1 
ATOM   1267 C CG  . GLU E 1 9  ? -1.604  18.469  -3.437  1.00 7.53  ? 8    GLU E CG  1 
ATOM   1268 C CD  . GLU E 1 9  ? -0.214  18.590  -4.036  1.00 10.86 ? 8    GLU E CD  1 
ATOM   1269 O OE1 . GLU E 1 9  ? 0.742   18.060  -3.433  1.00 13.29 ? 8    GLU E OE1 1 
ATOM   1270 O OE2 . GLU E 1 9  ? -0.063  19.211  -5.109  1.00 10.90 ? 8    GLU E OE2 1 
ATOM   1271 N N   . ILE E 1 10 ? -3.272  14.208  -3.604  1.00 5.67  ? 9    ILE E N   1 
ATOM   1272 C CA  . ILE E 1 10 ? -3.452  12.808  -3.202  1.00 5.28  ? 9    ILE E CA  1 
ATOM   1273 C C   . ILE E 1 10 ? -3.016  11.839  -4.352  1.00 6.68  ? 9    ILE E C   1 
ATOM   1274 O O   . ILE E 1 10 ? -2.376  10.864  -4.140  1.00 7.13  ? 9    ILE E O   1 
ATOM   1275 C CB  . ILE E 1 10 ? -4.904  12.533  -2.714  1.00 5.83  ? 9    ILE E CB  1 
ATOM   1276 C CG1 . ILE E 1 10 ? -5.107  13.111  -1.351  1.00 3.19  ? 9    ILE E CG1 1 
ATOM   1277 C CG2 . ILE E 1 10 ? -5.215  11.068  -2.708  1.00 6.54  ? 9    ILE E CG2 1 
ATOM   1278 C CD1 . ILE E 1 10 ? -6.564  13.259  -0.963  1.00 8.05  ? 9    ILE E CD1 1 
ATOM   1279 N N   . MET E 1 11 ? -3.344  12.203  -5.580  1.00 5.30  ? 10   MET E N   1 
ATOM   1280 C CA  . MET E 1 11 ? -2.934  11.405  -6.728  1.00 5.08  ? 10   MET E CA  1 
ATOM   1281 C C   . MET E 1 11 ? -1.396  11.354  -6.777  1.00 7.51  ? 10   MET E C   1 
ATOM   1282 O O   . MET E 1 11 ? -0.836  10.365  -7.079  1.00 7.09  ? 10   MET E O   1 
ATOM   1283 C CB  . MET E 1 11 ? -3.503  11.941  -8.083  1.00 7.08  ? 10   MET E CB  1 
ATOM   1284 C CG  . MET E 1 11 ? -4.969  11.677  -8.219  1.00 7.37  ? 10   MET E CG  1 
ATOM   1285 S SD  . MET E 1 11 ? -5.817  12.661  -9.537  1.00 13.64 ? 10   MET E SD  1 
ATOM   1286 C CE  . MET E 1 11 ? -4.885  11.929  -10.865 1.00 18.58 ? 10   MET E CE  1 
ATOM   1287 N N   . LYS E 1 12 ? -0.758  12.474  -6.481  1.00 6.50  ? 11   LYS E N   1 
ATOM   1288 C CA  . LYS E 1 12 ? 0.707   12.465  -6.562  1.00 4.74  ? 11   LYS E CA  1 
ATOM   1289 C C   . LYS E 1 12 ? 1.264   11.436  -5.544  1.00 9.96  ? 11   LYS E C   1 
ATOM   1290 O O   . LYS E 1 12 ? 2.212   10.753  -5.817  1.00 7.79  ? 11   LYS E O   1 
ATOM   1291 C CB  . LYS E 1 12 ? 1.368   13.809  -6.295  1.00 7.42  ? 11   LYS E CB  1 
ATOM   1292 C CG  . LYS E 1 12 ? 1.147   14.832  -7.341  1.00 10.90 ? 11   LYS E CG  1 
ATOM   1293 C CD  . LYS E 1 12 ? 1.723   16.172  -6.932  1.00 15.17 ? 11   LYS E CD  1 
ATOM   1294 C CE  . LYS E 1 12 ? 1.126   17.372  -7.644  1.00 29.01 ? 11   LYS E CE  1 
ATOM   1295 N NZ  . LYS E 1 12 ? 1.785   18.601  -7.185  1.00 18.09 ? 11   LYS E NZ  1 
ATOM   1296 N N   . LEU E 1 13 ? 0.683   11.423  -4.360  1.00 4.34  ? 12   LEU E N   1 
ATOM   1297 C CA  . LEU E 1 13 ? 1.134   10.511  -3.335  1.00 6.57  ? 12   LEU E CA  1 
ATOM   1298 C C   . LEU E 1 13 ? 0.883   9.024   -3.726  1.00 9.81  ? 12   LEU E C   1 
ATOM   1299 O O   . LEU E 1 13 ? 1.673   8.177   -3.490  1.00 6.08  ? 12   LEU E O   1 
ATOM   1300 C CB  . LEU E 1 13 ? 0.466   10.772  -1.978  1.00 6.34  ? 12   LEU E CB  1 
ATOM   1301 C CG  . LEU E 1 13 ? 0.796   12.135  -1.468  1.00 7.12  ? 12   LEU E CG  1 
ATOM   1302 C CD1 . LEU E 1 13 ? -0.072  12.526  -0.293  1.00 9.65  ? 12   LEU E CD1 1 
ATOM   1303 C CD2 . LEU E 1 13 ? 2.239   12.239  -1.111  1.00 11.08 ? 12   LEU E CD2 1 
ATOM   1304 N N   . LEU E 1 14 ? -0.276  8.796   -4.336  1.00 5.51  ? 13   LEU E N   1 
ATOM   1305 C CA  . LEU E 1 14 ? -0.587  7.470   -4.804  1.00 6.22  ? 13   LEU E CA  1 
ATOM   1306 C C   . LEU E 1 14 ? 0.418   7.022   -5.880  1.00 8.78  ? 13   LEU E C   1 
ATOM   1307 O O   . LEU E 1 14 ? 0.779   5.902   -5.936  1.00 8.29  ? 13   LEU E O   1 
ATOM   1308 C CB  . LEU E 1 14 ? -2.022  7.313   -5.304  1.00 7.21  ? 13   LEU E CB  1 
ATOM   1309 C CG  . LEU E 1 14 ? -3.071  7.497   -4.212  1.00 5.63  ? 13   LEU E CG  1 
ATOM   1310 C CD1 . LEU E 1 14 ? -4.495  7.602   -4.799  1.00 11.77 ? 13   LEU E CD1 1 
ATOM   1311 C CD2 . LEU E 1 14 ? -2.989  6.415   -3.158  1.00 7.00  ? 13   LEU E CD2 1 
ATOM   1312 N N   . LYS E 1 15 ? 0.804   7.967   -6.732  1.00 5.97  ? 14   LYS E N   1 
ATOM   1313 C CA  . LYS E 1 15 ? 1.802   7.611   -7.757  1.00 7.40  ? 14   LYS E CA  1 
ATOM   1314 C C   . LYS E 1 15 ? 3.124   7.278   -7.137  1.00 8.41  ? 14   LYS E C   1 
ATOM   1315 O O   . LYS E 1 15 ? 3.826   6.435   -7.621  1.00 9.02  ? 14   LYS E O   1 
ATOM   1316 C CB  . LYS E 1 15 ? 1.945   8.690   -8.830  1.00 6.57  ? 14   LYS E CB  1 
ATOM   1317 C CG  . LYS E 1 15 ? 0.706   8.847   -9.642  1.00 8.62  ? 14   LYS E CG  1 
ATOM   1318 C CD  . LYS E 1 15 ? 0.882   9.889   -10.739 1.00 15.86 ? 14   LYS E CD  1 
ATOM   1319 C CE  . LYS E 1 15 ? -0.340  9.998   -11.605 1.00 25.69 ? 14   LYS E CE  1 
ATOM   1320 N NZ  . LYS E 1 15 ? -0.355  11.239  -12.399 1.00 32.56 ? 14   LYS E NZ  1 
ATOM   1321 N N   . GLU E 1 16 ? 3.473   8.009   -6.095  1.00 7.27  ? 15   GLU E N   1 
ATOM   1322 C CA  . GLU E 1 16 ? 4.715   7.704   -5.410  1.00 9.29  ? 15   GLU E CA  1 
ATOM   1323 C C   . GLU E 1 16 ? 4.642   6.283   -4.797  1.00 10.13 ? 15   GLU E C   1 
ATOM   1324 O O   . GLU E 1 16 ? 5.572   5.529   -4.893  1.00 8.47  ? 15   GLU E O   1 
ATOM   1325 C CB  . GLU E 1 16 ? 5.054   8.707   -4.358  1.00 8.99  ? 15   GLU E CB  1 
ATOM   1326 C CG  . GLU E 1 16 ? 6.189   8.341   -3.423  1.00 18.93 ? 15   GLU E CG  1 
ATOM   1327 C CD  . GLU E 1 16 ? 7.548   8.278   -4.079  1.00 34.36 ? 15   GLU E CD  1 
ATOM   1328 O OE1 . GLU E 1 16 ? 7.585   8.452   -5.273  1.00 43.28 ? 15   GLU E OE1 1 
ATOM   1329 O OE2 . GLU E 1 16 ? 8.577   8.077   -3.409  1.00 34.97 ? 15   GLU E OE2 1 
ATOM   1330 N N   . GLN E 1 17 ? 3.495   5.939   -4.214  1.00 6.03  ? 16   GLN E N   1 
ATOM   1331 C CA  . GLN E 1 17 ? 3.365   4.573   -3.701  1.00 5.96  ? 16   GLN E CA  1 
ATOM   1332 C C   . GLN E 1 17 ? 3.531   3.551   -4.822  1.00 8.19  ? 16   GLN E C   1 
ATOM   1333 O O   . GLN E 1 17 ? 4.166   2.583   -4.640  1.00 8.35  ? 16   GLN E O   1 
ATOM   1334 C CB  . GLN E 1 17 ? 2.029   4.292   -2.983  1.00 8.46  ? 16   GLN E CB  1 
ATOM   1335 C CG  . GLN E 1 17 ? 1.853   5.203   -1.821  1.00 8.29  ? 16   GLN E CG  1 
ATOM   1336 C CD  . GLN E 1 17 ? 0.490   5.073   -1.116  1.00 15.84 ? 16   GLN E CD  1 
ATOM   1337 O OE1 . GLN E 1 17 ? -0.430  4.688   -1.691  1.00 19.58 ? 16   GLN E OE1 1 
ATOM   1338 N NE2 . GLN E 1 17 ? 0.423   5.503   0.099   1.00 16.17 ? 16   GLN E NE2 1 
ATOM   1339 N N   . ILE E 1 18 ? 2.941   3.836   -5.968  1.00 5.98  ? 17   ILE E N   1 
ATOM   1340 C CA  . ILE E 1 18 ? 3.064   2.901   -7.083  1.00 7.24  ? 17   ILE E CA  1 
ATOM   1341 C C   . ILE E 1 18 ? 4.544   2.728   -7.481  1.00 7.56  ? 17   ILE E C   1 
ATOM   1342 O O   . ILE E 1 18 ? 4.980   1.660   -7.723  1.00 7.75  ? 17   ILE E O   1 
ATOM   1343 C CB  . ILE E 1 18 ? 2.256   3.350   -8.335  1.00 6.27  ? 17   ILE E CB  1 
ATOM   1344 C CG1 . ILE E 1 18 ? 0.776   3.152   -8.044  1.00 5.77  ? 17   ILE E CG1 1 
ATOM   1345 C CG2 . ILE E 1 18 ? 2.671   2.651   -9.616  1.00 7.79  ? 17   ILE E CG2 1 
ATOM   1346 C CD1 . ILE E 1 18 ? -0.142  3.946   -8.938  1.00 6.76  ? 17   ILE E CD1 1 
ATOM   1347 N N   . LYS E 1 19 ? 5.248   3.828   -7.530  1.00 7.42  ? 18   LYS E N   1 
ATOM   1348 C CA  . LYS E 1 19 ? 6.648   3.760   -7.877  1.00 7.41  ? 18   LYS E CA  1 
ATOM   1349 C C   . LYS E 1 19 ? 7.424   2.863   -6.863  1.00 10.70 ? 18   LYS E C   1 
ATOM   1350 O O   . LYS E 1 19 ? 8.289   2.124   -7.235  1.00 9.20  ? 18   LYS E O   1 
ATOM   1351 C CB  . LYS E 1 19 ? 7.245   5.160   -7.927  1.00 11.27 ? 18   LYS E CB  1 
ATOM   1352 C CG  . LYS E 1 19 ? 8.713   5.226   -8.072  1.00 15.52 ? 18   LYS E CG  1 
ATOM   1353 C CD  . LYS E 1 19 ? 9.132   6.643   -8.387  1.00 21.13 ? 18   LYS E CD  1 
ATOM   1354 C CE  . LYS E 1 19 ? 10.602  6.853   -8.158  1.00 36.62 ? 18   LYS E CE  1 
ATOM   1355 N NZ  . LYS E 1 19 ? 11.301  6.436   -9.383  1.00 43.18 ? 18   LYS E NZ  1 
ATOM   1356 N N   . LEU E 1 20 ? 7.115   3.023   -5.601  1.00 6.95  ? 19   LEU E N   1 
ATOM   1357 C CA  . LEU E 1 20 ? 7.751   2.228   -4.563  1.00 7.95  ? 19   LEU E CA  1 
ATOM   1358 C C   . LEU E 1 20 ? 7.373   0.743   -4.620  1.00 8.03  ? 19   LEU E C   1 
ATOM   1359 O O   . LEU E 1 20 ? 8.167   -0.075  -4.416  1.00 8.64  ? 19   LEU E O   1 
ATOM   1360 C CB  . LEU E 1 20 ? 7.437   2.782   -3.217  1.00 8.45  ? 19   LEU E CB  1 
ATOM   1361 C CG  . LEU E 1 20 ? 8.063   4.156   -3.054  1.00 8.20  ? 19   LEU E CG  1 
ATOM   1362 C CD1 . LEU E 1 20 ? 7.500   4.830   -1.826  1.00 8.06  ? 19   LEU E CD1 1 
ATOM   1363 C CD2 . LEU E 1 20 ? 9.563   4.123   -2.899  1.00 9.17  ? 19   LEU E CD2 1 
ATOM   1364 N N   . LEU E 1 21 ? 6.119   0.468   -4.904  1.00 7.16  ? 20   LEU E N   1 
ATOM   1365 C CA  . LEU E 1 21 ? 5.716   -0.928  -5.039  1.00 8.25  ? 20   LEU E CA  1 
ATOM   1366 C C   . LEU E 1 21 ? 6.482   -1.602  -6.204  1.00 8.60  ? 20   LEU E C   1 
ATOM   1367 O O   . LEU E 1 21 ? 6.835   -2.730  -6.120  1.00 10.45 ? 20   LEU E O   1 
ATOM   1368 C CB  . LEU E 1 21 ? 4.207   -1.116  -5.201  1.00 7.84  ? 20   LEU E CB  1 
ATOM   1369 C CG  . LEU E 1 21 ? 3.406   -0.570  -4.060  1.00 8.21  ? 20   LEU E CG  1 
ATOM   1370 C CD1 . LEU E 1 21 ? 1.934   -0.498  -4.505  1.00 11.92 ? 20   LEU E CD1 1 
ATOM   1371 C CD2 . LEU E 1 21 ? 3.522   -1.482  -2.871  1.00 10.62 ? 20   LEU E CD2 1 
ATOM   1372 N N   . LYS E 1 22 ? 6.649   -0.880  -7.298  1.00 7.32  ? 21   LYS E N   1 
ATOM   1373 C CA  . LYS E 1 22 ? 7.411   -1.429  -8.419  1.00 8.55  ? 21   LYS E CA  1 
ATOM   1374 C C   . LYS E 1 22 ? 8.877   -1.692  -7.997  1.00 8.78  ? 21   LYS E C   1 
ATOM   1375 O O   . LYS E 1 22 ? 9.474   -2.663  -8.388  1.00 9.53  ? 21   LYS E O   1 
ATOM   1376 C CB  . LYS E 1 22 ? 7.372   -0.479  -9.592  1.00 8.60  ? 21   LYS E CB  1 
ATOM   1377 C CG  . LYS E 1 22 ? 6.054   -0.433  -10.294 1.00 9.25  ? 21   LYS E CG  1 
ATOM   1378 C CD  . LYS E 1 22 ? 6.036   0.672   -11.335 1.00 14.74 ? 21   LYS E CD  1 
ATOM   1379 C CE  . LYS E 1 22 ? 4.813   0.643   -12.187 1.00 18.85 ? 21   LYS E CE  1 
ATOM   1380 N NZ  . LYS E 1 22 ? 4.632   1.801   -13.106 1.00 18.11 ? 21   LYS E NZ  1 
ATOM   1381 N N   . GLU E 1 23 ? 9.410   -0.765  -7.206  1.00 7.91  ? 22   GLU E N   1 
ATOM   1382 C CA  . GLU E 1 23 ? 10.747  -0.995  -6.675  1.00 11.95 ? 22   GLU E CA  1 
ATOM   1383 C C   . GLU E 1 23 ? 10.824  -2.282  -5.787  1.00 13.99 ? 22   GLU E C   1 
ATOM   1384 O O   . GLU E 1 23 ? 11.742  -3.034  -5.897  1.00 10.62 ? 22   GLU E O   1 
ATOM   1385 C CB  . GLU E 1 23 ? 11.342  0.229   -5.951  1.00 11.74 ? 22   GLU E CB  1 
ATOM   1386 C CG  . GLU E 1 23 ? 12.694  0.022   -5.324  1.00 19.38 ? 22   GLU E CG  1 
ATOM   1387 C CD  . GLU E 1 23 ? 13.450  1.314   -4.946  1.00 50.78 ? 22   GLU E CD  1 
ATOM   1388 O OE1 . GLU E 1 23 ? 12.809  2.361   -4.750  1.00 30.34 ? 22   GLU E OE1 1 
ATOM   1389 O OE2 . GLU E 1 23 ? 14.707  1.252   -4.761  1.00 44.11 ? 22   GLU E OE2 1 
ATOM   1390 N N   . GLN E 1 24 ? 9.816   -2.498  -4.950  1.00 7.87  ? 23   GLN E N   1 
ATOM   1391 C CA  . GLN E 1 24 ? 9.814   -3.711  -4.135  1.00 6.27  ? 23   GLN E CA  1 
ATOM   1392 C C   . GLN E 1 24 ? 9.799   -4.956  -5.029  1.00 10.02 ? 23   GLN E C   1 
ATOM   1393 O O   . GLN E 1 24 ? 10.421  -5.929  -4.721  1.00 8.41  ? 23   GLN E O   1 
ATOM   1394 C CB  . GLN E 1 24 ? 8.613   -3.765  -3.221  1.00 9.44  ? 23   GLN E CB  1 
ATOM   1395 C CG  . GLN E 1 24 ? 8.704   -2.695  -2.203  1.00 12.83 ? 23   GLN E CG  1 
ATOM   1396 C CD  . GLN E 1 24 ? 7.568   -2.692  -1.189  1.00 25.03 ? 23   GLN E CD  1 
ATOM   1397 O OE1 . GLN E 1 24 ? 6.578   -3.298  -1.387  1.00 25.46 ? 23   GLN E OE1 1 
ATOM   1398 N NE2 . GLN E 1 24 ? 7.730   -1.936  -0.142  1.00 16.84 ? 23   GLN E NE2 1 
ATOM   1399 N N   . ILE E 1 25 ? 9.038   -4.864  -6.088  1.00 6.44  ? 24   ILE E N   1 
ATOM   1400 C CA  . ILE E 1 25 ? 8.923   -6.015  -6.962  1.00 8.76  ? 24   ILE E CA  1 
ATOM   1401 C C   . ILE E 1 25 ? 10.273  -6.327  -7.620  1.00 9.08  ? 24   ILE E C   1 
ATOM   1402 O O   . ILE E 1 25 ? 10.664  -7.458  -7.713  1.00 9.98  ? 24   ILE E O   1 
ATOM   1403 C CB  . ILE E 1 25 ? 7.830   -5.823  -8.014  1.00 13.03 ? 24   ILE E CB  1 
ATOM   1404 C CG1 . ILE E 1 25 ? 6.504   -5.930  -7.295  1.00 7.94  ? 24   ILE E CG1 1 
ATOM   1405 C CG2 . ILE E 1 25 ? 7.927   -6.845  -9.148  1.00 11.29 ? 24   ILE E CG2 1 
ATOM   1406 C CD1 . ILE E 1 25 ? 5.346   -5.457  -8.098  1.00 13.74 ? 24   ILE E CD1 1 
ATOM   1407 N N   . LYS E 1 26 ? 10.933  -5.266  -8.034  1.00 8.29  ? 25   LYS E N   1 
ATOM   1408 C CA  . LYS E 1 26 ? 12.247  -5.467  -8.594  1.00 10.47 ? 25   LYS E CA  1 
ATOM   1409 C C   . LYS E 1 26 ? 13.164  -6.131  -7.562  1.00 13.27 ? 25   LYS E C   1 
ATOM   1410 O O   . LYS E 1 26 ? 13.947  -6.950  -7.917  1.00 10.86 ? 25   LYS E O   1 
ATOM   1411 C CB  . LYS E 1 26 ? 12.874  -4.163  -9.008  1.00 11.81 ? 25   LYS E CB  1 
ATOM   1412 C CG  . LYS E 1 26 ? 12.354  -3.742  -10.340 1.00 17.36 ? 25   LYS E CG  1 
ATOM   1413 C CD  . LYS E 1 26 ? 13.008  -2.464  -10.819 1.00 38.46 ? 25   LYS E CD  1 
ATOM   1414 C CE  . LYS E 1 26 ? 12.539  -2.056  -12.178 1.00 34.70 ? 25   LYS E CE  1 
ATOM   1415 N NZ  . LYS E 1 26 ? 11.139  -1.651  -12.044 1.00 45.38 ? 25   LYS E NZ  1 
ATOM   1416 N N   . MET E 1 27 ? 13.089  -5.737  -6.316  1.00 8.72  ? 26   MET E N   1 
ATOM   1417 C CA  . MET E 1 27 ? 13.917  -6.303  -5.295  1.00 8.84  ? 26   MET E CA  1 
ATOM   1418 C C   . MET E 1 27 ? 13.614  -7.775  -5.027  1.00 12.25 ? 26   MET E C   1 
ATOM   1419 O O   . MET E 1 27 ? 14.498  -8.564  -4.846  1.00 6.86  ? 26   MET E O   1 
ATOM   1420 C CB  . MET E 1 27 ? 13.756  -5.512  -4.018  1.00 8.31  ? 26   MET E CB  1 
ATOM   1421 C CG  . MET E 1 27 ? 14.347  -4.125  -4.071  1.00 15.57 ? 26   MET E CG  1 
ATOM   1422 S SD  . MET E 1 27 ? 16.152  -4.226  -4.319  1.00 23.84 ? 26   MET E SD  1 
ATOM   1423 C CE  . MET E 1 27 ? 16.731  -5.638  -3.367  1.00 23.53 ? 26   MET E CE  1 
ATOM   1424 N N   . LEU E 1 28 ? 12.311  -8.090  -4.980  1.00 6.78  ? 27   LEU E N   1 
ATOM   1425 C CA  . LEU E 1 28 ? 11.935  -9.482  -4.808  1.00 6.08  ? 27   LEU E CA  1 
ATOM   1426 C C   . LEU E 1 28 ? 12.498  -10.297 -5.970  1.00 10.29 ? 27   LEU E C   1 
ATOM   1427 O O   . LEU E 1 28 ? 12.831  -11.406 -5.788  1.00 8.47  ? 27   LEU E O   1 
ATOM   1428 C CB  . LEU E 1 28 ? 10.415  -9.702  -4.803  1.00 7.46  ? 27   LEU E CB  1 
ATOM   1429 C CG  . LEU E 1 28 ? 9.802   -9.025  -3.599  1.00 6.35  ? 27   LEU E CG  1 
ATOM   1430 C CD1 . LEU E 1 28 ? 8.286   -8.945  -3.664  1.00 8.98  ? 27   LEU E CD1 1 
ATOM   1431 C CD2 . LEU E 1 28 ? 10.248  -9.583  -2.282  1.00 7.53  ? 27   LEU E CD2 1 
ATOM   1432 N N   . LYS E 1 29 ? 12.507  -9.731  -7.175  1.00 7.66  ? 28   LYS E N   1 
ATOM   1433 C CA  . LYS E 1 29 ? 13.070  -10.440 -8.298  1.00 7.99  ? 28   LYS E CA  1 
ATOM   1434 C C   . LYS E 1 29 ? 14.567  -10.677 -8.101  1.00 7.28  ? 28   LYS E C   1 
ATOM   1435 O O   . LYS E 1 29 ? 15.059  -11.665 -8.474  1.00 11.16 ? 28   LYS E O   1 
ATOM   1436 C CB  . LYS E 1 29 ? 12.781  -9.777  -9.633  1.00 11.63 ? 28   LYS E CB  1 
ATOM   1437 C CG  . LYS E 1 29 ? 11.330  -9.988  -9.973  1.00 11.65 ? 28   LYS E CG  1 
ATOM   1438 C CD  . LYS E 1 29 ? 10.809  -9.186  -11.125 1.00 18.91 ? 28   LYS E CD  1 
ATOM   1439 C CE  . LYS E 1 29 ? 9.427   -9.627  -11.544 1.00 22.17 ? 28   LYS E CE  1 
ATOM   1440 N NZ  . LYS E 1 29 ? 8.847   -8.785  -12.603 1.00 43.60 ? 28   LYS E NZ  1 
ATOM   1441 N N   . GLU E 1 30 ? 15.249  -9.708  -7.550  1.00 8.06  ? 29   GLU E N   1 
ATOM   1442 C CA  . GLU E 1 30 ? 16.669  -9.894  -7.227  1.00 12.24 ? 29   GLU E CA  1 
ATOM   1443 C C   . GLU E 1 30 ? 16.868  -10.995 -6.178  1.00 12.84 ? 29   GLU E C   1 
ATOM   1444 O O   . GLU E 1 30 ? 17.805  -11.796 -6.272  1.00 10.02 ? 29   GLU E O   1 
ATOM   1445 C CB  . GLU E 1 30 ? 17.311  -8.580  -6.780  1.00 13.27 ? 29   GLU E CB  1 
ATOM   1446 C CG  . GLU E 1 30 ? 17.254  -7.491  -7.849  1.00 17.57 ? 29   GLU E CG  1 
ATOM   1447 C CD  . GLU E 1 30 ? 18.048  -6.249  -7.482  1.00 44.72 ? 29   GLU E CD  1 
ATOM   1448 O OE1 . GLU E 1 30 ? 19.273  -6.369  -7.271  1.00 62.81 ? 29   GLU E OE1 1 
ATOM   1449 O OE2 . GLU E 1 30 ? 17.451  -5.151  -7.414  1.00 44.15 ? 29   GLU E OE2 1 
ATOM   1450 N N   . LEU E 1 31 ? 15.985  -11.045 -5.187  1.00 7.26  ? 30   LEU E N   1 
ATOM   1451 C CA  . LEU E 1 31 ? 16.055  -12.116 -4.194  1.00 7.79  ? 30   LEU E CA  1 
ATOM   1452 C C   . LEU E 1 31 ? 15.791  -13.481 -4.840  1.00 9.91  ? 30   LEU E C   1 
ATOM   1453 O O   . LEU E 1 31 ? 16.438  -14.477 -4.491  1.00 8.55  ? 30   LEU E O   1 
ATOM   1454 C CB  . LEU E 1 31 ? 15.070  -11.865 -3.051  1.00 6.19  ? 30   LEU E CB  1 
ATOM   1455 C CG  . LEU E 1 31 ? 15.417  -10.706 -2.119  1.00 8.98  ? 30   LEU E CG  1 
ATOM   1456 C CD1 . LEU E 1 31 ? 14.261  -10.448 -1.157  1.00 14.19 ? 30   LEU E CD1 1 
ATOM   1457 C CD2 . LEU E 1 31 ? 16.699  -10.993 -1.343  1.00 8.97  ? 30   LEU E CD2 1 
ATOM   1458 N N   . GLU E 1 32 ? 14.854  -13.521 -5.790  1.00 5.62  ? 31   GLU E N   1 
ATOM   1459 C CA  . GLU E 1 32 ? 14.534  -14.765 -6.481  1.00 6.61  ? 31   GLU E CA  1 
ATOM   1460 C C   . GLU E 1 32 ? 15.749  -15.282 -7.246  1.00 12.33 ? 31   GLU E C   1 
ATOM   1461 O O   . GLU E 1 32 ? 15.962  -16.500 -7.344  1.00 10.87 ? 31   GLU E O   1 
ATOM   1462 C CB  . GLU E 1 32 ? 13.341  -14.581 -7.426  1.00 9.46  ? 31   GLU E CB  1 
ATOM   1463 C CG  . GLU E 1 32 ? 12.713  -15.888 -7.885  1.00 21.45 ? 31   GLU E CG  1 
ATOM   1464 C CD  . GLU E 1 32 ? 13.406  -16.488 -9.093  1.00 33.68 ? 31   GLU E CD  1 
ATOM   1465 O OE1 . GLU E 1 32 ? 14.145  -15.753 -9.785  1.00 33.77 ? 31   GLU E OE1 1 
ATOM   1466 O OE2 . GLU E 1 32 ? 13.213  -17.697 -9.351  1.00 43.47 ? 31   GLU E OE2 1 
ATOM   1467 N N   . LYS E 1 33 ? 16.540  -14.391 -7.765  1.00 6.74  ? 32   LYS E N   1 
ATOM   1468 C CA  . LYS E 1 33 ? 17.748  -14.854 -8.452  1.00 7.02  ? 32   LYS E CA  1 
ATOM   1469 C C   . LYS E 1 33 ? 18.739  -15.552 -7.504  1.00 11.09 ? 32   LYS E C   1 
ATOM   1470 O O   . LYS E 1 33 ? 19.503  -16.426 -7.921  1.00 11.64 ? 32   LYS E O   1 
ATOM   1471 C CB  . LYS E 1 33 ? 18.427  -13.703 -9.199  1.00 14.10 ? 32   LYS E CB  1 
ATOM   1472 C CG  . LYS E 1 33 ? 17.571  -13.153 -10.336 1.00 16.66 ? 32   LYS E CG  1 
ATOM   1473 C CD  . LYS E 1 33 ? 18.256  -12.010 -11.070 1.00 33.32 ? 32   LYS E CD  1 
ATOM   1474 C CE  . LYS E 1 33 ? 17.363  -11.440 -12.174 1.00 41.34 ? 32   LYS E CE  1 
ATOM   1475 N NZ  . LYS E 1 33 ? 17.058  -12.439 -13.242 1.00 50.26 ? 32   LYS E NZ  1 
ATOM   1476 N N   . GLN E 1 34 ? 18.746  -15.153 -6.241  1.00 5.80  ? 33   GLN E N   1 
ATOM   1477 C CA  . GLN E 1 34 ? 19.706  -15.707 -5.287  1.00 8.63  ? 33   GLN E CA  1 
ATOM   1478 C C   . GLN E 1 34 ? 19.321  -17.102 -4.829  1.00 14.81 ? 33   GLN E C   1 
ATOM   1479 C CB  . GLN E 1 34 ? 19.849  -14.780 -4.082  1.00 11.18 ? 33   GLN E CB  1 
ATOM   1480 C CG  . GLN E 1 34 ? 20.423  -13.413 -4.443  1.00 14.16 ? 33   GLN E CG  1 
ATOM   1481 C CD  . GLN E 1 34 ? 20.602  -12.528 -3.232  1.00 13.22 ? 33   GLN E CD  1 
ATOM   1482 O OE1 . GLN E 1 34 ? 19.889  -12.670 -2.242  1.00 19.61 ? 33   GLN E OE1 1 
ATOM   1483 N NE2 . GLN E 1 34 ? 21.560  -11.617 -3.298  1.00 18.21 ? 33   GLN E NE2 1 
ATOM   1484 O OXT . GLN E 1 34 ? 20.135  -17.788 -4.194  1.00 10.37 ? 33   GLN E OXT 1 
HETATM 1485 O O   . HOH F 2 .  ? -10.004 23.288  6.792   1.00 18.65 ? 2001 HOH A O   1 
HETATM 1486 O O   . HOH F 2 .  ? -15.046 23.930  9.152   1.00 23.01 ? 2002 HOH A O   1 
HETATM 1487 O O   . HOH F 2 .  ? -12.859 22.375  9.867   1.00 28.92 ? 2003 HOH A O   1 
HETATM 1488 O O   . HOH F 2 .  ? -18.541 20.112  8.814   1.00 33.35 ? 2004 HOH A O   1 
HETATM 1489 O O   . HOH F 2 .  ? -10.108 13.357  11.876  1.00 37.58 ? 2005 HOH A O   1 
HETATM 1490 O O   . HOH F 2 .  ? -8.401  24.265  8.630   1.00 49.59 ? 2006 HOH A O   1 
HETATM 1491 O O   . HOH F 2 .  ? -10.745 23.687  9.384   1.00 33.31 ? 2007 HOH A O   1 
HETATM 1492 O O   . HOH F 2 .  ? -14.393 26.311  8.748   1.00 36.90 ? 2008 HOH A O   1 
HETATM 1493 O O   . HOH F 2 .  ? -20.749 20.680  9.596   1.00 26.96 ? 2009 HOH A O   1 
HETATM 1494 O O   . HOH F 2 .  ? -19.207 20.264  -2.914  1.00 32.55 ? 2010 HOH A O   1 
HETATM 1495 O O   . HOH F 2 .  ? -5.494  20.872  8.575   1.00 36.92 ? 2011 HOH A O   1 
HETATM 1496 O O   . HOH F 2 .  ? -1.342  19.969  6.068   1.00 38.52 ? 2012 HOH A O   1 
HETATM 1497 O O   . HOH F 2 .  ? -0.966  19.841  3.358   1.00 43.78 ? 2013 HOH A O   1 
HETATM 1498 O O   . HOH F 2 .  ? -1.665  10.874  10.905  1.00 25.68 ? 2014 HOH A O   1 
HETATM 1499 O O   . HOH F 2 .  ? -13.278 17.409  10.266  1.00 30.46 ? 2015 HOH A O   1 
HETATM 1500 O O   . HOH F 2 .  ? -8.797  22.688  10.923  1.00 34.21 ? 2016 HOH A O   1 
HETATM 1501 O O   . HOH F 2 .  ? -17.326 18.718  -1.702  1.00 30.74 ? 2017 HOH A O   1 
HETATM 1502 O O   . HOH F 2 .  ? -16.078 21.115  -1.406  1.00 42.81 ? 2018 HOH A O   1 
HETATM 1503 O O   . HOH F 2 .  ? -13.526 18.146  -0.701  1.00 28.42 ? 2019 HOH A O   1 
HETATM 1504 O O   . HOH F 2 .  ? -14.933 15.694  0.014   1.00 36.63 ? 2020 HOH A O   1 
HETATM 1505 O O   . HOH F 2 .  ? -19.609 16.625  4.322   1.00 16.96 ? 2021 HOH A O   1 
HETATM 1506 O O   . HOH F 2 .  ? 1.929   11.588  10.334  1.00 36.76 ? 2022 HOH A O   1 
HETATM 1507 O O   . HOH F 2 .  ? 3.294   14.014  7.261   1.00 40.21 ? 2023 HOH A O   1 
HETATM 1508 O O   . HOH F 2 .  ? 5.920   13.611  6.222   1.00 44.12 ? 2024 HOH A O   1 
HETATM 1509 O O   . HOH F 2 .  ? -7.733  26.292  5.136   1.00 23.78 ? 2025 HOH A O   1 
HETATM 1510 O O   . HOH F 2 .  ? -10.265 25.773  5.800   1.00 30.93 ? 2026 HOH A O   1 
HETATM 1511 O O   . HOH F 2 .  ? -12.168 24.304  2.400   1.00 20.25 ? 2027 HOH A O   1 
HETATM 1512 O O   . HOH F 2 .  ? -7.196  22.670  7.096   1.00 23.49 ? 2028 HOH A O   1 
HETATM 1513 O O   . HOH F 2 .  ? 6.844   11.470  6.017   1.00 33.37 ? 2029 HOH A O   1 
HETATM 1514 O O   . HOH F 2 .  ? 6.130   11.699  1.278   1.00 31.99 ? 2030 HOH A O   1 
HETATM 1515 O O   . HOH F 2 .  ? 5.089   15.544  -0.612  1.00 39.08 ? 2031 HOH A O   1 
HETATM 1516 O O   . HOH F 2 .  ? -5.218  5.335   -0.744  1.00 46.64 ? 2032 HOH A O   1 
HETATM 1517 O O   . HOH F 2 .  ? 0.990   -1.075  0.118   1.00 22.56 ? 2033 HOH A O   1 
HETATM 1518 O O   . HOH F 2 .  ? -8.552  14.228  13.310  1.00 41.67 ? 2034 HOH A O   1 
HETATM 1519 O O   . HOH F 2 .  ? -5.498  18.093  8.417   1.00 16.56 ? 2035 HOH A O   1 
HETATM 1520 O O   . HOH F 2 .  ? 11.828  5.086   8.400   1.00 34.67 ? 2036 HOH A O   1 
HETATM 1521 O O   . HOH F 2 .  ? 11.678  8.046   4.902   1.00 39.14 ? 2037 HOH A O   1 
HETATM 1522 O O   . HOH F 2 .  ? 13.817  4.205   5.237   1.00 29.12 ? 2038 HOH A O   1 
HETATM 1523 O O   . HOH F 2 .  ? 14.839  5.239   2.482   1.00 36.78 ? 2039 HOH A O   1 
HETATM 1524 O O   . HOH F 2 .  ? 13.363  4.048   -1.187  1.00 31.69 ? 2040 HOH A O   1 
HETATM 1525 O O   . HOH F 2 .  ? 6.136   10.977  -2.611  1.00 34.46 ? 2041 HOH A O   1 
HETATM 1526 O O   . HOH F 2 .  ? -1.466  16.926  4.886   1.00 19.04 ? 2042 HOH A O   1 
HETATM 1527 O O   . HOH F 2 .  ? 21.578  -2.420  2.819   1.00 33.29 ? 2043 HOH A O   1 
HETATM 1528 O O   . HOH F 2 .  ? -3.899  11.846  9.667   1.00 18.82 ? 2044 HOH A O   1 
HETATM 1529 O O   . HOH F 2 .  ? -3.390  14.102  12.767  1.00 42.12 ? 2045 HOH A O   1 
HETATM 1530 O O   . HOH F 2 .  ? 23.275  -6.601  -2.517  1.00 29.37 ? 2046 HOH A O   1 
HETATM 1531 O O   . HOH F 2 .  ? 22.323  -2.183  -1.481  1.00 29.92 ? 2047 HOH A O   1 
HETATM 1532 O O   . HOH F 2 .  ? 20.986  -0.777  -3.906  1.00 33.08 ? 2048 HOH A O   1 
HETATM 1533 O O   . HOH F 2 .  ? 24.465  -8.854  6.410   1.00 28.00 ? 2049 HOH A O   1 
HETATM 1534 O O   . HOH F 2 .  ? 23.384  -4.623  5.508   1.00 45.71 ? 2050 HOH A O   1 
HETATM 1535 O O   . HOH F 2 .  ? 16.145  -13.802 1.492   1.00 47.87 ? 2051 HOH A O   1 
HETATM 1536 O O   . HOH F 2 .  ? 22.189  -12.489 -8.360  1.00 19.18 ? 2052 HOH A O   1 
HETATM 1537 O O   . HOH F 2 .  ? 25.526  -7.920  -2.203  1.00 27.15 ? 2053 HOH A O   1 
HETATM 1538 O O   . HOH F 2 .  ? 2.683   11.598  7.930   1.00 18.76 ? 2054 HOH A O   1 
HETATM 1539 O O   . HOH F 2 .  ? 6.652   10.197  3.447   1.00 14.36 ? 2055 HOH A O   1 
HETATM 1540 O O   . HOH F 2 .  ? 0.862   15.983  5.095   1.00 30.50 ? 2056 HOH A O   1 
HETATM 1541 O O   . HOH F 2 .  ? 4.129   18.151  2.622   1.00 42.73 ? 2057 HOH A O   1 
HETATM 1542 O O   . HOH F 2 .  ? 1.554   16.235  -0.201  1.00 34.13 ? 2058 HOH A O   1 
HETATM 1543 O O   . HOH F 2 .  ? 5.064   10.434  8.083   1.00 22.10 ? 2059 HOH A O   1 
HETATM 1544 O O   . HOH F 2 .  ? 0.852   6.875   10.694  1.00 34.83 ? 2060 HOH A O   1 
HETATM 1545 O O   . HOH F 2 .  ? -3.034  3.062   -0.448  1.00 27.59 ? 2061 HOH A O   1 
HETATM 1546 O O   . HOH F 2 .  ? -0.710  0.174   1.574   1.00 32.29 ? 2062 HOH A O   1 
HETATM 1547 O O   . HOH F 2 .  ? 11.413  5.365   5.663   1.00 15.30 ? 2063 HOH A O   1 
HETATM 1548 O O   . HOH F 2 .  ? 14.284  3.008   0.963   1.00 15.95 ? 2064 HOH A O   1 
HETATM 1549 O O   . HOH F 2 .  ? 9.148   9.229   2.812   1.00 20.98 ? 2065 HOH A O   1 
HETATM 1550 O O   . HOH F 2 .  ? 8.952   10.177  -1.905  1.00 35.19 ? 2066 HOH A O   1 
HETATM 1551 O O   . HOH F 2 .  ? 13.631  9.659   2.040   1.00 43.43 ? 2067 HOH A O   1 
HETATM 1552 O O   . HOH F 2 .  ? 14.070  7.459   2.795   1.00 45.60 ? 2068 HOH A O   1 
HETATM 1553 O O   . HOH F 2 .  ? 9.741   3.662   8.920   1.00 33.85 ? 2069 HOH A O   1 
HETATM 1554 O O   . HOH F 2 .  ? 9.993   3.968   12.590  1.00 47.21 ? 2070 HOH A O   1 
HETATM 1555 O O   . HOH F 2 .  ? 4.510   -4.396  0.707   1.00 20.85 ? 2071 HOH A O   1 
HETATM 1556 O O   . HOH F 2 .  ? 7.016   -6.381  2.404   1.00 39.22 ? 2072 HOH A O   1 
HETATM 1557 O O   . HOH F 2 .  ? 19.462  -1.364  3.101   1.00 21.16 ? 2073 HOH A O   1 
HETATM 1558 O O   . HOH F 2 .  ? 21.461  -4.806  -1.536  1.00 16.74 ? 2074 HOH A O   1 
HETATM 1559 O O   . HOH F 2 .  ? 16.682  2.004   0.054   1.00 25.71 ? 2075 HOH A O   1 
HETATM 1560 O O   . HOH F 2 .  ? 20.359  1.688   -3.103  1.00 34.52 ? 2076 HOH A O   1 
HETATM 1561 O O   . HOH F 2 .  ? 22.228  -7.523  5.507   1.00 25.75 ? 2077 HOH A O   1 
HETATM 1562 O O   . HOH F 2 .  ? 20.742  -7.913  8.519   1.00 46.17 ? 2078 HOH A O   1 
HETATM 1563 O O   . HOH F 2 .  ? 18.449  -13.294 1.716   1.00 19.43 ? 2079 HOH A O   1 
HETATM 1564 O O   . HOH F 2 .  ? 20.296  -3.839  -4.106  1.00 39.89 ? 2080 HOH A O   1 
HETATM 1565 O O   . HOH F 2 .  ? 20.097  -10.943 -7.338  1.00 20.88 ? 2081 HOH A O   1 
HETATM 1566 O O   . HOH F 2 .  ? 26.573  -8.992  0.034   1.00 7.90  ? 2082 HOH A O   1 
HETATM 1567 O O   . HOH F 2 .  ? 23.636  -2.623  4.387   1.00 38.82 ? 2083 HOH A O   1 
HETATM 1568 O O   . HOH F 2 .  ? 24.705  -0.103  1.592   1.00 33.78 ? 2084 HOH A O   1 
HETATM 1569 O O   . HOH F 2 .  ? 27.085  -1.327  -0.783  1.00 16.41 ? 2085 HOH A O   1 
HETATM 1570 O O   . HOH F 2 .  ? 18.790  -14.213 4.288   1.00 26.06 ? 2086 HOH A O   1 
HETATM 1571 O O   . HOH F 2 .  ? 21.349  -10.258 10.635  1.00 25.85 ? 2087 HOH A O   1 
HETATM 1572 O O   . HOH F 2 .  ? 23.686  -10.461 8.762   1.00 28.26 ? 2088 HOH A O   1 
HETATM 1573 O O   . HOH G 2 .  ? -20.708 13.398  9.080   1.00 14.25 ? 2001 HOH B O   1 
HETATM 1574 O O   . HOH G 2 .  ? -26.223 12.261  2.008   1.00 19.72 ? 2002 HOH B O   1 
HETATM 1575 O O   . HOH G 2 .  ? -21.332 15.511  10.324  1.00 38.03 ? 2003 HOH B O   1 
HETATM 1576 O O   . HOH G 2 .  ? -18.351 9.533   11.292  1.00 32.06 ? 2004 HOH B O   1 
HETATM 1577 O O   . HOH G 2 .  ? -13.135 8.396   13.060  1.00 30.73 ? 2005 HOH B O   1 
HETATM 1578 O O   . HOH G 2 .  ? -11.057 10.933  12.179  1.00 31.97 ? 2006 HOH B O   1 
HETATM 1579 O O   . HOH G 2 .  ? -13.022 -0.241  8.571   1.00 31.57 ? 2007 HOH B O   1 
HETATM 1580 O O   . HOH G 2 .  ? -18.013 -1.160  8.233   1.00 35.54 ? 2008 HOH B O   1 
HETATM 1581 O O   . HOH G 2 .  ? -20.819 15.322  -2.602  1.00 41.40 ? 2009 HOH B O   1 
HETATM 1582 O O   . HOH G 2 .  ? -6.347  0.004   12.537  1.00 24.06 ? 2010 HOH B O   1 
HETATM 1583 O O   . HOH G 2 .  ? -8.653  3.482   13.559  1.00 40.58 ? 2011 HOH B O   1 
HETATM 1584 O O   . HOH G 2 .  ? -16.966 15.600  10.289  1.00 34.19 ? 2012 HOH B O   1 
HETATM 1585 O O   . HOH G 2 .  ? -21.328 18.597  8.439   1.00 27.45 ? 2013 HOH B O   1 
HETATM 1586 O O   . HOH G 2 .  ? -4.346  1.188   13.993  1.00 32.53 ? 2014 HOH B O   1 
HETATM 1587 O O   . HOH G 2 .  ? -1.822  5.172   12.070  1.00 28.53 ? 2015 HOH B O   1 
HETATM 1588 O O   . HOH G 2 .  ? -2.880  9.209   12.961  1.00 44.85 ? 2016 HOH B O   1 
HETATM 1589 O O   . HOH G 2 .  ? -9.869  -3.376  8.008   1.00 39.02 ? 2017 HOH B O   1 
HETATM 1590 O O   . HOH G 2 .  ? -11.189 -4.855  5.472   1.00 34.40 ? 2018 HOH B O   1 
HETATM 1591 O O   . HOH G 2 .  ? -2.098  4.421   15.605  1.00 50.24 ? 2019 HOH B O   1 
HETATM 1592 O O   . HOH G 2 .  ? -16.896 7.839   9.979   1.00 16.33 ? 2020 HOH B O   1 
HETATM 1593 O O   . HOH G 2 .  ? -21.737 2.763   5.713   1.00 22.12 ? 2021 HOH B O   1 
HETATM 1594 O O   . HOH G 2 .  ? -19.300 2.236   5.436   1.00 30.77 ? 2022 HOH B O   1 
HETATM 1595 O O   . HOH G 2 .  ? -1.115  -6.783  12.302  1.00 34.00 ? 2023 HOH B O   1 
HETATM 1596 O O   . HOH G 2 .  ? 7.572   -0.045  11.913  1.00 34.33 ? 2024 HOH B O   1 
HETATM 1597 O O   . HOH G 2 .  ? -2.361  -10.092 9.523   1.00 26.04 ? 2025 HOH B O   1 
HETATM 1598 O O   . HOH G 2 .  ? -4.414  -8.812  10.645  1.00 34.68 ? 2026 HOH B O   1 
HETATM 1599 O O   . HOH G 2 .  ? -11.376 8.333   11.170  1.00 18.40 ? 2027 HOH B O   1 
HETATM 1600 O O   . HOH G 2 .  ? -18.552 12.366  10.554  1.00 27.57 ? 2028 HOH B O   1 
HETATM 1601 O O   . HOH G 2 .  ? -17.279 12.162  14.171  1.00 47.75 ? 2029 HOH B O   1 
HETATM 1602 O O   . HOH G 2 .  ? -13.623 2.086   7.643   1.00 17.41 ? 2030 HOH B O   1 
HETATM 1603 O O   . HOH G 2 .  ? -17.379 1.506   6.903   1.00 29.10 ? 2031 HOH B O   1 
HETATM 1604 O O   . HOH G 2 .  ? 14.574  -14.816 3.099   1.00 34.88 ? 2032 HOH B O   1 
HETATM 1605 O O   . HOH G 2 .  ? -8.251  1.566   11.659  1.00 14.75 ? 2033 HOH B O   1 
HETATM 1606 O O   . HOH G 2 .  ? -15.340 8.023   12.539  1.00 32.54 ? 2034 HOH B O   1 
HETATM 1607 O O   . HOH G 2 .  ? -15.328 2.431   13.359  1.00 28.19 ? 2035 HOH B O   1 
HETATM 1608 O O   . HOH G 2 .  ? -10.246 -1.165  9.121   1.00 32.71 ? 2036 HOH B O   1 
HETATM 1609 O O   . HOH G 2 .  ? -2.317  2.393   12.392  1.00 19.68 ? 2037 HOH B O   1 
HETATM 1610 O O   . HOH G 2 .  ? -8.917  5.805   13.976  1.00 39.60 ? 2038 HOH B O   1 
HETATM 1611 O O   . HOH G 2 .  ? -9.294  7.236   12.002  1.00 29.00 ? 2039 HOH B O   1 
HETATM 1612 O O   . HOH G 2 .  ? -5.198  10.356  11.581  1.00 42.80 ? 2040 HOH B O   1 
HETATM 1613 O O   . HOH G 2 .  ? -6.344  -2.534  12.182  1.00 35.28 ? 2041 HOH B O   1 
HETATM 1614 O O   . HOH G 2 .  ? -9.641  -6.110  8.474   1.00 40.89 ? 2042 HOH B O   1 
HETATM 1615 O O   . HOH G 2 .  ? 1.378   -3.812  13.348  1.00 16.03 ? 2043 HOH B O   1 
HETATM 1616 O O   . HOH G 2 .  ? -0.348  -5.400  14.315  1.00 31.74 ? 2044 HOH B O   1 
HETATM 1617 O O   . HOH G 2 .  ? 7.308   -2.586  12.473  1.00 17.39 ? 2045 HOH B O   1 
HETATM 1618 O O   . HOH G 2 .  ? -0.182  1.634   13.390  1.00 21.87 ? 2046 HOH B O   1 
HETATM 1619 O O   . HOH G 2 .  ? 4.260   2.461   15.566  1.00 43.01 ? 2047 HOH B O   1 
HETATM 1620 O O   . HOH G 2 .  ? -0.336  -8.641  11.154  1.00 28.98 ? 2048 HOH B O   1 
HETATM 1621 O O   . HOH G 2 .  ? 10.851  -8.612  14.158  1.00 19.31 ? 2049 HOH B O   1 
HETATM 1622 O O   . HOH G 2 .  ? 3.522   -5.052  14.089  1.00 24.78 ? 2050 HOH B O   1 
HETATM 1623 O O   . HOH G 2 .  ? 5.303   -3.687  14.696  1.00 38.03 ? 2051 HOH B O   1 
HETATM 1624 O O   . HOH G 2 .  ? 16.723  -7.819  12.221  1.00 36.68 ? 2052 HOH B O   1 
HETATM 1625 O O   . HOH G 2 .  ? 9.739   -3.402  13.298  1.00 26.76 ? 2053 HOH B O   1 
HETATM 1626 O O   . HOH G 2 .  ? 14.486  -14.208 13.023  1.00 30.27 ? 2054 HOH B O   1 
HETATM 1627 O O   . HOH G 2 .  ? 16.541  -14.795 5.639   1.00 17.30 ? 2055 HOH B O   1 
HETATM 1628 O O   . HOH G 2 .  ? 13.232  -9.493  14.736  1.00 31.60 ? 2056 HOH B O   1 
HETATM 1629 O O   . HOH G 2 .  ? 15.560  -17.216 6.086   1.00 21.95 ? 2057 HOH B O   1 
HETATM 1630 O O   . HOH G 2 .  ? 12.785  -15.498 12.996  1.00 37.72 ? 2058 HOH B O   1 
HETATM 1631 O O   . HOH G 2 .  ? 22.249  -15.248 7.550   1.00 16.54 ? 2059 HOH B O   1 
HETATM 1632 O O   . HOH H 2 .  ? -21.905 13.194  -3.508  1.00 22.66 ? 2001 HOH C O   1 
HETATM 1633 O O   . HOH H 2 .  ? -25.361 8.199   -4.814  1.00 24.37 ? 2002 HOH C O   1 
HETATM 1634 O O   . HOH H 2 .  ? -24.150 8.661   -9.501  1.00 25.91 ? 2003 HOH C O   1 
HETATM 1635 O O   . HOH H 2 .  ? -22.870 13.183  -11.224 1.00 21.62 ? 2004 HOH C O   1 
HETATM 1636 O O   . HOH H 2 .  ? -25.754 8.714   -7.343  1.00 32.42 ? 2005 HOH C O   1 
HETATM 1637 O O   . HOH H 2 .  ? -27.249 10.260  -10.360 1.00 30.26 ? 2006 HOH C O   1 
HETATM 1638 O O   . HOH H 2 .  ? -23.614 15.149  -12.868 1.00 33.81 ? 2007 HOH C O   1 
HETATM 1639 O O   . HOH H 2 .  ? -16.854 -1.235  1.430   1.00 32.52 ? 2008 HOH C O   1 
HETATM 1640 O O   . HOH H 2 .  ? -20.498 0.248   -0.058  1.00 39.87 ? 2009 HOH C O   1 
HETATM 1641 O O   . HOH H 2 .  ? -14.083 -2.965  -6.316  1.00 21.98 ? 2010 HOH C O   1 
HETATM 1642 O O   . HOH H 2 .  ? -18.070 16.545  -9.582  1.00 8.13  ? 2011 HOH C O   1 
HETATM 1643 O O   . HOH H 2 .  ? -15.916 -4.896  -0.220  1.00 34.26 ? 2012 HOH C O   1 
HETATM 1644 O O   . HOH H 2 .  ? -18.622 -4.647  -1.118  1.00 42.89 ? 2013 HOH C O   1 
HETATM 1645 O O   . HOH H 2 .  ? -24.522 7.464   -0.488  1.00 16.74 ? 2014 HOH C O   1 
HETATM 1646 O O   . HOH H 2 .  ? -27.305 11.734  -1.116  1.00 20.65 ? 2015 HOH C O   1 
HETATM 1647 O O   . HOH H 2 .  ? -12.321 -7.845  2.028   1.00 31.89 ? 2016 HOH C O   1 
HETATM 1648 O O   . HOH H 2 .  ? -12.347 -4.440  -4.932  1.00 35.85 ? 2017 HOH C O   1 
HETATM 1649 O O   . HOH H 2 .  ? -20.498 2.772   -4.300  1.00 15.45 ? 2018 HOH C O   1 
HETATM 1650 O O   . HOH H 2 .  ? -21.065 -0.457  -7.713  1.00 35.14 ? 2019 HOH C O   1 
HETATM 1651 O O   . HOH H 2 .  ? -8.697  -11.081 4.460   1.00 35.30 ? 2020 HOH C O   1 
HETATM 1652 O O   . HOH H 2 .  ? -6.824  -13.058 5.844   1.00 43.28 ? 2021 HOH C O   1 
HETATM 1653 O O   . HOH H 2 .  ? -4.736  -13.258 7.770   1.00 25.56 ? 2022 HOH C O   1 
HETATM 1654 O O   . HOH H 2 .  ? -5.609  -11.071 10.114  1.00 34.40 ? 2023 HOH C O   1 
HETATM 1655 O O   . HOH H 2 .  ? -5.889  -12.360 -5.329  1.00 31.03 ? 2024 HOH C O   1 
HETATM 1656 O O   . HOH H 2 .  ? -17.974 0.705   0.408   1.00 22.67 ? 2025 HOH C O   1 
HETATM 1657 O O   . HOH H 2 .  ? -24.098 2.855   -0.678  1.00 11.44 ? 2026 HOH C O   1 
HETATM 1658 O O   . HOH H 2 .  ? 2.209   -19.025 9.802   1.00 27.01 ? 2027 HOH C O   1 
HETATM 1659 O O   . HOH H 2 .  ? -14.752 -0.292  -6.279  1.00 18.61 ? 2028 HOH C O   1 
HETATM 1660 O O   . HOH H 2 .  ? -18.224 -1.967  -6.947  1.00 34.24 ? 2029 HOH C O   1 
HETATM 1661 O O   . HOH H 2 .  ? 4.221   -18.397 11.678  1.00 27.06 ? 2030 HOH C O   1 
HETATM 1662 O O   . HOH H 2 .  ? 3.358   -16.781 13.582  1.00 33.29 ? 2031 HOH C O   1 
HETATM 1663 O O   . HOH H 2 .  ? 0.218   -17.346 11.608  1.00 34.93 ? 2032 HOH C O   1 
HETATM 1664 O O   . HOH H 2 .  ? 0.302   -18.595 3.520   1.00 20.08 ? 2033 HOH C O   1 
HETATM 1665 O O   . HOH H 2 .  ? 6.109   -20.670 13.225  0.50 38.61 ? 2034 HOH C O   1 
HETATM 1666 O O   . HOH H 2 .  ? -13.572 -4.850  -1.414  1.00 17.18 ? 2035 HOH C O   1 
HETATM 1667 O O   . HOH H 2 .  ? -19.625 -3.803  -5.003  1.00 39.75 ? 2036 HOH C O   1 
HETATM 1668 O O   . HOH H 2 .  ? -10.562 -6.380  3.584   1.00 17.11 ? 2037 HOH C O   1 
HETATM 1669 O O   . HOH H 2 .  ? -15.206 0.721   5.877   1.00 31.45 ? 2038 HOH C O   1 
HETATM 1670 O O   . HOH H 2 .  ? -17.028 -3.391  1.184   1.00 34.40 ? 2039 HOH C O   1 
HETATM 1671 O O   . HOH H 2 .  ? -12.309 -7.089  -0.632  1.00 25.77 ? 2040 HOH C O   1 
HETATM 1672 O O   . HOH H 2 .  ? -10.246 -5.607  -5.707  1.00 34.04 ? 2041 HOH C O   1 
HETATM 1673 O O   . HOH H 2 .  ? -7.815  -11.291 -2.349  1.00 39.85 ? 2042 HOH C O   1 
HETATM 1674 O O   . HOH H 2 .  ? -6.269  -11.992 3.112   1.00 18.65 ? 2043 HOH C O   1 
HETATM 1675 O O   . HOH H 2 .  ? -4.563  -13.842 4.316   1.00 24.00 ? 2044 HOH C O   1 
HETATM 1676 O O   . HOH H 2 .  ? -2.174  -12.148 7.687   1.00 14.73 ? 2045 HOH C O   1 
HETATM 1677 O O   . HOH H 2 .  ? -8.161  -10.430 9.080   1.00 45.00 ? 2046 HOH C O   1 
HETATM 1678 O O   . HOH H 2 .  ? -9.413  -8.416  5.078   1.00 15.58 ? 2047 HOH C O   1 
HETATM 1679 O O   . HOH H 2 .  ? -9.014  -11.754 7.174   1.00 37.25 ? 2048 HOH C O   1 
HETATM 1680 O O   . HOH H 2 .  ? -1.443  -16.126 1.065   1.00 27.40 ? 2049 HOH C O   1 
HETATM 1681 O O   . HOH H 2 .  ? -2.925  -15.927 -1.478  1.00 31.58 ? 2050 HOH C O   1 
HETATM 1682 O O   . HOH H 2 .  ? -3.401  -12.877 -4.688  1.00 27.15 ? 2051 HOH C O   1 
HETATM 1683 O O   . HOH H 2 .  ? -6.961  -13.910 0.830   1.00 31.48 ? 2052 HOH C O   1 
HETATM 1684 O O   . HOH H 2 .  ? 5.633   -7.966  1.306   1.00 36.19 ? 2053 HOH C O   1 
HETATM 1685 O O   . HOH H 2 .  ? 1.684   -18.289 7.162   1.00 20.60 ? 2054 HOH C O   1 
HETATM 1686 O O   . HOH H 2 .  ? 6.463   -17.878 10.608  1.00 24.22 ? 2055 HOH C O   1 
HETATM 1687 O O   . HOH H 2 .  ? 0.608   -15.536 13.119  1.00 40.70 ? 2056 HOH C O   1 
HETATM 1688 O O   . HOH H 2 .  ? -0.687  -13.871 9.371   1.00 20.08 ? 2057 HOH C O   1 
HETATM 1689 O O   . HOH H 2 .  ? 7.350   -23.257 3.179   1.00 15.59 ? 2058 HOH C O   1 
HETATM 1690 O O   . HOH H 2 .  ? 0.946   -19.995 5.571   1.00 21.55 ? 2059 HOH C O   1 
HETATM 1691 O O   . HOH H 2 .  ? 13.461  -17.840 4.353   1.00 17.65 ? 2060 HOH C O   1 
HETATM 1692 O O   . HOH H 2 .  ? 10.762  -19.936 12.163  1.00 22.04 ? 2061 HOH C O   1 
HETATM 1693 O O   . HOH H 2 .  ? 8.344   -20.110 12.604  1.00 29.15 ? 2062 HOH C O   1 
HETATM 1694 O O   . HOH H 2 .  ? 12.285  -19.317 13.952  1.00 47.07 ? 2063 HOH C O   1 
HETATM 1695 O O   . HOH H 2 .  ? 1.508   -21.326 9.946   1.00 35.70 ? 2064 HOH C O   1 
HETATM 1696 O O   . HOH H 2 .  ? 13.466  -19.437 2.149   1.00 19.62 ? 2065 HOH C O   1 
HETATM 1697 O O   . HOH I 2 .  ? -16.682 14.433  -14.429 1.00 14.03 ? 2001 HOH D O   1 
HETATM 1698 O O   . HOH I 2 .  ? -15.977 20.121  -15.042 1.00 22.84 ? 2002 HOH D O   1 
HETATM 1699 O O   . HOH I 2 .  ? -11.623 18.566  -14.344 1.00 41.83 ? 2003 HOH D O   1 
HETATM 1700 O O   . HOH I 2 .  ? -13.914 17.847  -15.408 1.00 40.61 ? 2004 HOH D O   1 
HETATM 1701 O O   . HOH I 2 .  ? -15.998 11.798  -14.845 1.00 23.89 ? 2005 HOH D O   1 
HETATM 1702 O O   . HOH I 2 .  ? -15.402 15.878  -16.342 1.00 31.29 ? 2006 HOH D O   1 
HETATM 1703 O O   . HOH I 2 .  ? -19.262 14.717  -15.160 1.00 35.62 ? 2007 HOH D O   1 
HETATM 1704 O O   . HOH I 2 .  ? -18.110 19.404  -16.277 1.00 33.94 ? 2008 HOH D O   1 
HETATM 1705 O O   . HOH I 2 .  ? -11.283 16.916  -16.258 1.00 45.04 ? 2009 HOH D O   1 
HETATM 1706 O O   . HOH I 2 .  ? -20.923 12.926  -15.286 1.00 41.73 ? 2010 HOH D O   1 
HETATM 1707 O O   . HOH I 2 .  ? -13.570 10.053  -16.025 1.00 38.89 ? 2011 HOH D O   1 
HETATM 1708 O O   . HOH I 2 .  ? -13.060 5.434   -14.979 1.00 30.28 ? 2012 HOH D O   1 
HETATM 1709 O O   . HOH I 2 .  ? -14.957 4.482   -12.282 1.00 34.34 ? 2013 HOH D O   1 
HETATM 1710 O O   . HOH I 2 .  ? -3.737  6.075   -14.047 1.00 23.59 ? 2014 HOH D O   1 
HETATM 1711 O O   . HOH I 2 .  ? -10.382 10.806  -1.298  1.00 35.80 ? 2015 HOH D O   1 
HETATM 1712 O O   . HOH I 2 .  ? -13.543 19.574  -7.256  1.00 35.88 ? 2016 HOH D O   1 
HETATM 1713 O O   . HOH I 2 .  ? -13.577 14.333  -2.136  1.00 33.74 ? 2017 HOH D O   1 
HETATM 1714 O O   . HOH I 2 .  ? -13.662 16.586  -2.252  1.00 49.94 ? 2018 HOH D O   1 
HETATM 1715 O O   . HOH I 2 .  ? -8.728  1.134   -13.677 1.00 37.93 ? 2019 HOH D O   1 
HETATM 1716 O O   . HOH I 2 .  ? -21.128 15.872  -13.265 1.00 25.06 ? 2020 HOH D O   1 
HETATM 1717 O O   . HOH I 2 .  ? -19.171 10.923  -12.684 1.00 34.55 ? 2021 HOH D O   1 
HETATM 1718 O O   . HOH I 2 .  ? -8.921  -4.312  -9.045  1.00 28.02 ? 2022 HOH D O   1 
HETATM 1719 O O   . HOH I 2 .  ? -6.104  -3.487  -13.070 1.00 32.84 ? 2023 HOH D O   1 
HETATM 1720 O O   . HOH I 2 .  ? -13.259 -3.034  -9.168  1.00 39.94 ? 2024 HOH D O   1 
HETATM 1721 O O   . HOH I 2 .  ? -8.507  -2.412  -13.986 1.00 31.37 ? 2025 HOH D O   1 
HETATM 1722 O O   . HOH I 2 .  ? -11.423 9.923   -14.516 1.00 15.95 ? 2026 HOH D O   1 
HETATM 1723 O O   . HOH I 2 .  ? -3.183  -9.515  -11.958 1.00 36.67 ? 2027 HOH D O   1 
HETATM 1724 O O   . HOH I 2 .  ? 0.170   -11.122 -10.562 1.00 30.89 ? 2028 HOH D O   1 
HETATM 1725 O O   . HOH I 2 .  ? 0.488   -8.066  -13.189 1.00 36.12 ? 2029 HOH D O   1 
HETATM 1726 O O   . HOH I 2 .  ? -3.000  -13.025 -8.770  1.00 29.91 ? 2030 HOH D O   1 
HETATM 1727 O O   . HOH I 2 .  ? -5.570  -12.914 -8.154  1.00 35.19 ? 2031 HOH D O   1 
HETATM 1728 O O   . HOH I 2 .  ? -5.282  -10.933 -11.439 1.00 44.59 ? 2032 HOH D O   1 
HETATM 1729 O O   . HOH I 2 .  ? 4.784   -2.849  -13.519 1.00 35.44 ? 2033 HOH D O   1 
HETATM 1730 O O   . HOH I 2 .  ? -12.209 4.770   -12.473 1.00 15.65 ? 2034 HOH D O   1 
HETATM 1731 O O   . HOH I 2 .  ? -16.669 5.277   -15.070 1.00 46.76 ? 2035 HOH D O   1 
HETATM 1732 O O   . HOH I 2 .  ? -5.382  7.890   -12.664 1.00 14.91 ? 2036 HOH D O   1 
HETATM 1733 O O   . HOH I 2 .  ? -0.098  -17.443 -7.697  1.00 35.58 ? 2037 HOH D O   1 
HETATM 1734 O O   . HOH I 2 .  ? 14.462  -15.466 0.098   1.00 37.58 ? 2038 HOH D O   1 
HETATM 1735 O O   . HOH I 2 .  ? -5.659  1.067   -13.178 1.00 14.31 ? 2039 HOH D O   1 
HETATM 1736 O O   . HOH I 2 .  ? -2.578  3.737   -13.190 1.00 26.92 ? 2040 HOH D O   1 
HETATM 1737 O O   . HOH I 2 .  ? -6.598  -4.093  -10.317 1.00 14.91 ? 2041 HOH D O   1 
HETATM 1738 O O   . HOH I 2 .  ? -14.029 -0.337  -9.182  1.00 36.79 ? 2042 HOH D O   1 
HETATM 1739 O O   . HOH I 2 .  ? -11.229 2.358   -12.440 1.00 25.73 ? 2043 HOH D O   1 
HETATM 1740 O O   . HOH I 2 .  ? -11.762 -2.185  -13.147 1.00 48.19 ? 2044 HOH D O   1 
HETATM 1741 O O   . HOH I 2 .  ? -4.406  -1.285  -13.380 1.00 23.04 ? 2045 HOH D O   1 
HETATM 1742 O O   . HOH I 2 .  ? -0.969  -8.628  -10.903 1.00 19.37 ? 2046 HOH D O   1 
HETATM 1743 O O   . HOH I 2 .  ? -0.151  -6.983  -16.575 1.00 50.46 ? 2047 HOH D O   1 
HETATM 1744 O O   . HOH I 2 .  ? -1.218  -12.937 -6.500  1.00 13.23 ? 2048 HOH D O   1 
HETATM 1745 O O   . HOH I 2 .  ? -6.882  -11.347 -9.842  1.00 36.20 ? 2049 HOH D O   1 
HETATM 1746 O O   . HOH I 2 .  ? -6.013  -6.842  -10.145 1.00 19.46 ? 2050 HOH D O   1 
HETATM 1747 O O   . HOH I 2 .  ? 6.220   -4.043  -11.672 1.00 29.28 ? 2051 HOH D O   1 
HETATM 1748 O O   . HOH I 2 .  ? 2.091   -6.043  -12.223 1.00 32.15 ? 2052 HOH D O   1 
HETATM 1749 O O   . HOH I 2 .  ? 7.103   -6.755  -13.480 1.00 43.04 ? 2053 HOH D O   1 
HETATM 1750 O O   . HOH I 2 .  ? 4.565   -10.169 -14.532 1.00 44.83 ? 2054 HOH D O   1 
HETATM 1751 O O   . HOH I 2 .  ? 6.917   -7.286  -0.787  1.00 38.14 ? 2055 HOH D O   1 
HETATM 1752 O O   . HOH I 2 .  ? 4.226   -17.689 -7.711  1.00 17.55 ? 2056 HOH D O   1 
HETATM 1753 O O   . HOH I 2 .  ? 4.893   -17.335 -10.623 1.00 35.90 ? 2057 HOH D O   1 
HETATM 1754 O O   . HOH I 2 .  ? 5.745   -14.082 -10.464 1.00 36.35 ? 2058 HOH D O   1 
HETATM 1755 O O   . HOH I 2 .  ? 10.631  -13.453 -11.413 1.00 33.20 ? 2059 HOH D O   1 
HETATM 1756 O O   . HOH I 2 .  ? -0.768  -15.562 -6.065  1.00 20.06 ? 2060 HOH D O   1 
HETATM 1757 O O   . HOH I 2 .  ? 10.977  -19.912 -7.529  1.00 20.32 ? 2061 HOH D O   1 
HETATM 1758 O O   . HOH I 2 .  ? 5.448   -20.301 -7.381  1.00 27.25 ? 2062 HOH D O   1 
HETATM 1759 O O   . HOH I 2 .  ? 9.238   -16.246 -9.894  1.00 41.69 ? 2063 HOH D O   1 
HETATM 1760 O O   . HOH I 2 .  ? 13.540  -18.269 -0.349  1.00 17.48 ? 2064 HOH D O   1 
HETATM 1761 O O   . HOH I 2 .  ? 15.519  -18.060 -1.994  1.00 24.00 ? 2065 HOH D O   1 
HETATM 1762 O O   . HOH I 2 .  ? 15.767  -18.197 -9.959  1.00 35.72 ? 2066 HOH D O   1 
HETATM 1763 O O   . HOH J 2 .  ? -7.381  26.460  -5.407  0.50 13.45 ? 2001 HOH E O   1 
HETATM 1764 O O   . HOH J 2 .  ? -7.888  23.767  -8.316  1.00 8.91  ? 2002 HOH E O   1 
HETATM 1765 O O   . HOH J 2 .  ? -3.503  14.969  -11.700 1.00 35.04 ? 2003 HOH E O   1 
HETATM 1766 O O   . HOH J 2 .  ? -0.873  17.360  -10.497 1.00 28.55 ? 2004 HOH E O   1 
HETATM 1767 O O   . HOH J 2 .  ? 3.799   14.644  -3.228  1.00 18.42 ? 2005 HOH E O   1 
HETATM 1768 O O   . HOH J 2 .  ? 5.274   19.069  -2.892  1.00 41.44 ? 2006 HOH E O   1 
HETATM 1769 O O   . HOH J 2 .  ? 5.081   15.993  -5.301  1.00 39.84 ? 2007 HOH E O   1 
HETATM 1770 O O   . HOH J 2 .  ? 3.261   12.684  -9.917  1.00 30.37 ? 2008 HOH E O   1 
HETATM 1771 O O   . HOH J 2 .  ? -8.846  18.515  -12.940 1.00 26.98 ? 2009 HOH E O   1 
HETATM 1772 O O   . HOH J 2 .  ? -12.689 22.153  -6.412  1.00 8.76  ? 2010 HOH E O   1 
HETATM 1773 O O   . HOH J 2 .  ? -11.924 22.914  -9.241  1.00 17.20 ? 2011 HOH E O   1 
HETATM 1774 O O   . HOH J 2 .  ? 1.883   5.963   -11.900 1.00 35.42 ? 2012 HOH E O   1 
HETATM 1775 O O   . HOH J 2 .  ? 5.744   8.467   -10.616 1.00 35.02 ? 2013 HOH E O   1 
HETATM 1776 O O   . HOH J 2 .  ? 12.785  6.494   -2.471  1.00 35.19 ? 2014 HOH E O   1 
HETATM 1777 O O   . HOH J 2 .  ? -2.229  19.584  -6.694  1.00 11.42 ? 2015 HOH E O   1 
HETATM 1778 O O   . HOH J 2 .  ? -0.089  21.409  -0.464  1.00 22.22 ? 2016 HOH E O   1 
HETATM 1779 O O   . HOH J 2 .  ? 8.272   3.533   -11.577 1.00 31.73 ? 2017 HOH E O   1 
HETATM 1780 O O   . HOH J 2 .  ? 6.634   -1.845  -14.883 1.00 39.44 ? 2018 HOH E O   1 
HETATM 1781 O O   . HOH J 2 .  ? -0.266  3.335   -12.354 1.00 37.88 ? 2019 HOH E O   1 
HETATM 1782 O O   . HOH J 2 .  ? 7.492   7.153   -12.934 1.00 43.29 ? 2020 HOH E O   1 
HETATM 1783 O O   . HOH J 2 .  ? -1.855  14.966  -9.574  1.00 17.70 ? 2021 HOH E O   1 
HETATM 1784 O O   . HOH J 2 .  ? -5.474  22.450  -9.163  1.00 17.40 ? 2022 HOH E O   1 
HETATM 1785 O O   . HOH J 2 .  ? -2.596  21.322  -11.871 1.00 37.42 ? 2023 HOH E O   1 
HETATM 1786 O O   . HOH J 2 .  ? 17.317  -8.611  -10.662 1.00 42.35 ? 2024 HOH E O   1 
HETATM 1787 O O   . HOH J 2 .  ? 1.258   15.489  -2.766  1.00 11.41 ? 2025 HOH E O   1 
HETATM 1788 O O   . HOH J 2 .  ? 1.053   19.039  -0.701  1.00 22.60 ? 2026 HOH E O   1 
HETATM 1789 O O   . HOH J 2 .  ? 3.142   18.844  -4.174  1.00 18.31 ? 2027 HOH E O   1 
HETATM 1790 O O   . HOH J 2 .  ? 4.345   11.499  -7.396  1.00 13.85 ? 2028 HOH E O   1 
HETATM 1791 O O   . HOH J 2 .  ? 4.909   12.176  -3.456  1.00 24.09 ? 2029 HOH E O   1 
HETATM 1792 O O   . HOH J 2 .  ? 3.912   18.345  -10.272 1.00 36.12 ? 2030 HOH E O   1 
HETATM 1793 O O   . HOH J 2 .  ? 4.154   6.059   -10.429 1.00 15.97 ? 2031 HOH E O   1 
HETATM 1794 O O   . HOH J 2 .  ? -0.185  13.297  -10.548 1.00 28.36 ? 2032 HOH E O   1 
HETATM 1795 O O   . HOH J 2 .  ? -3.206  9.375   -13.262 1.00 37.43 ? 2033 HOH E O   1 
HETATM 1796 O O   . HOH J 2 .  ? 2.244   8.771   -14.557 1.00 42.23 ? 2034 HOH E O   1 
HETATM 1797 O O   . HOH J 2 .  ? 6.202   9.710   -8.124  1.00 26.46 ? 2035 HOH E O   1 
HETATM 1798 O O   . HOH J 2 .  ? 10.949  6.845   -4.964  1.00 33.91 ? 2036 HOH E O   1 
HETATM 1799 O O   . HOH J 2 .  ? 9.909   2.258   -9.352  1.00 15.23 ? 2037 HOH E O   1 
HETATM 1800 O O   . HOH J 2 .  ? 11.986  3.830   -8.528  1.00 29.59 ? 2038 HOH E O   1 
HETATM 1801 O O   . HOH J 2 .  ? 8.905   -3.659  -10.935 1.00 21.69 ? 2039 HOH E O   1 
HETATM 1802 O O   . HOH J 2 .  ? 5.583   4.312   -11.565 1.00 23.80 ? 2040 HOH E O   1 
HETATM 1803 O O   . HOH J 2 .  ? 6.485   0.806   -15.055 1.00 34.41 ? 2041 HOH E O   1 
HETATM 1804 O O   . HOH J 2 .  ? 1.810   1.807   -13.994 1.00 44.19 ? 2042 HOH E O   1 
HETATM 1805 O O   . HOH J 2 .  ? 11.576  4.050   -5.879  1.00 31.83 ? 2043 HOH E O   1 
HETATM 1806 O O   . HOH J 2 .  ? 7.906   -5.833  0.500   1.00 45.43 ? 2044 HOH E O   1 
HETATM 1807 O O   . HOH J 2 .  ? 15.149  -7.094  -10.368 1.00 19.91 ? 2045 HOH E O   1 
HETATM 1808 O O   . HOH J 2 .  ? 11.291  0.080   -10.612 1.00 29.38 ? 2046 HOH E O   1 
HETATM 1809 O O   . HOH J 2 .  ? 9.335   -1.563  -12.721 1.00 36.84 ? 2047 HOH E O   1 
HETATM 1810 O O   . HOH J 2 .  ? 15.552  -0.959  -12.639 0.50 44.70 ? 2048 HOH E O   1 
HETATM 1811 O O   . HOH J 2 .  ? 16.234  -3.334  -7.789  1.00 38.55 ? 2049 HOH E O   1 
HETATM 1812 O O   . HOH J 2 .  ? 13.997  -13.201 -10.664 1.00 21.69 ? 2050 HOH E O   1 
HETATM 1813 O O   . HOH J 2 .  ? 9.913   -5.853  -12.166 1.00 26.97 ? 2051 HOH E O   1 
HETATM 1814 O O   . HOH J 2 .  ? 19.532  -9.363  -9.316  1.00 28.31 ? 2052 HOH E O   1 
HETATM 1815 O O   . HOH J 2 .  ? 16.762  -15.622 -1.843  1.00 19.91 ? 2053 HOH E O   1 
HETATM 1816 O O   . HOH J 2 .  ? 14.938  -15.651 -12.173 1.00 38.84 ? 2054 HOH E O   1 
HETATM 1817 O O   . HOH J 2 .  ? 18.711  -14.566 -0.618  1.00 24.37 ? 2055 HOH E O   1 
HETATM 1818 O O   . HOH J 2 .  ? 23.981  -11.497 -5.187  1.00 16.51 ? 2056 HOH E O   1 
HETATM 1819 O O   . HOH J 2 .  ? -8.599  8.754   -1.018  1.00 33.00 ? 2057 HOH E O   1 
HETATM 1820 O O   . HOH J 2 .  ? -6.896  7.179   -1.063  1.00 35.25 ? 2058 HOH E O   1 
HETATM 1821 O O   . HOH J 2 .  ? -3.463  17.070  -16.140 1.00 57.99 ? 2059 HOH E O   1 
# 
